data_1P3H
#
_entry.id   1P3H
#
_cell.length_a   76.460
_cell.length_b   87.930
_cell.length_c   124.390
_cell.angle_alpha   90.00
_cell.angle_beta   106.78
_cell.angle_gamma   90.00
#
_symmetry.space_group_name_H-M   'P 1 21 1'
#
loop_
_entity.id
_entity.type
_entity.pdbx_description
1 polymer '10 kDa chaperonin'
2 non-polymer 'CALCIUM ION'
3 non-polymer (4S)-2-METHYL-2,4-PENTANEDIOL
4 water water
#
_entity_poly.entity_id   1
_entity_poly.type   'polypeptide(L)'
_entity_poly.pdbx_seq_one_letter_code
;AKVNIKPLEDKILVQANEAETTTASGLVIPDTAKEKPQEGTVVAVGPGRWDEDGEKRIPLDVAEGDTVIYSKYGGTEIKY
NGEEYLILSARDVLAVVSK
;
_entity_poly.pdbx_strand_id   A,B,C,D,E,F,G,H,I,J,K,L,M,N
#
# COMPACT_ATOMS: atom_id res chain seq x y z
N ALA A 1 -23.10 31.92 24.56
CA ALA A 1 -22.49 30.61 24.15
C ALA A 1 -23.24 29.47 24.85
N LYS A 2 -24.46 29.21 24.41
CA LYS A 2 -25.25 28.14 25.00
C LYS A 2 -24.50 26.81 25.00
N VAL A 3 -24.23 26.28 23.80
CA VAL A 3 -23.51 25.00 23.65
C VAL A 3 -22.07 25.10 24.10
N ASN A 4 -21.50 24.00 24.56
CA ASN A 4 -20.09 24.03 24.98
C ASN A 4 -19.41 22.70 24.68
N ILE A 5 -18.44 22.74 23.77
CA ILE A 5 -17.73 21.55 23.34
C ILE A 5 -16.58 21.20 24.27
N LYS A 6 -16.58 19.97 24.77
CA LYS A 6 -15.55 19.51 25.68
C LYS A 6 -14.75 18.35 25.09
N PRO A 7 -13.56 18.64 24.55
CA PRO A 7 -12.69 17.65 23.93
C PRO A 7 -12.27 16.54 24.87
N LEU A 8 -12.16 15.33 24.34
CA LEU A 8 -11.76 14.19 25.15
C LEU A 8 -10.30 13.83 24.95
N GLU A 9 -9.74 13.14 25.94
CA GLU A 9 -8.34 12.73 25.90
C GLU A 9 -7.43 13.93 25.70
N ASP A 10 -6.49 13.83 24.77
CA ASP A 10 -5.55 14.91 24.49
C ASP A 10 -5.93 15.73 23.27
N LYS A 11 -7.22 15.76 22.93
CA LYS A 11 -7.68 16.53 21.79
C LYS A 11 -8.03 17.92 22.26
N ILE A 12 -7.99 18.88 21.36
CA ILE A 12 -8.30 20.26 21.70
C ILE A 12 -9.18 20.88 20.64
N LEU A 13 -9.89 21.93 21.02
CA LEU A 13 -10.73 22.63 20.06
C LEU A 13 -10.02 23.93 19.72
N VAL A 14 -9.88 24.18 18.44
CA VAL A 14 -9.20 25.37 17.99
C VAL A 14 -10.06 26.17 17.03
N GLN A 15 -10.00 27.48 17.17
CA GLN A 15 -10.76 28.35 16.29
C GLN A 15 -9.84 28.87 15.20
N ALA A 16 -10.13 28.48 13.97
CA ALA A 16 -9.30 28.90 12.86
C ALA A 16 -9.33 30.40 12.61
N ASN A 17 -8.15 31.00 12.53
CA ASN A 17 -8.03 32.42 12.24
C ASN A 17 -7.45 32.58 10.85
N GLU A 18 -8.30 32.99 9.90
CA GLU A 18 -7.90 33.19 8.48
C GLU A 18 -9.08 33.76 7.68
N ALA A 19 -8.89 33.81 6.37
CA ALA A 19 -9.90 34.34 5.48
C ALA A 19 -9.73 33.73 4.09
N GLU A 20 -10.86 33.46 3.43
CA GLU A 20 -10.89 32.90 2.07
C GLU A 20 -10.05 33.80 1.14
N THR A 21 -8.91 33.28 0.68
CA THR A 21 -8.03 34.05 -0.17
C THR A 21 -8.62 34.14 -1.57
N THR A 22 -8.63 35.34 -2.15
CA THR A 22 -9.20 35.54 -3.48
C THR A 22 -8.19 35.50 -4.64
N THR A 23 -8.65 35.01 -5.78
CA THR A 23 -7.81 34.94 -6.96
C THR A 23 -7.92 36.29 -7.63
N ALA A 24 -6.93 36.63 -8.45
CA ALA A 24 -6.92 37.91 -9.13
C ALA A 24 -8.18 38.13 -9.93
N SER A 25 -8.75 37.06 -10.45
CA SER A 25 -9.97 37.15 -11.25
C SER A 25 -11.18 37.40 -10.37
N GLY A 26 -11.02 37.15 -9.07
CA GLY A 26 -12.12 37.35 -8.15
C GLY A 26 -12.78 36.04 -7.79
N LEU A 27 -11.96 35.02 -7.53
CA LEU A 27 -12.46 33.70 -7.19
C LEU A 27 -11.86 33.24 -5.89
N VAL A 28 -12.60 32.43 -5.15
CA VAL A 28 -12.08 31.94 -3.90
C VAL A 28 -11.99 30.45 -3.92
N ILE A 29 -10.76 29.97 -3.72
CA ILE A 29 -10.51 28.54 -3.73
C ILE A 29 -9.85 28.05 -2.46
N PRO A 30 -10.66 27.54 -1.52
CA PRO A 30 -10.24 27.00 -0.21
C PRO A 30 -9.22 25.85 -0.28
N ASP A 31 -8.99 25.21 0.88
CA ASP A 31 -8.08 24.08 0.99
C ASP A 31 -8.79 22.84 1.52
N THR A 32 -9.38 22.04 0.64
CA THR A 32 -10.07 20.82 1.05
C THR A 32 -9.18 19.68 1.60
N ALA A 33 -7.97 19.53 1.06
CA ALA A 33 -7.07 18.47 1.50
C ALA A 33 -6.65 18.65 2.97
N LYS A 34 -6.47 19.91 3.39
CA LYS A 34 -6.09 20.21 4.79
C LYS A 34 -4.67 19.74 5.10
N GLU A 35 -3.78 19.99 4.16
CA GLU A 35 -2.38 19.57 4.32
C GLU A 35 -1.41 20.68 4.76
N LYS A 36 -1.83 21.93 4.65
CA LYS A 36 -1.00 23.08 5.05
C LYS A 36 -1.26 23.38 6.52
N PRO A 37 -0.22 23.79 7.26
CA PRO A 37 -0.44 24.10 8.68
C PRO A 37 -1.22 25.41 8.80
N GLN A 38 -1.81 25.65 9.97
CA GLN A 38 -2.56 26.88 10.20
C GLN A 38 -2.28 27.53 11.54
N GLU A 39 -2.89 28.69 11.72
CA GLU A 39 -2.74 29.42 12.97
C GLU A 39 -4.16 29.63 13.51
N GLY A 40 -4.33 29.43 14.81
CA GLY A 40 -5.64 29.61 15.40
C GLY A 40 -5.58 29.84 16.89
N THR A 41 -6.72 29.85 17.54
CA THR A 41 -6.76 30.05 18.98
C THR A 41 -7.38 28.86 19.70
N VAL A 42 -6.71 28.40 20.73
CA VAL A 42 -7.22 27.28 21.51
C VAL A 42 -8.47 27.75 22.25
N VAL A 43 -9.56 27.05 22.03
CA VAL A 43 -10.82 27.39 22.66
C VAL A 43 -11.16 26.48 23.83
N ALA A 44 -10.78 25.21 23.72
CA ALA A 44 -11.05 24.23 24.75
C ALA A 44 -10.01 23.12 24.68
N VAL A 45 -9.62 22.60 25.84
CA VAL A 45 -8.62 21.55 25.86
C VAL A 45 -9.13 20.32 26.59
N GLY A 46 -8.70 19.15 26.14
CA GLY A 46 -9.12 17.94 26.78
C GLY A 46 -8.37 17.74 28.07
N PRO A 47 -8.79 16.77 28.88
CA PRO A 47 -8.10 16.52 30.14
C PRO A 47 -6.67 16.04 29.92
N GLY A 48 -6.47 15.31 28.82
CA GLY A 48 -5.16 14.77 28.51
C GLY A 48 -5.26 13.27 28.42
N ARG A 49 -4.23 12.61 27.91
CA ARG A 49 -4.25 11.15 27.81
C ARG A 49 -3.73 10.47 29.08
N TRP A 50 -4.34 9.33 29.42
CA TRP A 50 -3.94 8.59 30.60
C TRP A 50 -2.60 7.97 30.36
N ASP A 51 -1.76 7.92 31.40
CA ASP A 51 -0.44 7.31 31.30
C ASP A 51 -0.56 5.77 31.14
N GLU A 52 0.58 5.10 31.03
CA GLU A 52 0.60 3.64 30.87
C GLU A 52 -0.35 2.92 31.81
N ASP A 53 -0.04 3.03 33.11
CA ASP A 53 -0.81 2.41 34.17
C ASP A 53 -2.26 2.95 34.18
N GLY A 54 -2.42 4.27 34.21
CA GLY A 54 -3.74 4.87 34.22
C GLY A 54 -4.08 5.67 35.48
N GLU A 55 -3.05 6.11 36.21
CA GLU A 55 -3.25 6.87 37.43
C GLU A 55 -2.99 8.35 37.32
N LYS A 56 -2.49 8.77 36.16
CA LYS A 56 -2.21 10.18 35.90
C LYS A 56 -2.47 10.62 34.47
N ARG A 57 -3.07 11.81 34.31
CA ARG A 57 -3.31 12.38 32.98
C ARG A 57 -2.11 13.27 32.69
N ILE A 58 -1.41 13.00 31.60
CA ILE A 58 -0.30 13.85 31.25
C ILE A 58 -0.89 15.15 30.72
N PRO A 59 -0.77 16.25 31.49
CA PRO A 59 -1.30 17.58 31.10
C PRO A 59 -0.80 18.00 29.72
N LEU A 60 -1.60 18.80 29.00
CA LEU A 60 -1.24 19.20 27.65
C LEU A 60 -0.36 20.43 27.75
N ASP A 61 0.27 20.81 26.65
CA ASP A 61 1.13 21.98 26.71
C ASP A 61 0.49 23.21 26.10
N VAL A 62 -0.82 23.19 25.97
CA VAL A 62 -1.55 24.33 25.43
C VAL A 62 -2.67 24.65 26.38
N ALA A 63 -3.14 25.88 26.33
CA ALA A 63 -4.22 26.32 27.20
C ALA A 63 -5.13 27.22 26.42
N GLU A 64 -6.30 27.49 26.99
CA GLU A 64 -7.24 28.35 26.31
C GLU A 64 -6.60 29.69 26.09
N GLY A 65 -6.86 30.27 24.92
CA GLY A 65 -6.30 31.58 24.62
C GLY A 65 -4.98 31.51 23.87
N ASP A 66 -4.26 30.40 24.02
CA ASP A 66 -3.01 30.24 23.33
C ASP A 66 -3.22 30.27 21.84
N THR A 67 -2.32 30.95 21.15
CA THR A 67 -2.38 31.01 19.72
C THR A 67 -1.40 29.95 19.35
N VAL A 68 -1.80 29.09 18.45
CA VAL A 68 -0.96 28.00 18.09
C VAL A 68 -0.86 27.82 16.62
N ILE A 69 0.10 26.97 16.23
CA ILE A 69 0.31 26.61 14.84
C ILE A 69 0.04 25.11 14.84
N TYR A 70 -0.75 24.66 13.88
CA TYR A 70 -1.08 23.25 13.85
C TYR A 70 -1.29 22.68 12.44
N SER A 71 -1.42 21.36 12.38
CA SER A 71 -1.66 20.65 11.12
C SER A 71 -3.13 20.29 11.11
N LYS A 72 -3.83 20.64 10.04
CA LYS A 72 -5.25 20.32 9.92
C LYS A 72 -5.46 18.82 9.64
N TYR A 73 -4.38 18.13 9.27
CA TYR A 73 -4.53 16.73 8.90
C TYR A 73 -5.00 15.98 10.10
N GLY A 74 -5.95 15.05 9.88
CA GLY A 74 -6.48 14.27 10.99
C GLY A 74 -7.47 15.04 11.85
N GLY A 75 -7.54 16.35 11.64
CA GLY A 75 -8.45 17.18 12.39
C GLY A 75 -9.90 17.07 11.92
N THR A 76 -10.82 17.60 12.71
CA THR A 76 -12.20 17.54 12.36
C THR A 76 -12.78 18.93 12.40
N GLU A 77 -13.43 19.30 11.30
CA GLU A 77 -14.04 20.62 11.17
C GLU A 77 -15.40 20.71 11.89
N ILE A 78 -15.63 21.84 12.55
CA ILE A 78 -16.87 22.07 13.25
C ILE A 78 -17.21 23.54 13.14
N LYS A 79 -18.35 23.83 12.55
CA LYS A 79 -18.80 25.20 12.41
C LYS A 79 -19.88 25.49 13.43
N TYR A 80 -19.90 26.72 13.94
CA TYR A 80 -20.89 27.18 14.91
C TYR A 80 -20.90 28.69 14.86
N ASN A 81 -22.10 29.25 14.68
CA ASN A 81 -22.28 30.68 14.57
C ASN A 81 -21.47 31.19 13.39
N GLY A 82 -21.43 30.41 12.31
CA GLY A 82 -20.66 30.80 11.14
C GLY A 82 -19.19 30.95 11.52
N GLU A 83 -18.78 30.24 12.57
CA GLU A 83 -17.38 30.28 13.04
C GLU A 83 -16.77 28.94 12.67
N GLU A 84 -15.51 28.93 12.29
CA GLU A 84 -14.88 27.68 11.92
C GLU A 84 -14.05 27.14 13.08
N TYR A 85 -14.26 25.87 13.42
CA TYR A 85 -13.49 25.25 14.49
C TYR A 85 -12.90 23.92 14.06
N LEU A 86 -11.87 23.48 14.76
CA LEU A 86 -11.26 22.21 14.42
C LEU A 86 -10.94 21.44 15.69
N ILE A 87 -11.25 20.15 15.68
CA ILE A 87 -10.96 19.30 16.84
C ILE A 87 -9.78 18.47 16.43
N LEU A 88 -8.64 18.65 17.10
CA LEU A 88 -7.45 17.91 16.74
C LEU A 88 -6.68 17.39 17.93
N SER A 89 -5.73 16.49 17.68
CA SER A 89 -4.92 15.94 18.74
C SER A 89 -3.84 16.93 19.08
N ALA A 90 -3.52 17.05 20.36
CA ALA A 90 -2.50 17.98 20.78
C ALA A 90 -1.18 17.67 20.09
N ARG A 91 -1.02 16.44 19.63
CA ARG A 91 0.19 16.03 18.92
C ARG A 91 0.29 16.78 17.59
N ASP A 92 -0.82 17.31 17.10
CA ASP A 92 -0.83 18.05 15.85
C ASP A 92 -0.44 19.49 16.08
N VAL A 93 -0.39 19.91 17.33
CA VAL A 93 -0.02 21.26 17.62
C VAL A 93 1.49 21.35 17.52
N LEU A 94 1.97 22.25 16.66
CA LEU A 94 3.40 22.38 16.44
C LEU A 94 4.08 23.31 17.43
N ALA A 95 3.52 24.51 17.61
CA ALA A 95 4.13 25.46 18.51
C ALA A 95 3.12 26.50 18.95
N VAL A 96 3.43 27.21 20.02
CA VAL A 96 2.55 28.24 20.52
C VAL A 96 3.18 29.54 20.07
N VAL A 97 2.36 30.47 19.60
CA VAL A 97 2.86 31.76 19.15
C VAL A 97 2.49 32.83 20.17
N SER A 98 3.46 33.61 20.61
CA SER A 98 3.18 34.66 21.60
C SER A 98 3.93 35.98 21.38
N LYS A 99 3.18 37.06 21.17
CA LYS A 99 3.77 38.40 20.96
C LYS A 99 4.52 38.95 22.19
N LYS B 2 -37.99 -5.39 24.61
CA LYS B 2 -36.91 -4.41 24.92
C LYS B 2 -35.65 -5.11 25.42
N VAL B 3 -34.64 -5.18 24.56
CA VAL B 3 -33.38 -5.82 24.93
C VAL B 3 -32.44 -4.87 25.67
N ASN B 4 -31.32 -5.39 26.12
CA ASN B 4 -30.36 -4.53 26.80
C ASN B 4 -28.92 -4.88 26.38
N ILE B 5 -28.28 -3.98 25.62
CA ILE B 5 -26.92 -4.19 25.13
C ILE B 5 -25.87 -3.62 26.07
N LYS B 6 -24.89 -4.45 26.43
CA LYS B 6 -23.83 -4.06 27.35
C LYS B 6 -22.46 -4.11 26.68
N PRO B 7 -21.93 -2.96 26.24
CA PRO B 7 -20.62 -2.83 25.59
C PRO B 7 -19.47 -3.37 26.41
N LEU B 8 -18.47 -3.92 25.74
CA LEU B 8 -17.33 -4.47 26.44
C LEU B 8 -16.16 -3.50 26.42
N GLU B 9 -15.20 -3.75 27.30
CA GLU B 9 -14.02 -2.92 27.40
C GLU B 9 -14.30 -1.44 27.46
N ASP B 10 -13.71 -0.68 26.52
CA ASP B 10 -13.93 0.75 26.48
C ASP B 10 -14.85 1.14 25.35
N LYS B 11 -15.71 0.21 24.95
CA LYS B 11 -16.64 0.47 23.87
C LYS B 11 -17.92 1.05 24.46
N ILE B 12 -18.65 1.85 23.69
CA ILE B 12 -19.88 2.42 24.18
C ILE B 12 -20.93 2.31 23.11
N LEU B 13 -22.19 2.35 23.53
CA LEU B 13 -23.31 2.30 22.62
C LEU B 13 -23.84 3.72 22.49
N VAL B 14 -23.97 4.17 21.25
CA VAL B 14 -24.44 5.52 21.00
C VAL B 14 -25.68 5.51 20.13
N GLN B 15 -26.60 6.41 20.42
CA GLN B 15 -27.82 6.50 19.66
C GLN B 15 -27.66 7.63 18.66
N ALA B 16 -27.63 7.29 17.38
CA ALA B 16 -27.48 8.26 16.30
C ALA B 16 -28.59 9.30 16.27
N ASN B 17 -28.23 10.55 16.54
CA ASN B 17 -29.22 11.62 16.54
C ASN B 17 -29.12 12.30 15.18
N GLU B 18 -28.59 11.58 14.20
CA GLU B 18 -28.43 12.13 12.85
C GLU B 18 -29.67 11.89 11.95
N ALA B 19 -29.76 12.71 10.90
CA ALA B 19 -30.84 12.67 9.91
C ALA B 19 -30.26 12.93 8.50
N GLU B 20 -30.59 12.03 7.58
CA GLU B 20 -30.13 12.13 6.19
C GLU B 20 -30.51 13.52 5.66
N THR B 21 -29.69 14.03 4.74
CA THR B 21 -29.89 15.35 4.11
C THR B 21 -30.82 15.18 2.93
N THR B 22 -31.67 16.16 2.71
CA THR B 22 -32.61 16.09 1.62
C THR B 22 -32.19 17.00 0.49
N THR B 23 -32.10 16.47 -0.71
CA THR B 23 -31.69 17.29 -1.84
C THR B 23 -32.89 18.11 -2.27
N ALA B 24 -32.61 19.24 -2.89
CA ALA B 24 -33.69 20.09 -3.37
C ALA B 24 -34.65 19.38 -4.34
N SER B 25 -34.17 18.45 -5.15
CA SER B 25 -35.08 17.77 -6.08
C SER B 25 -36.00 16.79 -5.38
N GLY B 26 -35.75 16.52 -4.10
CA GLY B 26 -36.58 15.58 -3.36
C GLY B 26 -35.91 14.24 -3.07
N LEU B 27 -34.67 14.12 -3.48
CA LEU B 27 -33.95 12.89 -3.27
C LEU B 27 -33.35 12.91 -1.86
N VAL B 28 -33.28 11.75 -1.25
CA VAL B 28 -32.69 11.67 0.06
C VAL B 28 -31.44 10.79 -0.02
N ILE B 29 -30.30 11.36 0.36
CA ILE B 29 -29.06 10.60 0.30
C ILE B 29 -28.63 10.30 1.73
N PRO B 30 -28.44 9.03 2.05
CA PRO B 30 -28.02 8.67 3.40
C PRO B 30 -26.58 9.16 3.66
N ASP B 31 -26.12 8.98 4.90
CA ASP B 31 -24.78 9.42 5.28
C ASP B 31 -23.81 8.24 5.33
N THR B 32 -23.56 7.65 4.17
CA THR B 32 -22.59 6.56 4.12
C THR B 32 -21.25 7.10 4.59
N ALA B 33 -21.16 8.42 4.72
CA ALA B 33 -19.94 9.09 5.12
C ALA B 33 -19.31 8.51 6.39
N LYS B 34 -18.22 7.78 6.22
CA LYS B 34 -17.56 7.20 7.38
C LYS B 34 -16.63 8.20 8.06
N GLU B 35 -16.13 9.15 7.29
CA GLU B 35 -15.23 10.15 7.82
C GLU B 35 -16.05 11.29 8.41
N LYS B 36 -17.31 11.38 8.00
CA LYS B 36 -18.16 12.43 8.52
C LYS B 36 -18.49 12.14 9.97
N PRO B 37 -18.02 12.98 10.90
CA PRO B 37 -18.31 12.76 12.32
C PRO B 37 -19.78 13.04 12.60
N GLN B 38 -20.33 12.47 13.68
CA GLN B 38 -21.73 12.68 14.00
C GLN B 38 -21.92 13.09 15.44
N GLU B 39 -23.15 13.47 15.76
CA GLU B 39 -23.52 13.87 17.10
C GLU B 39 -24.57 12.87 17.59
N GLY B 40 -24.34 12.26 18.74
CA GLY B 40 -25.31 11.30 19.22
C GLY B 40 -25.36 11.29 20.73
N THR B 41 -26.16 10.41 21.29
CA THR B 41 -26.29 10.31 22.73
C THR B 41 -25.75 8.99 23.25
N VAL B 42 -24.98 9.05 24.32
CA VAL B 42 -24.45 7.84 24.90
C VAL B 42 -25.58 7.12 25.59
N VAL B 43 -25.80 5.86 25.22
CA VAL B 43 -26.85 5.05 25.81
C VAL B 43 -26.32 3.99 26.77
N ALA B 44 -25.11 3.51 26.52
CA ALA B 44 -24.48 2.49 27.36
C ALA B 44 -22.98 2.61 27.24
N VAL B 45 -22.28 2.31 28.31
CA VAL B 45 -20.83 2.39 28.29
C VAL B 45 -20.22 1.12 28.85
N GLY B 46 -19.06 0.76 28.35
CA GLY B 46 -18.39 -0.42 28.83
C GLY B 46 -17.74 -0.13 30.16
N PRO B 47 -17.25 -1.17 30.85
CA PRO B 47 -16.61 -0.97 32.16
C PRO B 47 -15.32 -0.17 32.04
N GLY B 48 -14.63 -0.29 30.90
CA GLY B 48 -13.38 0.42 30.73
C GLY B 48 -12.33 -0.61 30.36
N ARG B 49 -11.21 -0.16 29.83
CA ARG B 49 -10.17 -1.10 29.42
C ARG B 49 -9.24 -1.42 30.60
N TRP B 50 -8.73 -2.65 30.64
CA TRP B 50 -7.81 -3.03 31.70
C TRP B 50 -6.47 -2.35 31.46
N ASP B 51 -5.74 -2.02 32.52
CA ASP B 51 -4.45 -1.39 32.33
C ASP B 51 -3.41 -2.49 32.01
N GLU B 52 -2.15 -2.09 31.84
CA GLU B 52 -1.07 -3.03 31.54
C GLU B 52 -1.13 -4.32 32.35
N ASP B 53 -1.51 -4.23 33.63
CA ASP B 53 -1.58 -5.37 34.55
C ASP B 53 -3.05 -5.55 34.94
N GLY B 54 -3.45 -6.73 35.34
CA GLY B 54 -4.84 -6.91 35.71
C GLY B 54 -5.17 -6.20 37.00
N GLU B 55 -4.98 -4.89 37.04
CA GLU B 55 -5.25 -4.13 38.26
C GLU B 55 -6.56 -3.36 38.20
N LYS B 56 -6.51 -2.19 37.58
CA LYS B 56 -7.68 -1.35 37.45
C LYS B 56 -8.18 -1.04 36.05
N ARG B 57 -9.46 -0.73 35.95
CA ARG B 57 -10.10 -0.36 34.68
C ARG B 57 -9.96 1.16 34.57
N ILE B 58 -9.56 1.63 33.40
CA ILE B 58 -9.43 3.05 33.20
C ILE B 58 -10.82 3.55 32.90
N PRO B 59 -11.46 4.27 33.85
CA PRO B 59 -12.82 4.80 33.67
C PRO B 59 -12.95 5.56 32.36
N LEU B 60 -14.14 5.55 31.76
CA LEU B 60 -14.34 6.25 30.50
C LEU B 60 -14.67 7.68 30.82
N ASP B 61 -14.55 8.57 29.85
CA ASP B 61 -14.83 9.97 30.09
C ASP B 61 -16.19 10.36 29.58
N VAL B 62 -17.04 9.37 29.33
CA VAL B 62 -18.38 9.66 28.89
C VAL B 62 -19.33 8.84 29.76
N ALA B 63 -20.57 9.30 29.87
CA ALA B 63 -21.56 8.62 30.67
C ALA B 63 -22.87 8.60 29.90
N GLU B 64 -23.80 7.78 30.35
CA GLU B 64 -25.11 7.69 29.70
C GLU B 64 -25.73 9.07 29.70
N GLY B 65 -26.41 9.42 28.62
CA GLY B 65 -27.03 10.73 28.56
C GLY B 65 -26.15 11.79 27.97
N ASP B 66 -24.84 11.55 27.94
CA ASP B 66 -23.93 12.50 27.36
C ASP B 66 -24.19 12.63 25.86
N THR B 67 -24.16 13.85 25.38
CA THR B 67 -24.29 14.08 23.96
C THR B 67 -22.83 14.19 23.51
N VAL B 68 -22.45 13.43 22.50
CA VAL B 68 -21.08 13.44 22.03
C VAL B 68 -20.92 13.61 20.53
N ILE B 69 -19.70 13.94 20.12
CA ILE B 69 -19.34 14.07 18.72
C ILE B 69 -18.33 12.96 18.52
N TYR B 70 -18.58 12.15 17.50
CA TYR B 70 -17.74 10.99 17.25
C TYR B 70 -17.56 10.66 15.77
N SER B 71 -16.63 9.76 15.50
CA SER B 71 -16.34 9.29 14.15
C SER B 71 -17.00 7.94 13.96
N LYS B 72 -17.69 7.77 12.85
CA LYS B 72 -18.36 6.52 12.55
C LYS B 72 -17.38 5.43 12.16
N TYR B 73 -16.21 5.81 11.65
CA TYR B 73 -15.21 4.84 11.22
C TYR B 73 -14.90 3.83 12.32
N GLY B 74 -14.94 2.56 11.97
CA GLY B 74 -14.64 1.54 12.98
C GLY B 74 -15.84 1.20 13.83
N GLY B 75 -16.91 2.00 13.70
CA GLY B 75 -18.11 1.75 14.48
C GLY B 75 -18.95 0.63 13.89
N THR B 76 -19.88 0.13 14.67
CA THR B 76 -20.74 -0.94 14.22
C THR B 76 -22.20 -0.53 14.39
N GLU B 77 -22.92 -0.48 13.28
CA GLU B 77 -24.32 -0.08 13.33
C GLU B 77 -25.23 -1.16 13.87
N ILE B 78 -26.19 -0.74 14.67
CA ILE B 78 -27.14 -1.65 15.27
C ILE B 78 -28.49 -0.97 15.32
N LYS B 79 -29.50 -1.60 14.73
CA LYS B 79 -30.87 -1.06 14.71
C LYS B 79 -31.74 -1.82 15.68
N TYR B 80 -32.66 -1.11 16.33
CA TYR B 80 -33.61 -1.70 17.27
C TYR B 80 -34.86 -0.83 17.33
N ASN B 81 -35.99 -1.39 16.89
CA ASN B 81 -37.25 -0.64 16.87
C ASN B 81 -37.01 0.58 15.99
N GLY B 82 -36.55 0.30 14.76
CA GLY B 82 -36.25 1.34 13.77
C GLY B 82 -35.42 2.46 14.34
N GLU B 83 -34.57 2.12 15.32
CA GLU B 83 -33.70 3.09 15.97
C GLU B 83 -32.30 2.77 15.49
N GLU B 84 -31.51 3.80 15.23
CA GLU B 84 -30.12 3.61 14.81
C GLU B 84 -29.17 3.72 16.01
N TYR B 85 -28.32 2.71 16.17
CA TYR B 85 -27.33 2.75 17.24
C TYR B 85 -25.97 2.40 16.69
N LEU B 86 -24.93 2.85 17.39
CA LEU B 86 -23.58 2.56 16.97
C LEU B 86 -22.73 2.09 18.15
N ILE B 87 -21.89 1.08 17.93
CA ILE B 87 -21.01 0.60 18.97
C ILE B 87 -19.61 1.03 18.56
N LEU B 88 -19.00 1.90 19.34
CA LEU B 88 -17.67 2.37 19.00
C LEU B 88 -16.75 2.45 20.20
N SER B 89 -15.45 2.59 19.93
CA SER B 89 -14.46 2.71 20.97
C SER B 89 -14.53 4.12 21.52
N ALA B 90 -14.34 4.26 22.82
CA ALA B 90 -14.40 5.55 23.47
C ALA B 90 -13.33 6.46 22.91
N ARG B 91 -12.35 5.88 22.25
CA ARG B 91 -11.29 6.69 21.68
C ARG B 91 -11.76 7.39 20.44
N ASP B 92 -12.89 6.97 19.90
CA ASP B 92 -13.46 7.61 18.72
C ASP B 92 -14.27 8.81 19.10
N VAL B 93 -14.64 8.90 20.37
CA VAL B 93 -15.41 10.03 20.82
C VAL B 93 -14.47 11.22 20.84
N LEU B 94 -14.88 12.30 20.19
CA LEU B 94 -14.06 13.49 20.09
C LEU B 94 -14.28 14.47 21.20
N ALA B 95 -15.53 14.69 21.57
CA ALA B 95 -15.82 15.62 22.62
C ALA B 95 -17.23 15.43 23.12
N VAL B 96 -17.51 16.00 24.29
CA VAL B 96 -18.84 15.92 24.87
C VAL B 96 -19.45 17.30 24.67
N VAL B 97 -20.71 17.35 24.25
CA VAL B 97 -21.39 18.62 24.03
C VAL B 97 -22.42 18.84 25.14
N SER B 98 -22.32 19.96 25.83
CA SER B 98 -23.23 20.24 26.93
C SER B 98 -23.87 21.60 26.84
N LYS B 99 -25.08 21.71 27.41
CA LYS B 99 -25.81 22.98 27.42
C LYS B 99 -25.44 23.84 28.62
N LYS C 2 -16.46 -36.98 21.13
CA LYS C 2 -16.92 -35.62 21.57
C LYS C 2 -15.74 -34.66 21.78
N VAL C 3 -15.04 -34.34 20.69
CA VAL C 3 -13.90 -33.42 20.77
C VAL C 3 -14.34 -32.02 21.23
N ASN C 4 -13.54 -31.43 22.13
CA ASN C 4 -13.86 -30.11 22.62
C ASN C 4 -12.72 -29.13 22.33
N ILE C 5 -13.09 -27.97 21.80
CA ILE C 5 -12.16 -26.92 21.42
C ILE C 5 -11.80 -25.96 22.54
N LYS C 6 -10.51 -25.79 22.81
CA LYS C 6 -10.07 -24.87 23.85
C LYS C 6 -9.25 -23.71 23.29
N PRO C 7 -9.87 -22.53 23.19
CA PRO C 7 -9.24 -21.32 22.69
C PRO C 7 -8.03 -20.90 23.50
N LEU C 8 -7.03 -20.32 22.85
CA LEU C 8 -5.83 -19.90 23.54
C LEU C 8 -5.84 -18.40 23.76
N GLU C 9 -4.98 -17.93 24.65
CA GLU C 9 -4.89 -16.52 24.93
C GLU C 9 -6.24 -15.87 25.18
N ASP C 10 -6.51 -14.80 24.46
CA ASP C 10 -7.76 -14.06 24.61
C ASP C 10 -8.69 -14.32 23.46
N LYS C 11 -8.72 -15.56 23.00
CA LYS C 11 -9.61 -15.92 21.91
C LYS C 11 -10.79 -16.66 22.50
N ILE C 12 -11.93 -16.58 21.84
CA ILE C 12 -13.11 -17.29 22.31
C ILE C 12 -13.77 -18.01 21.16
N LEU C 13 -14.47 -19.09 21.47
CA LEU C 13 -15.20 -19.85 20.48
C LEU C 13 -16.65 -19.42 20.57
N VAL C 14 -17.20 -18.99 19.45
CA VAL C 14 -18.56 -18.52 19.40
C VAL C 14 -19.38 -19.35 18.43
N GLN C 15 -20.63 -19.60 18.80
CA GLN C 15 -21.52 -20.36 17.95
C GLN C 15 -22.45 -19.40 17.23
N ALA C 16 -22.36 -19.38 15.92
CA ALA C 16 -23.19 -18.50 15.12
C ALA C 16 -24.62 -18.98 15.16
N ASN C 17 -25.55 -18.11 15.61
CA ASN C 17 -26.94 -18.56 15.57
C ASN C 17 -27.81 -17.71 14.61
N GLU C 18 -27.19 -17.02 13.65
CA GLU C 18 -27.93 -16.20 12.66
C GLU C 18 -28.45 -17.14 11.48
N ALA C 19 -29.41 -16.72 10.64
CA ALA C 19 -29.95 -17.59 9.50
C ALA C 19 -29.88 -17.09 8.03
N GLU C 20 -29.33 -17.91 7.13
CA GLU C 20 -29.28 -17.47 5.73
C GLU C 20 -30.61 -16.86 5.35
N THR C 21 -30.55 -15.75 4.62
CA THR C 21 -31.74 -15.03 4.17
C THR C 21 -31.95 -15.33 2.69
N THR C 22 -33.20 -15.47 2.25
CA THR C 22 -33.39 -15.78 0.85
C THR C 22 -33.82 -14.56 0.06
N THR C 23 -33.58 -14.59 -1.23
CA THR C 23 -33.96 -13.46 -2.06
C THR C 23 -35.32 -13.81 -2.59
N ALA C 24 -36.01 -12.82 -3.14
CA ALA C 24 -37.34 -13.02 -3.67
C ALA C 24 -37.35 -14.05 -4.78
N SER C 25 -36.19 -14.53 -5.19
CA SER C 25 -36.14 -15.52 -6.23
C SER C 25 -35.84 -16.90 -5.66
N GLY C 26 -35.69 -17.00 -4.34
CA GLY C 26 -35.37 -18.28 -3.73
C GLY C 26 -33.87 -18.45 -3.51
N LEU C 27 -33.06 -17.60 -4.14
CA LEU C 27 -31.62 -17.67 -3.98
C LEU C 27 -31.19 -17.39 -2.53
N VAL C 28 -29.95 -17.74 -2.20
CA VAL C 28 -29.38 -17.53 -0.89
C VAL C 28 -27.98 -16.95 -1.07
N ILE C 29 -27.71 -15.84 -0.38
CA ILE C 29 -26.46 -15.12 -0.49
C ILE C 29 -25.68 -15.10 0.84
N PRO C 30 -24.50 -15.74 0.86
CA PRO C 30 -23.64 -15.80 2.04
C PRO C 30 -22.81 -14.52 2.19
N ASP C 31 -22.28 -14.31 3.39
CA ASP C 31 -21.45 -13.15 3.67
C ASP C 31 -20.04 -13.64 3.93
N THR C 32 -19.28 -13.75 2.84
CA THR C 32 -17.87 -14.18 2.84
C THR C 32 -16.86 -13.09 3.30
N ALA C 33 -17.07 -11.85 2.89
CA ALA C 33 -16.15 -10.77 3.28
C ALA C 33 -15.96 -10.63 4.80
N LYS C 34 -16.96 -11.07 5.57
CA LYS C 34 -16.93 -10.99 7.04
C LYS C 34 -16.78 -9.55 7.54
N GLU C 35 -17.62 -8.67 7.00
CA GLU C 35 -17.55 -7.27 7.43
C GLU C 35 -18.81 -6.89 8.23
N LYS C 36 -19.83 -7.72 8.18
CA LYS C 36 -21.05 -7.46 8.93
C LYS C 36 -20.96 -8.10 10.31
N PRO C 37 -21.36 -7.37 11.36
CA PRO C 37 -21.32 -7.92 12.71
C PRO C 37 -22.41 -8.95 12.88
N GLN C 38 -22.25 -9.87 13.83
CA GLN C 38 -23.26 -10.91 14.05
C GLN C 38 -23.58 -11.08 15.52
N GLU C 39 -24.54 -11.94 15.78
CA GLU C 39 -24.96 -12.24 17.13
C GLU C 39 -24.76 -13.74 17.31
N GLY C 40 -24.17 -14.13 18.43
CA GLY C 40 -23.93 -15.54 18.64
C GLY C 40 -23.83 -15.86 20.10
N THR C 41 -23.41 -17.08 20.42
CA THR C 41 -23.29 -17.51 21.79
C THR C 41 -21.89 -17.97 22.11
N VAL C 42 -21.32 -17.42 23.17
CA VAL C 42 -20.00 -17.82 23.60
C VAL C 42 -20.06 -19.26 24.09
N VAL C 43 -19.21 -20.10 23.52
CA VAL C 43 -19.18 -21.51 23.87
C VAL C 43 -17.94 -21.87 24.69
N ALA C 44 -16.84 -21.21 24.42
CA ALA C 44 -15.60 -21.46 25.15
C ALA C 44 -14.77 -20.19 25.15
N VAL C 45 -14.02 -19.98 26.22
CA VAL C 45 -13.21 -18.78 26.33
C VAL C 45 -11.79 -19.12 26.67
N GLY C 46 -10.86 -18.31 26.18
CA GLY C 46 -9.46 -18.54 26.44
C GLY C 46 -9.10 -18.08 27.83
N PRO C 47 -7.92 -18.45 28.34
CA PRO C 47 -7.52 -18.03 29.68
C PRO C 47 -7.38 -16.51 29.78
N GLY C 48 -7.05 -15.87 28.67
CA GLY C 48 -6.88 -14.44 28.67
C GLY C 48 -5.43 -14.16 28.34
N ARG C 49 -5.10 -12.91 28.04
CA ARG C 49 -3.73 -12.56 27.71
C ARG C 49 -2.86 -12.33 28.95
N TRP C 50 -1.58 -12.68 28.85
CA TRP C 50 -0.65 -12.47 29.95
C TRP C 50 -0.45 -11.00 30.13
N ASP C 51 -0.27 -10.59 31.38
CA ASP C 51 -0.04 -9.18 31.70
C ASP C 51 1.41 -8.78 31.38
N GLU C 52 1.71 -7.50 31.50
CA GLU C 52 3.07 -7.04 31.17
C GLU C 52 4.14 -7.88 31.88
N ASP C 53 3.98 -8.03 33.19
CA ASP C 53 4.93 -8.76 34.01
C ASP C 53 4.94 -10.26 33.76
N GLY C 54 3.92 -10.79 33.13
CA GLY C 54 3.94 -12.22 32.87
C GLY C 54 3.65 -13.10 34.06
N GLU C 55 2.77 -12.67 34.97
CA GLU C 55 2.45 -13.51 36.12
C GLU C 55 0.97 -13.88 36.21
N LYS C 56 0.10 -12.99 35.74
CA LYS C 56 -1.33 -13.25 35.80
C LYS C 56 -1.91 -12.96 34.43
N ARG C 57 -3.01 -13.62 34.09
CA ARG C 57 -3.67 -13.34 32.82
C ARG C 57 -4.79 -12.35 33.17
N ILE C 58 -5.20 -11.52 32.22
CA ILE C 58 -6.27 -10.57 32.40
C ILE C 58 -7.53 -11.27 31.97
N PRO C 59 -8.43 -11.59 32.92
CA PRO C 59 -9.69 -12.28 32.62
C PRO C 59 -10.46 -11.58 31.52
N LEU C 60 -11.27 -12.34 30.79
CA LEU C 60 -12.05 -11.77 29.70
C LEU C 60 -13.38 -11.31 30.25
N ASP C 61 -14.09 -10.50 29.50
CA ASP C 61 -15.36 -9.99 29.99
C ASP C 61 -16.53 -10.72 29.40
N VAL C 62 -16.29 -11.94 28.97
CA VAL C 62 -17.37 -12.75 28.44
C VAL C 62 -17.29 -14.12 29.11
N ALA C 63 -18.42 -14.79 29.21
CA ALA C 63 -18.49 -16.09 29.83
C ALA C 63 -19.36 -16.99 28.98
N GLU C 64 -19.17 -18.28 29.13
CA GLU C 64 -19.93 -19.24 28.38
C GLU C 64 -21.41 -18.97 28.58
N GLY C 65 -22.18 -19.05 27.51
CA GLY C 65 -23.59 -18.80 27.62
C GLY C 65 -23.97 -17.38 27.28
N ASP C 66 -23.01 -16.47 27.30
CA ASP C 66 -23.28 -15.07 26.97
C ASP C 66 -23.64 -14.94 25.50
N THR C 67 -24.59 -14.09 25.19
CA THR C 67 -24.97 -13.87 23.82
C THR C 67 -24.20 -12.61 23.51
N VAL C 68 -23.42 -12.61 22.44
CA VAL C 68 -22.61 -11.45 22.13
C VAL C 68 -22.82 -10.96 20.72
N ILE C 69 -22.39 -9.73 20.48
CA ILE C 69 -22.42 -9.14 19.15
C ILE C 69 -20.94 -9.02 18.83
N TYR C 70 -20.54 -9.53 17.66
CA TYR C 70 -19.13 -9.49 17.31
C TYR C 70 -18.87 -9.25 15.83
N SER C 71 -17.61 -9.01 15.48
CA SER C 71 -17.21 -8.79 14.10
C SER C 71 -16.56 -10.07 13.63
N LYS C 72 -16.96 -10.56 12.45
CA LYS C 72 -16.39 -11.79 11.90
C LYS C 72 -14.98 -11.55 11.31
N TYR C 73 -14.65 -10.30 11.01
CA TYR C 73 -13.34 -9.99 10.46
C TYR C 73 -12.27 -10.56 11.37
N GLY C 74 -11.26 -11.20 10.75
CA GLY C 74 -10.18 -11.81 11.51
C GLY C 74 -10.55 -13.14 12.14
N GLY C 75 -11.85 -13.40 12.26
CA GLY C 75 -12.30 -14.63 12.87
C GLY C 75 -12.03 -15.85 11.99
N THR C 76 -12.16 -17.04 12.57
CA THR C 76 -11.93 -18.25 11.83
C THR C 76 -13.14 -19.17 11.97
N GLU C 77 -13.73 -19.51 10.84
CA GLU C 77 -14.89 -20.38 10.79
C GLU C 77 -14.53 -21.81 11.11
N ILE C 78 -15.40 -22.49 11.84
CA ILE C 78 -15.17 -23.90 12.18
C ILE C 78 -16.51 -24.59 12.24
N LYS C 79 -16.68 -25.66 11.44
CA LYS C 79 -17.93 -26.41 11.47
C LYS C 79 -17.71 -27.75 12.19
N TYR C 80 -18.74 -28.19 12.88
CA TYR C 80 -18.70 -29.45 13.59
C TYR C 80 -20.12 -29.79 13.87
N ASN C 81 -20.56 -30.96 13.38
CA ASN C 81 -21.92 -31.41 13.56
C ASN C 81 -22.82 -30.31 13.04
N GLY C 82 -22.79 -30.10 11.74
CA GLY C 82 -23.63 -29.10 11.13
C GLY C 82 -23.88 -27.87 11.99
N GLU C 83 -22.85 -27.43 12.70
CA GLU C 83 -22.95 -26.26 13.56
C GLU C 83 -21.81 -25.33 13.20
N GLU C 84 -22.13 -24.06 12.99
CA GLU C 84 -21.15 -23.07 12.62
C GLU C 84 -20.50 -22.41 13.83
N TYR C 85 -19.18 -22.39 13.85
CA TYR C 85 -18.49 -21.76 14.98
C TYR C 85 -17.44 -20.78 14.49
N LEU C 86 -17.09 -19.83 15.33
CA LEU C 86 -16.09 -18.87 14.97
C LEU C 86 -15.10 -18.68 16.11
N ILE C 87 -13.80 -18.69 15.81
CA ILE C 87 -12.78 -18.46 16.81
C ILE C 87 -12.29 -17.03 16.58
N LEU C 88 -12.54 -16.16 17.55
CA LEU C 88 -12.12 -14.78 17.40
C LEU C 88 -11.48 -14.20 18.63
N SER C 89 -10.84 -13.06 18.48
CA SER C 89 -10.19 -12.39 19.59
C SER C 89 -11.24 -11.72 20.42
N ALA C 90 -11.00 -11.64 21.72
CA ALA C 90 -11.98 -11.03 22.60
C ALA C 90 -12.16 -9.56 22.24
N ARG C 91 -11.23 -9.04 21.48
CA ARG C 91 -11.29 -7.66 21.07
C ARG C 91 -12.35 -7.45 20.00
N ASP C 92 -12.77 -8.53 19.37
CA ASP C 92 -13.77 -8.46 18.34
C ASP C 92 -15.16 -8.50 18.90
N VAL C 93 -15.28 -8.83 20.17
CA VAL C 93 -16.57 -8.86 20.80
C VAL C 93 -16.91 -7.43 21.17
N LEU C 94 -18.04 -6.97 20.70
CA LEU C 94 -18.48 -5.60 20.93
C LEU C 94 -19.27 -5.39 22.24
N ALA C 95 -20.29 -6.22 22.44
CA ALA C 95 -21.13 -6.11 23.61
C ALA C 95 -21.79 -7.43 23.94
N VAL C 96 -22.28 -7.55 25.16
CA VAL C 96 -23.00 -8.74 25.58
C VAL C 96 -24.47 -8.37 25.57
N VAL C 97 -25.31 -9.22 24.99
CA VAL C 97 -26.74 -8.96 24.93
C VAL C 97 -27.47 -9.83 25.95
N SER C 98 -28.15 -9.19 26.89
CA SER C 98 -28.87 -9.93 27.93
C SER C 98 -30.36 -9.62 27.99
N LYS C 99 -31.16 -10.68 27.99
CA LYS C 99 -32.64 -10.56 28.07
C LYS C 99 -33.07 -10.16 29.48
N ALA D 1 12.99 -39.86 15.23
CA ALA D 1 14.16 -39.94 14.31
C ALA D 1 15.45 -39.39 14.97
N LYS D 2 16.59 -39.67 14.35
CA LYS D 2 17.89 -39.22 14.83
C LYS D 2 17.96 -37.70 15.07
N VAL D 3 17.89 -36.93 13.99
CA VAL D 3 17.94 -35.46 14.09
C VAL D 3 16.65 -34.94 14.65
N ASN D 4 16.73 -33.98 15.57
CA ASN D 4 15.51 -33.42 16.15
C ASN D 4 15.54 -31.88 16.17
N ILE D 5 14.43 -31.30 15.70
CA ILE D 5 14.32 -29.85 15.60
C ILE D 5 13.86 -29.18 16.87
N LYS D 6 14.62 -28.20 17.34
CA LYS D 6 14.31 -27.50 18.57
C LYS D 6 13.96 -26.06 18.30
N PRO D 7 12.65 -25.73 18.29
CA PRO D 7 12.14 -24.39 18.03
C PRO D 7 12.70 -23.37 19.01
N LEU D 8 12.81 -22.12 18.57
CA LEU D 8 13.34 -21.05 19.40
C LEU D 8 12.25 -20.08 19.85
N GLU D 9 12.48 -19.44 21.00
CA GLU D 9 11.51 -18.49 21.52
C GLU D 9 10.15 -19.15 21.75
N ASP D 10 9.09 -18.52 21.25
CA ASP D 10 7.74 -19.06 21.39
C ASP D 10 7.26 -19.73 20.13
N LYS D 11 8.18 -20.26 19.34
CA LYS D 11 7.78 -20.93 18.12
C LYS D 11 7.60 -22.41 18.45
N ILE D 12 6.80 -23.11 17.66
CA ILE D 12 6.57 -24.52 17.88
C ILE D 12 6.63 -25.25 16.56
N LEU D 13 6.86 -26.55 16.63
CA LEU D 13 6.90 -27.37 15.45
C LEU D 13 5.67 -28.24 15.48
N VAL D 14 4.88 -28.17 14.42
CA VAL D 14 3.65 -28.92 14.34
C VAL D 14 3.67 -29.88 13.17
N GLN D 15 3.07 -31.06 13.36
CA GLN D 15 3.02 -32.04 12.30
C GLN D 15 1.67 -31.94 11.63
N ALA D 16 1.67 -31.52 10.38
CA ALA D 16 0.45 -31.34 9.59
C ALA D 16 -0.43 -32.60 9.43
N ASN D 17 -1.63 -32.51 10.00
CA ASN D 17 -2.59 -33.60 9.98
C ASN D 17 -3.66 -33.53 8.88
N GLU D 18 -3.48 -32.57 7.96
CA GLU D 18 -4.41 -32.33 6.84
C GLU D 18 -4.16 -33.28 5.66
N ALA D 19 -5.21 -33.55 4.88
CA ALA D 19 -5.07 -34.47 3.75
C ALA D 19 -5.39 -33.88 2.37
N GLU D 20 -5.24 -34.70 1.32
CA GLU D 20 -5.53 -34.27 -0.05
C GLU D 20 -7.02 -34.38 -0.29
N THR D 21 -7.50 -33.60 -1.26
CA THR D 21 -8.91 -33.64 -1.63
C THR D 21 -8.99 -33.83 -3.14
N THR D 22 -9.13 -35.08 -3.53
CA THR D 22 -9.21 -35.45 -4.93
C THR D 22 -10.55 -34.99 -5.50
N THR D 23 -10.51 -34.49 -6.74
CA THR D 23 -11.71 -34.01 -7.39
C THR D 23 -12.31 -35.25 -8.03
N ALA D 24 -13.54 -35.11 -8.51
CA ALA D 24 -14.26 -36.20 -9.14
C ALA D 24 -13.44 -36.84 -10.28
N SER D 25 -12.66 -36.05 -11.01
CA SER D 25 -11.92 -36.68 -12.10
C SER D 25 -10.72 -37.50 -11.65
N GLY D 26 -10.06 -37.07 -10.58
CA GLY D 26 -8.90 -37.79 -10.10
C GLY D 26 -7.91 -36.80 -9.54
N LEU D 27 -7.41 -35.95 -10.44
CA LEU D 27 -6.46 -34.91 -10.11
C LEU D 27 -6.81 -34.25 -8.78
N VAL D 28 -5.84 -34.19 -7.86
CA VAL D 28 -6.08 -33.58 -6.57
C VAL D 28 -5.54 -32.15 -6.51
N ILE D 29 -6.25 -31.25 -5.86
CA ILE D 29 -5.85 -29.85 -5.73
C ILE D 29 -5.64 -29.48 -4.29
N PRO D 30 -4.48 -28.92 -4.01
CA PRO D 30 -4.07 -28.50 -2.67
C PRO D 30 -4.09 -27.00 -2.47
N ASP D 31 -3.87 -26.56 -1.23
CA ASP D 31 -3.87 -25.15 -0.85
C ASP D 31 -2.64 -24.42 -1.33
N THR D 32 -2.57 -23.09 -1.15
CA THR D 32 -1.37 -22.35 -1.61
C THR D 32 -1.26 -20.91 -1.07
N ALA D 33 -2.39 -20.37 -0.59
CA ALA D 33 -2.38 -19.02 -0.04
C ALA D 33 -2.01 -19.08 1.44
N LYS D 34 -2.24 -20.24 2.07
CA LYS D 34 -1.93 -20.42 3.49
C LYS D 34 -2.80 -19.57 4.43
N GLU D 35 -3.98 -19.19 3.96
CA GLU D 35 -4.89 -18.43 4.82
C GLU D 35 -5.79 -19.41 5.56
N LYS D 36 -6.05 -20.56 4.96
CA LYS D 36 -6.91 -21.59 5.55
C LYS D 36 -6.24 -22.16 6.80
N PRO D 37 -6.95 -22.16 7.94
CA PRO D 37 -6.38 -22.68 9.18
C PRO D 37 -6.33 -24.21 9.12
N GLN D 38 -5.39 -24.82 9.83
CA GLN D 38 -5.26 -26.26 9.81
C GLN D 38 -5.26 -26.88 11.19
N GLU D 39 -5.27 -28.20 11.23
CA GLU D 39 -5.26 -28.93 12.48
C GLU D 39 -4.01 -29.81 12.41
N GLY D 40 -3.30 -29.93 13.52
CA GLY D 40 -2.10 -30.74 13.53
C GLY D 40 -1.68 -31.10 14.94
N THR D 41 -0.58 -31.82 15.07
CA THR D 41 -0.12 -32.21 16.39
C THR D 41 1.17 -31.50 16.73
N VAL D 42 1.26 -31.00 17.96
CA VAL D 42 2.46 -30.31 18.39
C VAL D 42 3.53 -31.37 18.62
N VAL D 43 4.65 -31.19 17.93
CA VAL D 43 5.78 -32.12 18.02
C VAL D 43 6.88 -31.62 18.92
N ALA D 44 7.11 -30.31 18.90
CA ALA D 44 8.15 -29.69 19.72
C ALA D 44 7.75 -28.26 20.04
N VAL D 45 8.15 -27.76 21.21
CA VAL D 45 7.80 -26.39 21.57
C VAL D 45 9.03 -25.63 22.01
N GLY D 46 9.08 -24.35 21.67
CA GLY D 46 10.22 -23.56 22.06
C GLY D 46 10.19 -23.29 23.55
N PRO D 47 11.25 -22.72 24.11
CA PRO D 47 11.29 -22.44 25.55
C PRO D 47 10.28 -21.32 25.92
N GLY D 48 9.92 -20.51 24.94
CA GLY D 48 8.98 -19.43 25.18
C GLY D 48 9.70 -18.09 25.16
N ARG D 49 8.97 -16.99 25.07
CA ARG D 49 9.62 -15.67 25.02
C ARG D 49 9.99 -15.10 26.39
N TRP D 50 11.12 -14.39 26.43
CA TRP D 50 11.58 -13.74 27.65
C TRP D 50 10.77 -12.47 27.76
N ASP D 51 10.22 -12.23 28.94
CA ASP D 51 9.44 -11.02 29.19
C ASP D 51 10.31 -9.77 28.85
N GLU D 52 9.83 -8.57 29.22
CA GLU D 52 10.62 -7.37 28.94
C GLU D 52 11.77 -7.32 29.90
N ASP D 53 11.54 -7.75 31.14
CA ASP D 53 12.58 -7.77 32.17
C ASP D 53 13.70 -8.67 31.67
N GLY D 54 13.35 -9.91 31.35
CA GLY D 54 14.34 -10.84 30.86
C GLY D 54 14.66 -11.85 31.92
N GLU D 55 13.90 -11.80 33.02
CA GLU D 55 14.15 -12.72 34.10
C GLU D 55 13.41 -14.02 33.90
N LYS D 56 12.32 -13.96 33.17
CA LYS D 56 11.47 -15.14 32.97
C LYS D 56 10.90 -15.33 31.57
N ARG D 57 10.79 -16.59 31.18
CA ARG D 57 10.22 -16.96 29.88
C ARG D 57 8.77 -17.29 30.14
N ILE D 58 7.89 -16.67 29.38
CA ILE D 58 6.47 -16.91 29.53
C ILE D 58 6.17 -18.26 28.92
N PRO D 59 5.84 -19.26 29.75
CA PRO D 59 5.54 -20.61 29.24
C PRO D 59 4.50 -20.56 28.12
N LEU D 60 4.54 -21.55 27.22
CA LEU D 60 3.60 -21.59 26.11
C LEU D 60 2.36 -22.32 26.58
N ASP D 61 1.24 -22.14 25.88
CA ASP D 61 0.03 -22.80 26.31
C ASP D 61 -0.24 -24.05 25.51
N VAL D 62 0.80 -24.65 24.97
CA VAL D 62 0.64 -25.88 24.22
C VAL D 62 1.79 -26.79 24.58
N ALA D 63 1.56 -28.09 24.49
CA ALA D 63 2.61 -29.07 24.80
C ALA D 63 2.65 -30.12 23.73
N GLU D 64 3.66 -30.97 23.78
CA GLU D 64 3.77 -32.03 22.79
C GLU D 64 2.55 -32.92 22.89
N GLY D 65 2.09 -33.42 21.74
CA GLY D 65 0.93 -34.29 21.74
C GLY D 65 -0.38 -33.54 21.60
N ASP D 66 -0.37 -32.24 21.90
CA ASP D 66 -1.57 -31.42 21.77
C ASP D 66 -2.00 -31.34 20.31
N THR D 67 -3.30 -31.47 20.07
CA THR D 67 -3.81 -31.34 18.72
C THR D 67 -4.25 -29.90 18.72
N VAL D 68 -3.84 -29.14 17.74
CA VAL D 68 -4.15 -27.73 17.70
C VAL D 68 -4.73 -27.23 16.38
N ILE D 69 -5.39 -26.07 16.41
CA ILE D 69 -5.91 -25.45 15.20
C ILE D 69 -5.01 -24.24 15.04
N TYR D 70 -4.48 -24.06 13.85
CA TYR D 70 -3.57 -22.96 13.63
C TYR D 70 -3.63 -22.36 12.24
N SER D 71 -3.05 -21.18 12.10
CA SER D 71 -2.97 -20.47 10.82
C SER D 71 -1.59 -20.76 10.22
N LYS D 72 -1.57 -21.16 8.95
CA LYS D 72 -0.31 -21.47 8.25
C LYS D 72 0.44 -20.21 7.90
N TYR D 73 -0.29 -19.11 7.78
CA TYR D 73 0.33 -17.82 7.43
C TYR D 73 1.51 -17.52 8.36
N GLY D 74 2.65 -17.16 7.77
CA GLY D 74 3.82 -16.87 8.57
C GLY D 74 4.59 -18.13 8.96
N GLY D 75 3.96 -19.29 8.71
CA GLY D 75 4.60 -20.55 9.04
C GLY D 75 5.71 -20.94 8.08
N THR D 76 6.48 -21.95 8.43
CA THR D 76 7.57 -22.40 7.58
C THR D 76 7.52 -23.92 7.45
N GLU D 77 7.30 -24.36 6.23
CA GLU D 77 7.19 -25.79 5.92
C GLU D 77 8.51 -26.52 6.05
N ILE D 78 8.46 -27.73 6.59
CA ILE D 78 9.65 -28.54 6.77
C ILE D 78 9.32 -30.00 6.57
N LYS D 79 9.87 -30.60 5.53
CA LYS D 79 9.64 -32.02 5.24
C LYS D 79 10.78 -32.88 5.78
N TYR D 80 10.48 -34.15 6.01
CA TYR D 80 11.44 -35.12 6.52
C TYR D 80 10.77 -36.48 6.41
N ASN D 81 11.43 -37.44 5.76
CA ASN D 81 10.87 -38.79 5.65
C ASN D 81 9.45 -38.78 5.07
N GLY D 82 9.14 -37.81 4.21
CA GLY D 82 7.81 -37.73 3.64
C GLY D 82 6.81 -36.93 4.45
N GLU D 83 6.94 -36.95 5.77
CA GLU D 83 6.04 -36.20 6.64
C GLU D 83 6.25 -34.71 6.54
N GLU D 84 5.15 -33.96 6.53
CA GLU D 84 5.17 -32.50 6.46
C GLU D 84 5.14 -31.87 7.87
N TYR D 85 5.91 -30.80 8.06
CA TYR D 85 5.93 -30.12 9.35
C TYR D 85 5.88 -28.62 9.15
N LEU D 86 5.50 -27.90 10.19
CA LEU D 86 5.43 -26.46 10.09
C LEU D 86 6.03 -25.83 11.33
N ILE D 87 6.75 -24.74 11.14
CA ILE D 87 7.34 -24.02 12.27
C ILE D 87 6.59 -22.69 12.34
N LEU D 88 5.86 -22.48 13.43
CA LEU D 88 5.11 -21.26 13.57
C LEU D 88 5.14 -20.68 14.97
N SER D 89 4.74 -19.42 15.09
CA SER D 89 4.72 -18.75 16.38
C SER D 89 3.52 -19.24 17.14
N ALA D 90 3.66 -19.34 18.45
CA ALA D 90 2.59 -19.83 19.28
C ALA D 90 1.40 -18.90 19.22
N ARG D 91 1.61 -17.74 18.61
CA ARG D 91 0.55 -16.74 18.47
C ARG D 91 -0.38 -17.12 17.33
N ASP D 92 0.05 -18.05 16.49
CA ASP D 92 -0.76 -18.49 15.37
C ASP D 92 -1.65 -19.64 15.77
N VAL D 93 -1.40 -20.21 16.95
CA VAL D 93 -2.19 -21.31 17.40
C VAL D 93 -3.45 -20.70 17.93
N LEU D 94 -4.58 -21.16 17.40
CA LEU D 94 -5.87 -20.64 17.80
C LEU D 94 -6.46 -21.35 19.02
N ALA D 95 -6.52 -22.66 18.98
CA ALA D 95 -7.08 -23.41 20.09
C ALA D 95 -6.48 -24.79 20.17
N VAL D 96 -6.77 -25.49 21.26
CA VAL D 96 -6.29 -26.85 21.44
C VAL D 96 -7.53 -27.73 21.40
N VAL D 97 -7.50 -28.78 20.61
CA VAL D 97 -8.64 -29.67 20.48
C VAL D 97 -8.38 -30.92 21.28
N SER D 98 -9.22 -31.17 22.27
CA SER D 98 -9.03 -32.35 23.13
C SER D 98 -10.23 -33.30 23.21
N LYS D 99 -9.95 -34.56 23.46
CA LYS D 99 -11.00 -35.56 23.54
C LYS D 99 -10.88 -36.38 24.82
N LYS E 2 43.77 -13.10 10.56
CA LYS E 2 43.04 -12.39 9.45
C LYS E 2 42.03 -11.35 9.94
N VAL E 3 40.75 -11.72 10.00
CA VAL E 3 39.70 -10.81 10.46
C VAL E 3 38.58 -11.59 11.14
N ASN E 4 37.93 -10.98 12.13
CA ASN E 4 36.81 -11.66 12.80
C ASN E 4 35.61 -10.72 13.01
N ILE E 5 34.48 -11.06 12.38
CA ILE E 5 33.27 -10.23 12.46
C ILE E 5 32.51 -10.36 13.78
N LYS E 6 32.19 -9.22 14.39
CA LYS E 6 31.48 -9.22 15.67
C LYS E 6 30.11 -8.53 15.56
N PRO E 7 29.04 -9.34 15.47
CA PRO E 7 27.66 -8.85 15.36
C PRO E 7 27.27 -7.96 16.52
N LEU E 8 26.45 -6.95 16.25
CA LEU E 8 25.96 -6.03 17.27
C LEU E 8 24.54 -6.36 17.67
N GLU E 9 24.14 -5.87 18.86
CA GLU E 9 22.79 -6.10 19.40
C GLU E 9 22.43 -7.58 19.45
N ASP E 10 21.32 -7.95 18.80
CA ASP E 10 20.88 -9.34 18.79
C ASP E 10 21.07 -9.97 17.41
N LYS E 11 22.06 -9.51 16.66
CA LYS E 11 22.33 -10.06 15.34
C LYS E 11 23.34 -11.19 15.46
N ILE E 12 23.33 -12.10 14.52
CA ILE E 12 24.27 -13.21 14.55
C ILE E 12 24.84 -13.46 13.16
N LEU E 13 26.02 -14.06 13.13
CA LEU E 13 26.66 -14.37 11.87
C LEU E 13 26.45 -15.85 11.64
N VAL E 14 25.92 -16.19 10.47
CA VAL E 14 25.63 -17.56 10.15
C VAL E 14 26.34 -17.99 8.87
N GLN E 15 26.89 -19.20 8.91
CA GLN E 15 27.57 -19.72 7.76
C GLN E 15 26.61 -20.61 6.97
N ALA E 16 26.27 -20.17 5.76
CA ALA E 16 25.37 -20.91 4.90
C ALA E 16 25.97 -22.25 4.53
N ASN E 17 25.18 -23.32 4.66
CA ASN E 17 25.67 -24.64 4.30
C ASN E 17 24.95 -25.15 3.06
N GLU E 18 23.78 -24.58 2.76
CA GLU E 18 23.06 -25.02 1.59
C GLU E 18 23.93 -24.88 0.35
N ALA E 19 23.65 -25.72 -0.64
CA ALA E 19 24.36 -25.68 -1.90
C ALA E 19 23.36 -25.72 -3.09
N GLU E 20 23.80 -25.21 -4.23
CA GLU E 20 22.98 -25.17 -5.45
C GLU E 20 22.54 -26.57 -5.99
N THR E 21 21.47 -26.54 -6.77
CA THR E 21 20.88 -27.75 -7.35
C THR E 21 20.55 -27.61 -8.81
N THR E 22 21.16 -28.44 -9.65
CA THR E 22 20.92 -28.32 -11.09
C THR E 22 19.52 -28.78 -11.56
N THR E 23 19.25 -28.59 -12.85
CA THR E 23 17.98 -29.02 -13.39
C THR E 23 18.35 -30.10 -14.37
N ALA E 24 17.32 -30.71 -14.94
CA ALA E 24 17.50 -31.77 -15.90
C ALA E 24 18.31 -31.32 -17.11
N SER E 25 18.52 -30.02 -17.23
CA SER E 25 19.30 -29.50 -18.36
C SER E 25 20.66 -28.98 -17.91
N GLY E 26 20.98 -29.21 -16.65
CA GLY E 26 22.26 -28.76 -16.16
C GLY E 26 22.24 -27.32 -15.73
N LEU E 27 21.05 -26.72 -15.76
CA LEU E 27 20.88 -25.33 -15.37
C LEU E 27 20.76 -25.24 -13.86
N VAL E 28 21.10 -24.07 -13.32
CA VAL E 28 21.02 -23.85 -11.89
C VAL E 28 20.26 -22.56 -11.60
N ILE E 29 19.31 -22.62 -10.67
CA ILE E 29 18.51 -21.45 -10.31
C ILE E 29 18.68 -21.19 -8.84
N PRO E 30 19.26 -20.03 -8.53
CA PRO E 30 19.50 -19.59 -7.16
C PRO E 30 18.27 -18.92 -6.60
N ASP E 31 18.30 -18.50 -5.35
CA ASP E 31 17.14 -17.83 -4.75
C ASP E 31 17.36 -16.35 -4.52
N THR E 32 17.11 -15.53 -5.53
CA THR E 32 17.30 -14.09 -5.37
C THR E 32 16.32 -13.59 -4.29
N ALA E 33 15.05 -13.94 -4.46
CA ALA E 33 13.96 -13.57 -3.54
C ALA E 33 14.34 -13.67 -2.06
N LYS E 34 14.99 -14.78 -1.71
CA LYS E 34 15.42 -15.01 -0.33
C LYS E 34 14.22 -15.31 0.57
N GLU E 35 13.18 -15.90 -0.02
CA GLU E 35 12.00 -16.24 0.78
C GLU E 35 12.08 -17.67 1.34
N LYS E 36 12.99 -18.46 0.83
CA LYS E 36 13.14 -19.82 1.33
C LYS E 36 14.05 -19.83 2.58
N PRO E 37 13.65 -20.57 3.62
CA PRO E 37 14.49 -20.61 4.82
C PRO E 37 15.70 -21.52 4.53
N GLN E 38 16.77 -21.35 5.29
CA GLN E 38 17.98 -22.14 5.11
C GLN E 38 18.50 -22.75 6.37
N GLU E 39 19.47 -23.64 6.21
CA GLU E 39 20.10 -24.30 7.33
C GLU E 39 21.54 -23.87 7.32
N GLY E 40 22.09 -23.54 8.48
CA GLY E 40 23.46 -23.10 8.55
C GLY E 40 24.05 -23.28 9.92
N THR E 41 25.17 -22.62 10.19
CA THR E 41 25.81 -22.76 11.47
C THR E 41 26.10 -21.41 12.08
N VAL E 42 25.78 -21.26 13.35
CA VAL E 42 26.03 -20.01 14.04
C VAL E 42 27.53 -19.88 14.26
N VAL E 43 28.11 -18.82 13.71
CA VAL E 43 29.53 -18.59 13.82
C VAL E 43 29.86 -17.57 14.91
N ALA E 44 29.03 -16.54 15.03
CA ALA E 44 29.26 -15.50 16.02
C ALA E 44 27.93 -14.89 16.41
N VAL E 45 27.76 -14.56 17.68
CA VAL E 45 26.51 -13.98 18.13
C VAL E 45 26.74 -12.66 18.83
N GLY E 46 25.80 -11.74 18.65
CA GLY E 46 25.92 -10.45 19.28
C GLY E 46 25.72 -10.56 20.76
N PRO E 47 25.93 -9.47 21.49
CA PRO E 47 25.75 -9.50 22.95
C PRO E 47 24.28 -9.70 23.31
N GLY E 48 23.40 -9.14 22.48
CA GLY E 48 21.99 -9.26 22.74
C GLY E 48 21.42 -7.88 22.88
N ARG E 49 20.11 -7.74 22.71
CA ARG E 49 19.46 -6.43 22.80
C ARG E 49 19.32 -5.94 24.25
N TRP E 50 19.59 -4.65 24.48
CA TRP E 50 19.45 -4.08 25.81
C TRP E 50 17.99 -4.06 26.18
N ASP E 51 17.70 -4.31 27.45
CA ASP E 51 16.32 -4.30 27.93
C ASP E 51 15.85 -2.85 27.81
N GLU E 52 14.53 -2.64 27.76
CA GLU E 52 14.00 -1.27 27.70
C GLU E 52 14.57 -0.46 28.87
N ASP E 53 14.81 -1.15 30.01
CA ASP E 53 15.36 -0.53 31.22
C ASP E 53 16.69 0.15 30.81
N GLY E 54 17.68 -0.67 30.51
CA GLY E 54 18.98 -0.16 30.09
C GLY E 54 20.10 -0.77 30.89
N GLU E 55 19.81 -1.90 31.55
CA GLU E 55 20.80 -2.52 32.41
C GLU E 55 21.07 -3.98 32.16
N LYS E 56 20.28 -4.59 31.29
CA LYS E 56 20.48 -6.01 31.02
C LYS E 56 20.28 -6.46 29.57
N ARG E 57 21.26 -7.18 29.04
CA ARG E 57 21.19 -7.70 27.67
C ARG E 57 20.38 -9.01 27.76
N ILE E 58 19.35 -9.12 26.93
CA ILE E 58 18.55 -10.33 26.92
C ILE E 58 19.34 -11.37 26.15
N PRO E 59 19.94 -12.35 26.85
CA PRO E 59 20.74 -13.39 26.19
C PRO E 59 19.99 -14.03 25.03
N LEU E 60 20.69 -14.35 23.95
CA LEU E 60 20.03 -14.93 22.80
C LEU E 60 19.86 -16.41 23.11
N ASP E 61 19.18 -17.13 22.24
CA ASP E 61 18.99 -18.56 22.46
C ASP E 61 19.78 -19.42 21.50
N VAL E 62 20.79 -18.83 20.86
CA VAL E 62 21.62 -19.58 19.95
C VAL E 62 23.07 -19.31 20.33
N ALA E 63 23.90 -20.35 20.21
CA ALA E 63 25.29 -20.23 20.55
C ALA E 63 26.13 -20.68 19.37
N GLU E 64 27.41 -20.29 19.38
CA GLU E 64 28.28 -20.66 18.29
C GLU E 64 28.23 -22.15 18.19
N GLY E 65 28.27 -22.67 16.95
CA GLY E 65 28.24 -24.10 16.74
C GLY E 65 26.84 -24.65 16.55
N ASP E 66 25.83 -23.88 16.93
CA ASP E 66 24.46 -24.32 16.76
C ASP E 66 24.08 -24.36 15.29
N THR E 67 23.41 -25.44 14.89
CA THR E 67 22.93 -25.56 13.52
C THR E 67 21.49 -25.02 13.62
N VAL E 68 21.15 -24.08 12.76
CA VAL E 68 19.82 -23.50 12.84
C VAL E 68 19.16 -23.38 11.51
N ILE E 69 17.86 -23.18 11.53
CA ILE E 69 17.08 -23.01 10.34
C ILE E 69 16.73 -21.57 10.49
N TYR E 70 16.81 -20.81 9.41
CA TYR E 70 16.54 -19.39 9.46
C TYR E 70 15.99 -18.83 8.15
N SER E 71 15.51 -17.59 8.19
CA SER E 71 14.97 -16.91 7.03
C SER E 71 16.01 -15.93 6.55
N LYS E 72 16.27 -15.92 5.26
CA LYS E 72 17.26 -15.02 4.70
C LYS E 72 16.73 -13.62 4.58
N TYR E 73 15.42 -13.48 4.56
CA TYR E 73 14.79 -12.15 4.42
C TYR E 73 15.34 -11.20 5.47
N GLY E 74 15.80 -10.04 5.01
CA GLY E 74 16.34 -9.02 5.90
C GLY E 74 17.77 -9.30 6.25
N GLY E 75 18.27 -10.46 5.84
CA GLY E 75 19.64 -10.81 6.15
C GLY E 75 20.65 -10.15 5.23
N THR E 76 21.90 -10.06 5.67
CA THR E 76 22.94 -9.44 4.83
C THR E 76 24.03 -10.45 4.51
N GLU E 77 24.29 -10.59 3.22
CA GLU E 77 25.27 -11.55 2.73
C GLU E 77 26.69 -11.02 2.94
N ILE E 78 27.59 -11.92 3.36
CA ILE E 78 28.99 -11.59 3.59
C ILE E 78 29.88 -12.74 3.17
N LYS E 79 30.69 -12.55 2.12
CA LYS E 79 31.62 -13.58 1.60
C LYS E 79 33.08 -13.29 2.00
N TYR E 80 33.70 -14.26 2.68
CA TYR E 80 35.07 -14.17 3.15
C TYR E 80 35.74 -15.51 2.90
N ASN E 81 36.94 -15.46 2.30
CA ASN E 81 37.68 -16.66 1.89
C ASN E 81 36.65 -17.27 0.97
N GLY E 82 35.64 -16.44 0.69
CA GLY E 82 34.51 -16.80 -0.15
C GLY E 82 33.42 -17.60 0.59
N GLU E 83 33.74 -18.04 1.80
CA GLU E 83 32.75 -18.79 2.55
C GLU E 83 31.53 -17.85 2.59
N GLU E 84 30.36 -18.35 2.21
CA GLU E 84 29.17 -17.50 2.21
C GLU E 84 28.71 -17.38 3.64
N TYR E 85 28.45 -16.14 4.09
CA TYR E 85 27.94 -15.92 5.45
C TYR E 85 26.74 -15.01 5.39
N LEU E 86 25.98 -14.96 6.48
CA LEU E 86 24.82 -14.10 6.55
C LEU E 86 24.73 -13.46 7.91
N ILE E 87 24.40 -12.18 7.94
CA ILE E 87 24.22 -11.48 9.21
C ILE E 87 22.72 -11.25 9.35
N LEU E 88 22.11 -11.87 10.36
CA LEU E 88 20.68 -11.71 10.54
C LEU E 88 20.29 -11.53 11.98
N SER E 89 19.06 -11.08 12.20
CA SER E 89 18.56 -10.86 13.56
C SER E 89 18.18 -12.21 14.13
N ALA E 90 18.43 -12.38 15.43
CA ALA E 90 18.12 -13.62 16.10
C ALA E 90 16.63 -13.94 15.98
N ARG E 91 15.85 -12.93 15.63
CA ARG E 91 14.42 -13.13 15.47
C ARG E 91 14.11 -13.89 14.20
N ASP E 92 15.08 -13.97 13.29
CA ASP E 92 14.89 -14.71 12.04
C ASP E 92 15.28 -16.16 12.19
N VAL E 93 15.83 -16.49 13.35
CA VAL E 93 16.22 -17.87 13.60
C VAL E 93 14.96 -18.59 14.06
N LEU E 94 14.55 -19.58 13.29
CA LEU E 94 13.35 -20.30 13.60
C LEU E 94 13.54 -21.40 14.61
N ALA E 95 14.56 -22.24 14.41
CA ALA E 95 14.79 -23.33 15.33
C ALA E 95 16.23 -23.76 15.26
N VAL E 96 16.67 -24.50 16.26
CA VAL E 96 18.03 -25.01 16.31
C VAL E 96 17.92 -26.52 16.02
N VAL E 97 18.78 -27.03 15.14
CA VAL E 97 18.76 -28.44 14.79
C VAL E 97 19.91 -29.17 15.51
N SER E 98 19.55 -30.19 16.29
CA SER E 98 20.56 -30.92 17.04
C SER E 98 20.49 -32.45 16.87
N LYS E 99 21.60 -33.12 17.11
CA LYS E 99 21.68 -34.58 17.00
C LYS E 99 21.50 -35.22 18.36
N ALA F 1 38.60 27.70 9.92
CA ALA F 1 39.08 26.51 10.68
C ALA F 1 38.33 25.24 10.23
N LYS F 2 38.76 24.07 10.74
CA LYS F 2 38.12 22.82 10.38
C LYS F 2 37.02 22.49 11.41
N VAL F 3 35.77 22.63 10.94
CA VAL F 3 34.59 22.39 11.76
C VAL F 3 34.40 20.92 12.02
N ASN F 4 34.06 20.53 13.24
CA ASN F 4 33.82 19.11 13.50
C ASN F 4 32.32 18.87 13.69
N ILE F 5 31.88 17.68 13.30
CA ILE F 5 30.49 17.26 13.38
C ILE F 5 30.22 16.43 14.61
N LYS F 6 29.15 16.76 15.35
CA LYS F 6 28.80 16.01 16.59
C LYS F 6 27.44 15.30 16.55
N PRO F 7 27.44 14.01 16.16
CA PRO F 7 26.21 13.21 16.07
C PRO F 7 25.38 13.26 17.32
N LEU F 8 24.05 13.33 17.15
CA LEU F 8 23.11 13.36 18.26
C LEU F 8 22.53 11.98 18.53
N GLU F 9 21.93 11.84 19.70
CA GLU F 9 21.35 10.59 20.14
C GLU F 9 22.27 9.39 19.92
N ASP F 10 21.77 8.37 19.23
CA ASP F 10 22.55 7.18 18.98
C ASP F 10 23.05 7.15 17.55
N LYS F 11 23.17 8.30 16.92
CA LYS F 11 23.65 8.36 15.55
C LYS F 11 25.17 8.44 15.58
N ILE F 12 25.82 7.96 14.52
CA ILE F 12 27.27 8.00 14.47
C ILE F 12 27.71 8.46 13.10
N LEU F 13 28.89 9.06 13.03
CA LEU F 13 29.44 9.53 11.78
C LEU F 13 30.44 8.48 11.35
N VAL F 14 30.36 8.07 10.10
CA VAL F 14 31.24 7.04 9.57
C VAL F 14 31.92 7.53 8.32
N GLN F 15 33.17 7.13 8.15
CA GLN F 15 33.91 7.54 6.96
C GLN F 15 33.92 6.38 5.98
N ALA F 16 33.49 6.61 4.75
CA ALA F 16 33.40 5.51 3.80
C ALA F 16 34.60 5.20 2.93
N ASN F 17 34.71 3.95 2.52
CA ASN F 17 35.82 3.49 1.66
C ASN F 17 35.25 2.55 0.59
N GLU F 18 35.26 2.98 -0.66
CA GLU F 18 34.70 2.16 -1.71
C GLU F 18 35.72 1.71 -2.75
N ALA F 19 35.59 0.45 -3.17
CA ALA F 19 36.48 -0.12 -4.20
C ALA F 19 36.13 0.48 -5.59
N GLU F 20 36.98 0.17 -6.58
CA GLU F 20 36.77 0.67 -7.94
C GLU F 20 35.73 -0.25 -8.59
N THR F 21 34.56 0.31 -8.84
CA THR F 21 33.48 -0.47 -9.42
C THR F 21 33.54 -0.39 -10.93
N THR F 22 34.71 -0.02 -11.44
CA THR F 22 34.88 0.12 -12.87
C THR F 22 34.40 -1.12 -13.66
N THR F 23 33.36 -0.94 -14.48
CA THR F 23 32.91 -2.09 -15.26
C THR F 23 33.98 -2.22 -16.33
N ALA F 24 33.93 -3.32 -17.06
CA ALA F 24 34.88 -3.58 -18.14
C ALA F 24 34.97 -2.38 -19.06
N SER F 25 33.85 -1.74 -19.34
CA SER F 25 33.90 -0.60 -20.24
C SER F 25 34.38 0.67 -19.57
N GLY F 26 35.02 0.51 -18.41
CA GLY F 26 35.52 1.68 -17.73
C GLY F 26 34.38 2.55 -17.25
N LEU F 27 33.24 1.91 -16.99
CA LEU F 27 32.09 2.65 -16.51
C LEU F 27 31.86 2.34 -15.07
N VAL F 28 31.87 3.38 -14.23
CA VAL F 28 31.63 3.11 -12.82
C VAL F 28 30.15 3.37 -12.55
N ILE F 29 29.56 2.51 -11.72
CA ILE F 29 28.15 2.61 -11.39
C ILE F 29 27.91 2.77 -9.90
N PRO F 30 27.35 3.89 -9.48
CA PRO F 30 27.11 4.06 -8.04
C PRO F 30 25.80 3.36 -7.58
N ASP F 31 25.66 3.20 -6.27
CA ASP F 31 24.43 2.58 -5.70
C ASP F 31 23.54 3.68 -5.12
N THR F 32 22.55 4.10 -5.91
CA THR F 32 21.63 5.14 -5.49
C THR F 32 20.72 4.65 -4.36
N ALA F 33 20.11 3.49 -4.54
CA ALA F 33 19.21 2.94 -3.53
C ALA F 33 19.89 2.73 -2.19
N LYS F 34 21.22 2.75 -2.19
CA LYS F 34 22.00 2.56 -0.98
C LYS F 34 21.55 1.29 -0.28
N GLU F 35 21.18 0.29 -1.08
CA GLU F 35 20.75 -0.98 -0.53
C GLU F 35 21.92 -1.87 -0.08
N LYS F 36 23.03 -1.77 -0.80
CA LYS F 36 24.22 -2.58 -0.50
C LYS F 36 24.91 -2.10 0.77
N PRO F 37 25.25 -3.02 1.68
CA PRO F 37 25.93 -2.60 2.91
C PRO F 37 27.39 -2.28 2.58
N GLN F 38 28.04 -1.51 3.44
CA GLN F 38 29.42 -1.11 3.22
C GLN F 38 30.28 -1.23 4.47
N GLU F 39 31.56 -1.01 4.28
CA GLU F 39 32.50 -1.06 5.39
C GLU F 39 33.08 0.32 5.52
N GLY F 40 33.22 0.79 6.76
CA GLY F 40 33.76 2.11 6.96
C GLY F 40 34.40 2.27 8.32
N THR F 41 34.74 3.50 8.66
CA THR F 41 35.37 3.75 9.95
C THR F 41 34.56 4.71 10.80
N VAL F 42 34.38 4.36 12.06
CA VAL F 42 33.63 5.22 12.93
C VAL F 42 34.49 6.40 13.28
N VAL F 43 34.05 7.57 12.87
CA VAL F 43 34.77 8.82 13.13
C VAL F 43 34.27 9.57 14.37
N ALA F 44 32.96 9.59 14.57
CA ALA F 44 32.37 10.26 15.73
C ALA F 44 31.14 9.50 16.15
N VAL F 45 30.83 9.52 17.45
CA VAL F 45 29.67 8.81 17.94
C VAL F 45 28.81 9.72 18.77
N GLY F 46 27.51 9.45 18.75
CA GLY F 46 26.59 10.26 19.53
C GLY F 46 26.64 9.85 21.00
N PRO F 47 26.05 10.65 21.89
CA PRO F 47 26.06 10.31 23.30
C PRO F 47 25.28 9.03 23.58
N GLY F 48 24.31 8.75 22.73
CA GLY F 48 23.51 7.54 22.91
C GLY F 48 22.10 7.99 23.27
N ARG F 49 21.11 7.12 23.06
CA ARG F 49 19.73 7.51 23.33
C ARG F 49 19.39 7.38 24.80
N TRP F 50 18.49 8.26 25.26
CA TRP F 50 18.05 8.23 26.64
C TRP F 50 17.16 7.02 26.84
N ASP F 51 17.04 6.60 28.09
CA ASP F 51 16.19 5.47 28.39
C ASP F 51 14.74 5.97 28.61
N GLU F 52 13.80 5.04 28.71
CA GLU F 52 12.38 5.39 28.90
C GLU F 52 12.23 6.22 30.21
N ASP F 53 12.79 5.68 31.30
CA ASP F 53 12.75 6.35 32.61
C ASP F 53 13.42 7.75 32.53
N GLY F 54 14.65 7.80 32.02
CA GLY F 54 15.34 9.07 31.92
C GLY F 54 16.46 9.16 32.97
N GLU F 55 17.20 8.06 33.15
CA GLU F 55 18.27 8.03 34.16
C GLU F 55 19.63 7.64 33.57
N LYS F 56 19.64 7.32 32.27
CA LYS F 56 20.88 6.90 31.58
C LYS F 56 20.81 6.98 30.06
N ARG F 57 21.97 7.17 29.44
CA ARG F 57 22.07 7.14 27.99
C ARG F 57 22.64 5.72 27.78
N ILE F 58 21.97 4.91 26.97
CA ILE F 58 22.45 3.55 26.73
C ILE F 58 23.65 3.69 25.82
N PRO F 59 24.86 3.44 26.35
CA PRO F 59 26.10 3.55 25.56
C PRO F 59 25.99 2.76 24.25
N LEU F 60 26.67 3.23 23.20
CA LEU F 60 26.61 2.56 21.93
C LEU F 60 27.63 1.46 21.96
N ASP F 61 27.58 0.56 20.98
CA ASP F 61 28.53 -0.53 20.95
C ASP F 61 29.63 -0.33 19.93
N VAL F 62 29.88 0.92 19.57
CA VAL F 62 30.94 1.22 18.63
C VAL F 62 31.68 2.43 19.17
N ALA F 63 32.94 2.54 18.77
CA ALA F 63 33.78 3.65 19.19
C ALA F 63 34.62 4.11 18.01
N GLU F 64 35.22 5.28 18.16
CA GLU F 64 36.04 5.85 17.09
C GLU F 64 37.12 4.87 16.76
N GLY F 65 37.40 4.70 15.48
CA GLY F 65 38.45 3.78 15.10
C GLY F 65 37.90 2.42 14.70
N ASP F 66 36.74 2.07 15.23
CA ASP F 66 36.13 0.79 14.89
C ASP F 66 35.78 0.72 13.44
N THR F 67 36.17 -0.38 12.82
CA THR F 67 35.83 -0.56 11.44
C THR F 67 34.52 -1.30 11.56
N VAL F 68 33.52 -0.87 10.79
CA VAL F 68 32.21 -1.49 10.86
C VAL F 68 31.56 -1.85 9.54
N ILE F 69 30.53 -2.69 9.61
CA ILE F 69 29.75 -3.06 8.45
C ILE F 69 28.39 -2.42 8.71
N TYR F 70 27.88 -1.69 7.74
CA TYR F 70 26.61 -1.01 7.93
C TYR F 70 25.73 -0.89 6.68
N SER F 71 24.46 -0.55 6.89
CA SER F 71 23.52 -0.38 5.79
C SER F 71 23.41 1.11 5.53
N LYS F 72 23.51 1.50 4.26
CA LYS F 72 23.45 2.90 3.87
C LYS F 72 22.02 3.46 3.96
N TYR F 73 21.05 2.55 3.94
CA TYR F 73 19.67 2.98 3.98
C TYR F 73 19.41 3.83 5.22
N GLY F 74 18.75 4.95 5.03
CA GLY F 74 18.45 5.82 6.15
C GLY F 74 19.61 6.70 6.51
N GLY F 75 20.77 6.43 5.91
CA GLY F 75 21.96 7.22 6.18
C GLY F 75 21.96 8.56 5.45
N THR F 76 22.78 9.48 5.91
CA THR F 76 22.87 10.79 5.28
C THR F 76 24.30 11.10 4.88
N GLU F 77 24.52 11.20 3.58
CA GLU F 77 25.84 11.49 3.04
C GLU F 77 26.34 12.88 3.40
N ILE F 78 27.61 12.99 3.76
CA ILE F 78 28.21 14.28 4.08
C ILE F 78 29.63 14.32 3.54
N LYS F 79 29.85 15.15 2.52
CA LYS F 79 31.17 15.27 1.93
C LYS F 79 31.95 16.46 2.50
N TYR F 80 33.08 16.19 3.17
CA TYR F 80 33.92 17.24 3.72
C TYR F 80 35.34 17.00 3.22
N ASN F 81 35.86 17.98 2.50
CA ASN F 81 37.19 17.96 1.88
C ASN F 81 37.35 16.89 0.80
N GLY F 82 36.27 16.66 0.07
CA GLY F 82 36.29 15.68 -0.99
C GLY F 82 35.90 14.30 -0.51
N GLU F 83 36.26 14.00 0.75
CA GLU F 83 35.96 12.71 1.39
C GLU F 83 34.47 12.53 1.68
N GLU F 84 34.01 11.29 1.60
CA GLU F 84 32.60 11.00 1.84
C GLU F 84 32.33 10.41 3.23
N TYR F 85 31.43 11.06 3.96
CA TYR F 85 31.04 10.59 5.29
C TYR F 85 29.56 10.25 5.29
N LEU F 86 29.13 9.51 6.31
CA LEU F 86 27.74 9.14 6.43
C LEU F 86 27.30 9.24 7.87
N ILE F 87 26.11 9.78 8.09
CA ILE F 87 25.55 9.86 9.43
C ILE F 87 24.44 8.84 9.48
N LEU F 88 24.56 7.86 10.36
CA LEU F 88 23.54 6.83 10.45
C LEU F 88 23.22 6.42 11.87
N SER F 89 22.09 5.74 12.05
CA SER F 89 21.68 5.28 13.36
C SER F 89 22.54 4.09 13.73
N ALA F 90 22.86 3.98 15.01
CA ALA F 90 23.72 2.89 15.46
C ALA F 90 23.04 1.56 15.18
N ARG F 91 21.72 1.61 14.99
CA ARG F 91 20.94 0.42 14.70
C ARG F 91 21.27 -0.11 13.31
N ASP F 92 21.81 0.75 12.45
CA ASP F 92 22.17 0.34 11.10
C ASP F 92 23.52 -0.37 11.08
N VAL F 93 24.28 -0.25 12.16
CA VAL F 93 25.58 -0.89 12.20
C VAL F 93 25.31 -2.36 12.45
N LEU F 94 25.86 -3.21 11.59
CA LEU F 94 25.65 -4.64 11.68
C LEU F 94 26.70 -5.33 12.52
N ALA F 95 27.96 -5.11 12.20
CA ALA F 95 29.02 -5.76 12.95
C ALA F 95 30.30 -4.90 12.95
N VAL F 96 31.18 -5.16 13.91
CA VAL F 96 32.43 -4.44 14.00
C VAL F 96 33.46 -5.41 13.50
N VAL F 97 34.29 -4.95 12.56
CA VAL F 97 35.35 -5.79 12.01
C VAL F 97 36.68 -5.46 12.70
N SER F 98 37.29 -6.46 13.32
CA SER F 98 38.56 -6.25 14.02
C SER F 98 39.71 -7.12 13.52
N LYS F 99 40.90 -6.51 13.42
CA LYS F 99 42.09 -7.24 12.95
C LYS F 99 42.42 -8.37 13.93
N ALA G 1 6.59 42.50 22.56
CA ALA G 1 6.13 43.50 21.52
C ALA G 1 6.35 42.92 20.12
N LYS G 2 6.86 41.68 20.09
CA LYS G 2 7.10 40.99 18.82
C LYS G 2 6.70 39.51 18.88
N VAL G 3 6.25 38.98 17.75
CA VAL G 3 5.84 37.59 17.66
C VAL G 3 6.99 36.64 17.93
N ASN G 4 6.76 35.74 18.87
CA ASN G 4 7.77 34.77 19.26
C ASN G 4 7.18 33.33 19.17
N ILE G 5 7.78 32.48 18.33
CA ILE G 5 7.33 31.09 18.18
C ILE G 5 7.91 30.11 19.20
N LYS G 6 7.04 29.45 19.95
CA LYS G 6 7.43 28.50 20.97
C LYS G 6 7.03 27.05 20.64
N PRO G 7 7.99 26.20 20.32
CA PRO G 7 7.84 24.79 19.95
C PRO G 7 7.41 23.87 21.10
N LEU G 8 6.36 23.07 20.88
CA LEU G 8 5.89 22.16 21.93
C LEU G 8 6.69 20.90 21.83
N GLU G 9 6.50 20.02 22.80
CA GLU G 9 7.22 18.75 22.85
C GLU G 9 8.71 18.88 22.54
N ASP G 10 9.24 17.92 21.79
CA ASP G 10 10.64 17.90 21.41
C ASP G 10 10.86 18.51 20.02
N LYS G 11 9.99 19.43 19.64
CA LYS G 11 10.15 20.06 18.35
C LYS G 11 11.04 21.30 18.49
N ILE G 12 11.68 21.71 17.40
CA ILE G 12 12.50 22.88 17.46
C ILE G 12 12.31 23.73 16.23
N LEU G 13 12.55 25.02 16.39
CA LEU G 13 12.43 25.95 15.28
C LEU G 13 13.85 26.17 14.75
N VAL G 14 14.02 25.98 13.46
CA VAL G 14 15.32 26.15 12.84
C VAL G 14 15.25 27.14 11.71
N GLN G 15 16.31 27.92 11.53
CA GLN G 15 16.38 28.92 10.47
C GLN G 15 17.30 28.50 9.34
N ALA G 16 16.97 28.99 8.14
CA ALA G 16 17.63 28.72 6.88
C ALA G 16 18.97 29.41 6.53
N ASN G 17 20.02 28.59 6.48
CA ASN G 17 21.35 29.07 6.12
C ASN G 17 21.78 28.58 4.75
N GLU G 18 20.82 28.15 3.94
CA GLU G 18 21.10 27.66 2.61
C GLU G 18 20.13 28.27 1.61
N ALA G 19 20.51 28.26 0.33
CA ALA G 19 19.68 28.80 -0.72
C ALA G 19 19.15 27.67 -1.61
N GLU G 20 18.14 28.00 -2.43
CA GLU G 20 17.55 27.00 -3.33
C GLU G 20 18.58 26.49 -4.31
N THR G 21 18.38 25.25 -4.75
CA THR G 21 19.29 24.63 -5.69
C THR G 21 19.29 25.39 -7.01
N THR G 22 20.49 25.83 -7.39
CA THR G 22 20.74 26.62 -8.58
C THR G 22 21.04 25.75 -9.82
N THR G 23 20.89 26.37 -11.00
CA THR G 23 21.09 25.71 -12.30
C THR G 23 22.07 26.43 -13.22
N ALA G 24 22.52 25.75 -14.28
CA ALA G 24 23.45 26.32 -15.24
C ALA G 24 22.83 27.34 -16.19
N SER G 25 21.53 27.54 -16.11
CA SER G 25 20.86 28.50 -17.00
C SER G 25 20.29 29.63 -16.17
N GLY G 26 20.44 29.46 -14.87
CA GLY G 26 19.95 30.43 -13.91
C GLY G 26 18.64 30.09 -13.22
N LEU G 27 17.89 29.16 -13.80
CA LEU G 27 16.62 28.74 -13.22
C LEU G 27 16.78 28.14 -11.80
N VAL G 28 15.97 28.63 -10.89
CA VAL G 28 16.03 28.17 -9.52
C VAL G 28 15.10 26.98 -9.30
N ILE G 29 15.69 25.83 -8.94
CA ILE G 29 14.89 24.64 -8.73
C ILE G 29 14.68 24.35 -7.25
N PRO G 30 13.53 24.79 -6.68
CA PRO G 30 13.29 24.52 -5.26
C PRO G 30 12.95 23.07 -5.02
N ASP G 31 13.14 22.64 -3.78
CA ASP G 31 12.80 21.29 -3.38
C ASP G 31 11.53 21.24 -2.55
N THR G 32 10.45 20.81 -3.19
CA THR G 32 9.15 20.69 -2.58
C THR G 32 9.09 19.44 -1.70
N ALA G 33 9.66 18.35 -2.21
CA ALA G 33 9.67 17.07 -1.52
C ALA G 33 10.36 17.18 -0.15
N LYS G 34 11.41 18.00 -0.07
CA LYS G 34 12.17 18.18 1.17
C LYS G 34 12.84 16.84 1.54
N GLU G 35 13.72 16.33 0.67
CA GLU G 35 14.40 15.05 0.96
C GLU G 35 15.88 15.19 1.19
N LYS G 36 16.42 16.34 0.83
CA LYS G 36 17.83 16.61 1.03
C LYS G 36 18.01 17.20 2.41
N PRO G 37 19.05 16.77 3.14
CA PRO G 37 19.26 17.32 4.48
C PRO G 37 19.81 18.72 4.34
N GLN G 38 19.59 19.55 5.36
CA GLN G 38 20.06 20.93 5.34
C GLN G 38 20.85 21.30 6.58
N GLU G 39 21.35 22.53 6.55
CA GLU G 39 22.11 23.06 7.66
C GLU G 39 21.43 24.37 8.07
N GLY G 40 21.21 24.53 9.37
CA GLY G 40 20.56 25.72 9.83
C GLY G 40 20.90 26.05 11.27
N THR G 41 20.25 27.07 11.80
CA THR G 41 20.52 27.50 13.16
C THR G 41 19.29 27.32 14.05
N VAL G 42 19.50 26.66 15.18
CA VAL G 42 18.41 26.45 16.09
C VAL G 42 18.01 27.78 16.67
N VAL G 43 16.77 28.18 16.42
CA VAL G 43 16.29 29.46 16.90
C VAL G 43 15.48 29.33 18.18
N ALA G 44 14.80 28.21 18.34
CA ALA G 44 13.99 27.97 19.52
C ALA G 44 13.82 26.48 19.69
N VAL G 45 13.74 26.03 20.95
CA VAL G 45 13.58 24.61 21.21
C VAL G 45 12.40 24.35 22.12
N GLY G 46 11.80 23.17 21.98
CA GLY G 46 10.68 22.82 22.82
C GLY G 46 11.18 22.39 24.19
N PRO G 47 10.27 22.26 25.17
CA PRO G 47 10.65 21.85 26.51
C PRO G 47 11.22 20.44 26.52
N GLY G 48 10.75 19.62 25.58
CA GLY G 48 11.24 18.25 25.50
C GLY G 48 10.04 17.35 25.70
N ARG G 49 10.18 16.08 25.36
CA ARG G 49 9.05 15.16 25.52
C ARG G 49 8.98 14.52 26.91
N TRP G 50 7.78 14.50 27.49
CA TRP G 50 7.60 13.92 28.82
C TRP G 50 8.10 12.49 28.83
N ASP G 51 8.70 12.07 29.95
CA ASP G 51 9.19 10.69 30.08
C ASP G 51 8.03 9.68 29.95
N GLU G 52 7.54 9.19 31.08
CA GLU G 52 6.44 8.24 31.08
C GLU G 52 5.62 8.50 32.35
N ASP G 53 6.37 8.61 33.46
CA ASP G 53 5.81 8.87 34.79
C ASP G 53 5.09 10.24 34.77
N GLY G 54 5.26 10.96 33.65
CA GLY G 54 4.67 12.28 33.48
C GLY G 54 5.44 13.19 34.42
N GLU G 55 6.60 12.71 34.86
CA GLU G 55 7.45 13.43 35.81
C GLU G 55 8.45 14.47 35.27
N LYS G 56 9.24 14.05 34.31
CA LYS G 56 10.27 14.92 33.79
C LYS G 56 10.28 14.97 32.26
N ARG G 57 10.74 16.11 31.72
CA ARG G 57 10.91 16.29 30.27
C ARG G 57 12.36 15.87 29.94
N ILE G 58 12.52 15.01 28.93
CA ILE G 58 13.83 14.58 28.48
C ILE G 58 14.42 15.75 27.73
N PRO G 59 15.43 16.43 28.33
CA PRO G 59 16.07 17.59 27.70
C PRO G 59 16.53 17.26 26.28
N LEU G 60 16.53 18.26 25.41
CA LEU G 60 16.93 18.05 24.03
C LEU G 60 18.43 18.21 23.96
N ASP G 61 19.04 17.72 22.89
CA ASP G 61 20.48 17.86 22.76
C ASP G 61 20.90 19.00 21.86
N VAL G 62 20.03 19.99 21.71
CA VAL G 62 20.36 21.14 20.90
C VAL G 62 19.89 22.38 21.65
N ALA G 63 20.60 23.48 21.43
CA ALA G 63 20.26 24.73 22.09
C ALA G 63 20.25 25.83 21.07
N GLU G 64 19.63 26.96 21.43
CA GLU G 64 19.56 28.08 20.52
C GLU G 64 20.98 28.46 20.17
N GLY G 65 21.21 28.78 18.90
CA GLY G 65 22.53 29.15 18.46
C GLY G 65 23.28 28.02 17.77
N ASP G 66 22.93 26.77 18.13
CA ASP G 66 23.61 25.64 17.53
C ASP G 66 23.37 25.55 16.04
N THR G 67 24.39 25.10 15.33
CA THR G 67 24.25 24.95 13.91
C THR G 67 24.02 23.47 13.82
N VAL G 68 22.99 23.09 13.11
CA VAL G 68 22.67 21.68 12.98
C VAL G 68 22.43 21.24 11.57
N ILE G 69 22.55 19.93 11.38
CA ILE G 69 22.31 19.31 10.09
C ILE G 69 21.02 18.55 10.35
N TYR G 70 20.01 18.75 9.53
CA TYR G 70 18.72 18.11 9.74
C TYR G 70 18.02 17.68 8.45
N SER G 71 17.00 16.83 8.60
CA SER G 71 16.21 16.35 7.47
C SER G 71 14.96 17.22 7.41
N LYS G 72 14.61 17.69 6.22
CA LYS G 72 13.43 18.54 6.06
C LYS G 72 12.15 17.74 6.07
N TYR G 73 12.28 16.45 5.83
CA TYR G 73 11.09 15.61 5.80
C TYR G 73 10.31 15.70 7.11
N GLY G 74 9.02 15.83 7.01
CA GLY G 74 8.21 15.93 8.22
C GLY G 74 8.23 17.30 8.83
N GLY G 75 9.11 18.16 8.30
CA GLY G 75 9.24 19.51 8.80
C GLY G 75 8.15 20.42 8.30
N THR G 76 7.93 21.54 8.98
CA THR G 76 6.90 22.47 8.56
C THR G 76 7.51 23.83 8.34
N GLU G 77 7.43 24.30 7.10
CA GLU G 77 8.00 25.58 6.74
C GLU G 77 7.24 26.74 7.32
N ILE G 78 7.95 27.77 7.74
CA ILE G 78 7.32 28.96 8.31
C ILE G 78 8.10 30.19 7.89
N LYS G 79 7.41 31.14 7.30
CA LYS G 79 8.05 32.36 6.87
C LYS G 79 7.53 33.49 7.74
N TYR G 80 8.46 34.31 8.26
CA TYR G 80 8.11 35.46 9.09
C TYR G 80 9.12 36.60 9.01
N ASN G 81 8.65 37.77 8.64
CA ASN G 81 9.53 38.91 8.52
C ASN G 81 10.41 38.68 7.29
N GLY G 82 10.04 37.74 6.44
CA GLY G 82 10.82 37.47 5.24
C GLY G 82 11.91 36.43 5.36
N GLU G 83 12.01 35.77 6.51
CA GLU G 83 13.01 34.74 6.74
C GLU G 83 12.31 33.40 6.71
N GLU G 84 13.00 32.37 6.20
CA GLU G 84 12.46 31.02 6.10
C GLU G 84 12.81 30.20 7.34
N TYR G 85 11.82 29.55 7.98
CA TYR G 85 12.06 28.74 9.17
C TYR G 85 11.47 27.36 9.01
N LEU G 86 11.86 26.44 9.89
CA LEU G 86 11.34 25.09 9.83
C LEU G 86 11.09 24.57 11.25
N ILE G 87 9.93 23.95 11.44
CA ILE G 87 9.60 23.37 12.73
C ILE G 87 9.71 21.87 12.53
N LEU G 88 10.60 21.23 13.26
CA LEU G 88 10.79 19.80 13.13
C LEU G 88 11.05 19.10 14.44
N SER G 89 10.90 17.78 14.42
CA SER G 89 11.12 16.98 15.62
C SER G 89 12.60 16.94 15.88
N ALA G 90 12.95 16.84 17.16
CA ALA G 90 14.35 16.80 17.55
C ALA G 90 15.01 15.51 17.07
N ARG G 91 14.18 14.59 16.59
CA ARG G 91 14.66 13.33 16.07
C ARG G 91 15.21 13.49 14.64
N ASP G 92 14.78 14.55 13.96
CA ASP G 92 15.24 14.82 12.61
C ASP G 92 16.58 15.53 12.60
N VAL G 93 17.04 15.94 13.77
CA VAL G 93 18.33 16.62 13.85
C VAL G 93 19.37 15.53 13.87
N LEU G 94 20.23 15.56 12.87
CA LEU G 94 21.27 14.54 12.73
C LEU G 94 22.52 14.81 13.58
N ALA G 95 23.08 16.00 13.47
CA ALA G 95 24.26 16.33 14.22
C ALA G 95 24.38 17.83 14.42
N VAL G 96 25.23 18.22 15.35
CA VAL G 96 25.46 19.62 15.61
C VAL G 96 26.81 19.94 15.00
N VAL G 97 26.90 21.04 14.28
CA VAL G 97 28.15 21.45 13.65
C VAL G 97 28.77 22.60 14.43
N SER G 98 30.01 22.41 14.88
CA SER G 98 30.67 23.46 15.66
C SER G 98 32.07 23.79 15.17
N LYS G 99 32.39 25.08 15.20
CA LYS G 99 33.71 25.58 14.80
C LYS G 99 34.80 25.00 15.73
N ALA H 1 -40.56 15.01 -5.70
CA ALA H 1 -41.57 15.66 -6.62
C ALA H 1 -41.74 14.96 -7.99
N LYS H 2 -41.95 13.63 -7.96
CA LYS H 2 -42.15 12.82 -9.18
C LYS H 2 -40.91 12.92 -10.07
N VAL H 3 -39.78 13.07 -9.39
CA VAL H 3 -38.49 13.18 -10.04
C VAL H 3 -38.13 11.83 -10.65
N ASN H 4 -37.54 11.86 -11.84
CA ASN H 4 -37.12 10.65 -12.49
C ASN H 4 -35.60 10.66 -12.70
N ILE H 5 -34.92 9.70 -12.07
CA ILE H 5 -33.47 9.53 -12.12
C ILE H 5 -32.99 8.84 -13.39
N LYS H 6 -32.19 9.54 -14.18
CA LYS H 6 -31.67 8.99 -15.43
C LYS H 6 -30.16 8.77 -15.34
N PRO H 7 -29.74 7.53 -15.12
CA PRO H 7 -28.34 7.11 -15.01
C PRO H 7 -27.53 7.43 -16.25
N LEU H 8 -26.28 7.83 -16.06
CA LEU H 8 -25.41 8.17 -17.16
C LEU H 8 -24.51 7.01 -17.53
N GLU H 9 -23.95 7.06 -18.73
CA GLU H 9 -23.08 6.01 -19.22
C GLU H 9 -23.70 4.62 -19.06
N ASP H 10 -22.93 3.67 -18.53
CA ASP H 10 -23.39 2.30 -18.33
C ASP H 10 -23.85 2.05 -16.90
N LYS H 11 -24.28 3.09 -16.22
CA LYS H 11 -24.72 2.94 -14.85
C LYS H 11 -26.21 2.62 -14.85
N ILE H 12 -26.70 1.97 -13.81
CA ILE H 12 -28.12 1.65 -13.74
C ILE H 12 -28.61 1.93 -12.36
N LEU H 13 -29.92 2.11 -12.24
CA LEU H 13 -30.54 2.37 -10.97
C LEU H 13 -31.26 1.09 -10.58
N VAL H 14 -30.95 0.59 -9.40
CA VAL H 14 -31.57 -0.63 -8.95
C VAL H 14 -32.30 -0.42 -7.64
N GLN H 15 -33.47 -1.01 -7.52
CA GLN H 15 -34.25 -0.90 -6.29
C GLN H 15 -33.91 -2.08 -5.41
N ALA H 16 -33.67 -1.81 -4.14
CA ALA H 16 -33.33 -2.86 -3.19
C ALA H 16 -34.41 -3.95 -2.85
N ASN H 17 -34.25 -5.15 -3.39
CA ASN H 17 -35.23 -6.22 -3.14
C ASN H 17 -34.91 -6.99 -1.83
N GLU H 18 -33.75 -6.72 -1.24
CA GLU H 18 -33.32 -7.37 0.00
C GLU H 18 -33.85 -6.61 1.25
N ALA H 19 -33.91 -7.33 2.36
CA ALA H 19 -34.33 -6.76 3.63
C ALA H 19 -33.34 -7.31 4.68
N GLU H 20 -32.72 -6.42 5.46
CA GLU H 20 -31.74 -6.78 6.52
C GLU H 20 -32.35 -7.70 7.59
N THR H 21 -31.89 -8.94 7.70
CA THR H 21 -32.50 -9.85 8.69
C THR H 21 -32.17 -9.60 10.18
N THR H 22 -33.20 -9.70 11.02
CA THR H 22 -33.06 -9.49 12.46
C THR H 22 -32.36 -10.67 13.15
N THR H 23 -31.71 -10.40 14.29
CA THR H 23 -30.99 -11.41 15.02
C THR H 23 -31.99 -12.10 15.91
N ALA H 24 -31.56 -13.14 16.62
CA ALA H 24 -32.45 -13.87 17.52
C ALA H 24 -32.93 -13.00 18.69
N SER H 25 -32.20 -11.92 18.97
CA SER H 25 -32.62 -11.07 20.06
C SER H 25 -33.48 -9.99 19.45
N GLY H 26 -33.67 -10.13 18.14
CA GLY H 26 -34.48 -9.17 17.43
C GLY H 26 -33.78 -7.85 17.36
N LEU H 27 -32.65 -7.84 16.65
CA LEU H 27 -31.86 -6.62 16.48
C LEU H 27 -31.41 -6.69 15.05
N VAL H 28 -31.34 -5.54 14.37
CA VAL H 28 -30.95 -5.53 12.98
C VAL H 28 -29.52 -5.08 12.70
N ILE H 29 -28.85 -5.79 11.78
CA ILE H 29 -27.46 -5.51 11.43
C ILE H 29 -27.22 -5.10 9.97
N PRO H 30 -27.41 -3.83 9.67
CA PRO H 30 -27.19 -3.35 8.29
C PRO H 30 -25.77 -3.61 7.73
N ASP H 31 -25.69 -3.91 6.44
CA ASP H 31 -24.40 -4.15 5.78
C ASP H 31 -23.71 -2.83 5.47
N THR H 32 -23.05 -2.28 6.49
CA THR H 32 -22.33 -1.02 6.33
C THR H 32 -21.27 -1.08 5.21
N ALA H 33 -20.43 -2.11 5.26
CA ALA H 33 -19.36 -2.29 4.29
C ALA H 33 -19.81 -2.44 2.82
N LYS H 34 -21.01 -2.99 2.61
CA LYS H 34 -21.53 -3.18 1.26
C LYS H 34 -20.70 -4.19 0.44
N GLU H 35 -20.33 -5.32 1.05
CA GLU H 35 -19.55 -6.31 0.35
C GLU H 35 -20.37 -7.48 -0.13
N LYS H 36 -21.39 -7.83 0.63
CA LYS H 36 -22.24 -8.93 0.24
C LYS H 36 -23.05 -8.55 -0.99
N PRO H 37 -23.17 -9.46 -1.95
CA PRO H 37 -23.95 -9.13 -3.14
C PRO H 37 -25.44 -9.12 -2.78
N GLN H 38 -26.27 -8.48 -3.61
CA GLN H 38 -27.70 -8.43 -3.35
C GLN H 38 -28.53 -8.70 -4.57
N GLU H 39 -29.83 -8.84 -4.35
CA GLU H 39 -30.76 -9.09 -5.43
C GLU H 39 -31.69 -7.88 -5.48
N GLY H 40 -31.99 -7.39 -6.68
CA GLY H 40 -32.87 -6.25 -6.78
C GLY H 40 -33.52 -6.16 -8.14
N THR H 41 -34.23 -5.07 -8.38
CA THR H 41 -34.89 -4.88 -9.66
C THR H 41 -34.35 -3.66 -10.38
N VAL H 42 -34.09 -3.82 -11.67
CA VAL H 42 -33.59 -2.72 -12.49
C VAL H 42 -34.74 -1.75 -12.72
N VAL H 43 -34.53 -0.51 -12.30
CA VAL H 43 -35.53 0.53 -12.42
C VAL H 43 -35.25 1.50 -13.56
N ALA H 44 -33.98 1.75 -13.81
CA ALA H 44 -33.57 2.66 -14.87
C ALA H 44 -32.19 2.27 -15.36
N VAL H 45 -31.94 2.42 -16.66
CA VAL H 45 -30.63 2.07 -17.17
C VAL H 45 -30.02 3.23 -17.92
N GLY H 46 -28.70 3.24 -18.00
CA GLY H 46 -28.02 4.30 -18.70
C GLY H 46 -28.01 4.00 -20.18
N PRO H 47 -27.68 4.99 -21.01
CA PRO H 47 -27.66 4.78 -22.46
C PRO H 47 -26.59 3.75 -22.86
N GLY H 48 -25.54 3.64 -22.07
CA GLY H 48 -24.48 2.71 -22.39
C GLY H 48 -23.18 3.47 -22.53
N ARG H 49 -22.05 2.79 -22.45
CA ARG H 49 -20.78 3.47 -22.57
C ARG H 49 -20.34 3.66 -24.03
N TRP H 50 -19.72 4.82 -24.28
CA TRP H 50 -19.18 5.17 -25.58
C TRP H 50 -18.01 4.29 -25.84
N ASP H 51 -18.00 3.67 -27.01
CA ASP H 51 -16.87 2.83 -27.38
C ASP H 51 -15.64 3.77 -27.44
N GLU H 52 -14.48 3.22 -27.81
CA GLU H 52 -13.24 4.03 -27.90
C GLU H 52 -13.49 5.33 -28.64
N ASP H 53 -13.43 5.23 -29.96
CA ASP H 53 -13.58 6.35 -30.87
C ASP H 53 -14.83 7.24 -30.61
N GLY H 54 -15.87 6.68 -29.99
CA GLY H 54 -17.06 7.49 -29.75
C GLY H 54 -18.09 7.47 -30.87
N GLU H 55 -18.15 6.33 -31.57
CA GLU H 55 -19.09 6.10 -32.67
C GLU H 55 -20.42 5.52 -32.16
N LYS H 56 -20.38 4.38 -31.46
CA LYS H 56 -21.64 3.79 -30.95
C LYS H 56 -21.69 3.51 -29.43
N ARG H 57 -22.92 3.44 -28.93
CA ARG H 57 -23.18 3.19 -27.53
C ARG H 57 -23.20 1.66 -27.41
N ILE H 58 -22.51 1.07 -26.43
CA ILE H 58 -22.55 -0.37 -26.27
C ILE H 58 -23.77 -0.65 -25.40
N PRO H 59 -24.86 -1.18 -25.98
CA PRO H 59 -26.07 -1.50 -25.23
C PRO H 59 -25.78 -2.36 -24.00
N LEU H 60 -26.52 -2.12 -22.92
CA LEU H 60 -26.30 -2.87 -21.68
C LEU H 60 -27.02 -4.20 -21.82
N ASP H 61 -26.74 -5.12 -20.91
CA ASP H 61 -27.39 -6.41 -20.98
C ASP H 61 -28.51 -6.54 -19.97
N VAL H 62 -28.89 -5.44 -19.36
CA VAL H 62 -29.98 -5.49 -18.40
C VAL H 62 -31.01 -4.48 -18.84
N ALA H 63 -32.27 -4.75 -18.52
CA ALA H 63 -33.34 -3.85 -18.89
C ALA H 63 -34.19 -3.57 -17.67
N GLU H 64 -35.07 -2.58 -17.76
CA GLU H 64 -35.93 -2.25 -16.64
C GLU H 64 -36.81 -3.46 -16.37
N GLY H 65 -37.04 -3.74 -15.09
CA GLY H 65 -37.88 -4.89 -14.75
C GLY H 65 -37.09 -6.15 -14.49
N ASP H 66 -35.86 -6.21 -14.99
CA ASP H 66 -35.01 -7.37 -14.76
C ASP H 66 -34.64 -7.50 -13.30
N THR H 67 -34.61 -8.74 -12.83
CA THR H 67 -34.21 -8.99 -11.47
C THR H 67 -32.76 -9.32 -11.65
N VAL H 68 -31.92 -8.73 -10.81
CA VAL H 68 -30.51 -8.96 -10.94
C VAL H 68 -29.80 -9.24 -9.63
N ILE H 69 -28.59 -9.79 -9.75
CA ILE H 69 -27.73 -10.08 -8.61
C ILE H 69 -26.59 -9.11 -8.85
N TYR H 70 -26.20 -8.39 -7.80
CA TYR H 70 -25.14 -7.42 -7.98
C TYR H 70 -24.31 -7.20 -6.73
N SER H 71 -23.24 -6.43 -6.86
CA SER H 71 -22.39 -6.11 -5.73
C SER H 71 -22.57 -4.63 -5.40
N LYS H 72 -22.74 -4.33 -4.12
CA LYS H 72 -22.93 -2.95 -3.68
C LYS H 72 -21.64 -2.15 -3.61
N TYR H 73 -20.50 -2.82 -3.72
CA TYR H 73 -19.21 -2.13 -3.65
C TYR H 73 -19.07 -1.14 -4.81
N GLY H 74 -18.93 0.14 -4.46
CA GLY H 74 -18.80 1.17 -5.48
C GLY H 74 -20.14 1.79 -5.82
N GLY H 75 -21.22 1.16 -5.36
CA GLY H 75 -22.55 1.66 -5.61
C GLY H 75 -22.86 2.91 -4.80
N THR H 76 -23.91 3.61 -5.18
CA THR H 76 -24.32 4.81 -4.48
C THR H 76 -25.77 4.70 -4.05
N GLU H 77 -26.00 4.75 -2.75
CA GLU H 77 -27.33 4.62 -2.16
C GLU H 77 -28.15 5.89 -2.33
N ILE H 78 -29.41 5.69 -2.71
CA ILE H 78 -30.32 6.80 -2.91
C ILE H 78 -31.71 6.45 -2.37
N LYS H 79 -32.22 7.29 -1.48
CA LYS H 79 -33.55 7.07 -0.89
C LYS H 79 -34.52 8.07 -1.53
N TYR H 80 -35.77 7.64 -1.70
CA TYR H 80 -36.85 8.46 -2.26
C TYR H 80 -38.14 7.76 -1.82
N ASN H 81 -39.00 8.46 -1.09
CA ASN H 81 -40.23 7.85 -0.57
C ASN H 81 -39.81 6.73 0.37
N GLY H 82 -38.73 6.95 1.11
CA GLY H 82 -38.28 5.92 2.01
C GLY H 82 -37.75 4.67 1.32
N GLU H 83 -37.99 4.54 0.00
CA GLU H 83 -37.50 3.38 -0.74
C GLU H 83 -35.98 3.46 -0.89
N GLU H 84 -35.32 2.31 -0.96
CA GLU H 84 -33.88 2.31 -1.11
C GLU H 84 -33.48 1.97 -2.55
N TYR H 85 -32.62 2.81 -3.11
CA TYR H 85 -32.13 2.57 -4.45
C TYR H 85 -30.60 2.62 -4.49
N LEU H 86 -30.03 2.04 -5.54
CA LEU H 86 -28.60 2.04 -5.68
C LEU H 86 -28.20 2.33 -7.11
N ILE H 87 -27.24 3.23 -7.28
CA ILE H 87 -26.72 3.55 -8.61
C ILE H 87 -25.39 2.82 -8.73
N LEU H 88 -25.27 1.95 -9.71
CA LEU H 88 -24.03 1.21 -9.88
C LEU H 88 -23.66 0.99 -11.32
N SER H 89 -22.43 0.57 -11.55
CA SER H 89 -21.95 0.29 -12.89
C SER H 89 -22.56 -1.02 -13.34
N ALA H 90 -22.78 -1.14 -14.65
CA ALA H 90 -23.37 -2.34 -15.20
C ALA H 90 -22.39 -3.49 -15.06
N ARG H 91 -21.14 -3.17 -14.79
CA ARG H 91 -20.11 -4.18 -14.60
C ARG H 91 -20.29 -4.87 -13.26
N ASP H 92 -20.98 -4.24 -12.33
CA ASP H 92 -21.23 -4.84 -11.02
C ASP H 92 -22.40 -5.80 -11.07
N VAL H 93 -23.15 -5.79 -12.16
CA VAL H 93 -24.26 -6.70 -12.29
C VAL H 93 -23.68 -8.05 -12.62
N LEU H 94 -23.95 -9.03 -11.78
CA LEU H 94 -23.42 -10.38 -11.97
C LEU H 94 -24.24 -11.24 -12.89
N ALA H 95 -25.55 -11.23 -12.71
CA ALA H 95 -26.40 -12.04 -13.56
C ALA H 95 -27.84 -11.58 -13.45
N VAL H 96 -28.67 -12.04 -14.37
CA VAL H 96 -30.07 -11.70 -14.34
C VAL H 96 -30.79 -12.94 -13.82
N VAL H 97 -31.76 -12.75 -12.94
CA VAL H 97 -32.51 -13.86 -12.42
C VAL H 97 -33.93 -13.87 -13.00
N SER H 98 -34.27 -14.89 -13.76
CA SER H 98 -35.60 -14.96 -14.38
C SER H 98 -36.39 -16.21 -14.00
N LYS H 99 -37.66 -16.02 -13.64
CA LYS H 99 -38.53 -17.14 -13.27
C LYS H 99 -38.71 -18.09 -14.45
N LYS I 2 -17.84 39.55 -13.39
CA LYS I 2 -18.25 39.43 -14.82
C LYS I 2 -17.36 38.43 -15.56
N VAL I 3 -16.78 37.47 -14.83
CA VAL I 3 -15.93 36.46 -15.44
C VAL I 3 -16.67 35.15 -15.60
N ASN I 4 -16.29 34.33 -16.58
CA ASN I 4 -16.94 33.03 -16.77
C ASN I 4 -15.92 31.90 -16.92
N ILE I 5 -16.11 30.83 -16.15
CA ILE I 5 -15.21 29.67 -16.16
C ILE I 5 -15.51 28.67 -17.26
N LYS I 6 -14.49 28.30 -18.03
CA LYS I 6 -14.67 27.37 -19.13
C LYS I 6 -13.89 26.08 -18.89
N PRO I 7 -14.56 25.02 -18.41
CA PRO I 7 -13.93 23.72 -18.13
C PRO I 7 -13.22 23.15 -19.31
N LEU I 8 -12.16 22.39 -19.06
CA LEU I 8 -11.39 21.77 -20.13
C LEU I 8 -11.68 20.28 -20.23
N GLU I 9 -11.37 19.71 -21.38
CA GLU I 9 -11.63 18.29 -21.62
C GLU I 9 -13.06 17.89 -21.28
N ASP I 10 -13.21 16.83 -20.50
CA ASP I 10 -14.53 16.36 -20.14
C ASP I 10 -14.90 16.74 -18.73
N LYS I 11 -14.39 17.88 -18.30
CA LYS I 11 -14.70 18.36 -16.97
C LYS I 11 -15.89 19.30 -17.07
N ILE I 12 -16.65 19.43 -15.99
CA ILE I 12 -17.81 20.31 -16.01
C ILE I 12 -17.84 21.16 -14.74
N LEU I 13 -18.56 22.26 -14.80
CA LEU I 13 -18.70 23.13 -13.66
C LEU I 13 -20.10 22.93 -13.14
N VAL I 14 -20.21 22.60 -11.86
CA VAL I 14 -21.51 22.37 -11.25
C VAL I 14 -21.77 23.33 -10.09
N GLN I 15 -23.01 23.75 -9.95
CA GLN I 15 -23.36 24.65 -8.88
C GLN I 15 -23.97 23.86 -7.76
N ALA I 16 -23.23 23.77 -6.68
CA ALA I 16 -23.68 23.06 -5.54
C ALA I 16 -24.97 23.72 -4.96
N ASN I 17 -26.04 22.94 -4.87
CA ASN I 17 -27.28 23.44 -4.28
C ASN I 17 -27.40 22.88 -2.85
N GLU I 18 -26.38 22.13 -2.44
CA GLU I 18 -26.35 21.48 -1.14
C GLU I 18 -26.30 22.50 -0.02
N ALA I 19 -27.11 22.27 1.02
CA ALA I 19 -27.16 23.13 2.21
C ALA I 19 -26.52 22.37 3.40
N GLU I 20 -25.80 23.10 4.25
CA GLU I 20 -25.16 22.46 5.41
C GLU I 20 -26.27 21.97 6.34
N THR I 21 -25.98 20.91 7.10
CA THR I 21 -26.92 20.34 8.07
C THR I 21 -26.48 20.57 9.55
N THR I 22 -27.38 21.12 10.34
CA THR I 22 -27.09 21.35 11.75
C THR I 22 -27.33 20.09 12.61
N THR I 23 -26.71 20.08 13.79
CA THR I 23 -26.89 18.98 14.74
C THR I 23 -27.89 19.49 15.78
N ALA I 24 -28.43 18.56 16.57
CA ALA I 24 -29.40 18.93 17.58
C ALA I 24 -28.86 19.92 18.59
N SER I 25 -27.55 20.02 18.65
CA SER I 25 -26.95 20.96 19.58
C SER I 25 -26.81 22.33 18.91
N GLY I 26 -26.58 22.31 17.60
CA GLY I 26 -26.44 23.56 16.88
C GLY I 26 -25.21 23.57 16.00
N LEU I 27 -24.23 22.77 16.38
CA LEU I 27 -22.99 22.67 15.62
C LEU I 27 -23.25 22.25 14.18
N VAL I 28 -22.31 22.56 13.30
CA VAL I 28 -22.41 22.20 11.88
C VAL I 28 -21.21 21.34 11.51
N ILE I 29 -21.42 20.26 10.77
CA ILE I 29 -20.33 19.34 10.39
C ILE I 29 -20.13 19.07 8.88
N PRO I 30 -19.38 19.92 8.19
CA PRO I 30 -19.16 19.71 6.75
C PRO I 30 -18.59 18.32 6.40
N ASP I 31 -18.60 17.97 5.11
CA ASP I 31 -18.08 16.68 4.62
C ASP I 31 -16.71 16.80 3.94
N THR I 32 -15.68 16.76 4.78
CA THR I 32 -14.30 16.87 4.33
C THR I 32 -13.91 15.74 3.37
N ALA I 33 -14.16 14.48 3.76
CA ALA I 33 -13.79 13.33 2.94
C ALA I 33 -14.41 13.35 1.58
N LYS I 34 -15.29 14.32 1.34
CA LYS I 34 -15.97 14.43 0.06
C LYS I 34 -16.47 13.06 -0.40
N GLU I 35 -16.96 12.23 0.52
CA GLU I 35 -17.43 10.92 0.10
C GLU I 35 -18.93 10.82 -0.20
N LYS I 36 -19.67 11.79 0.31
CA LYS I 36 -21.11 11.81 0.12
C LYS I 36 -21.49 12.45 -1.20
N PRO I 37 -22.31 11.75 -2.00
CA PRO I 37 -22.70 12.33 -3.29
C PRO I 37 -23.60 13.53 -3.07
N GLN I 38 -23.73 14.39 -4.09
CA GLN I 38 -24.56 15.57 -3.99
C GLN I 38 -25.42 15.79 -5.21
N GLU I 39 -26.27 16.81 -5.13
CA GLU I 39 -27.14 17.16 -6.23
C GLU I 39 -26.79 18.59 -6.60
N GLY I 40 -26.69 18.89 -7.89
CA GLY I 40 -26.37 20.24 -8.28
C GLY I 40 -26.84 20.55 -9.68
N THR I 41 -26.43 21.70 -10.21
CA THR I 41 -26.84 22.08 -11.54
C THR I 41 -25.63 22.31 -12.42
N VAL I 42 -25.65 21.73 -13.62
CA VAL I 42 -24.55 21.89 -14.55
C VAL I 42 -24.61 23.30 -15.07
N VAL I 43 -23.54 24.05 -14.85
CA VAL I 43 -23.47 25.44 -15.29
C VAL I 43 -22.64 25.63 -16.58
N ALA I 44 -21.62 24.80 -16.74
CA ALA I 44 -20.77 24.86 -17.91
C ALA I 44 -20.16 23.50 -18.14
N VAL I 45 -19.96 23.13 -19.39
CA VAL I 45 -19.37 21.84 -19.71
C VAL I 45 -18.16 22.00 -20.60
N GLY I 46 -17.24 21.06 -20.50
CA GLY I 46 -16.06 21.11 -21.33
C GLY I 46 -16.37 20.63 -22.73
N PRO I 47 -15.44 20.78 -23.67
CA PRO I 47 -15.69 20.34 -25.04
C PRO I 47 -15.79 18.84 -25.11
N GLY I 48 -15.13 18.16 -24.20
CA GLY I 48 -15.14 16.70 -24.20
C GLY I 48 -13.73 16.23 -24.47
N ARG I 49 -13.44 14.97 -24.18
CA ARG I 49 -12.10 14.46 -24.42
C ARG I 49 -11.92 14.01 -25.86
N TRP I 50 -10.70 14.15 -26.37
CA TRP I 50 -10.39 13.72 -27.72
C TRP I 50 -10.37 12.21 -27.77
N ASP I 51 -10.57 11.64 -28.94
CA ASP I 51 -10.50 10.20 -29.09
C ASP I 51 -9.03 9.75 -29.22
N GLU I 52 -8.83 8.47 -29.51
CA GLU I 52 -7.48 7.89 -29.66
C GLU I 52 -6.69 8.60 -30.77
N ASP I 53 -7.33 8.71 -31.93
CA ASP I 53 -6.76 9.33 -33.11
C ASP I 53 -6.90 10.85 -33.17
N GLY I 54 -7.36 11.49 -32.11
CA GLY I 54 -7.47 12.94 -32.13
C GLY I 54 -8.34 13.51 -33.23
N GLU I 55 -9.32 12.75 -33.70
CA GLU I 55 -10.20 13.26 -34.74
C GLU I 55 -11.58 13.74 -34.29
N LYS I 56 -12.05 13.29 -33.14
CA LYS I 56 -13.35 13.74 -32.65
C LYS I 56 -13.43 13.84 -31.12
N ARG I 57 -14.20 14.81 -30.63
CA ARG I 57 -14.38 14.93 -29.19
C ARG I 57 -15.57 14.04 -28.87
N ILE I 58 -15.51 13.30 -27.76
CA ILE I 58 -16.63 12.46 -27.36
C ILE I 58 -17.59 13.35 -26.59
N PRO I 59 -18.76 13.66 -27.17
CA PRO I 59 -19.76 14.52 -26.51
C PRO I 59 -20.09 14.02 -25.10
N LEU I 60 -20.35 14.96 -24.19
CA LEU I 60 -20.67 14.62 -22.83
C LEU I 60 -22.17 14.38 -22.77
N ASP I 61 -22.61 13.63 -21.77
CA ASP I 61 -24.03 13.34 -21.64
C ASP I 61 -24.74 14.28 -20.70
N VAL I 62 -24.11 15.41 -20.40
CA VAL I 62 -24.73 16.40 -19.55
C VAL I 62 -24.68 17.73 -20.26
N ALA I 63 -25.66 18.58 -19.99
CA ALA I 63 -25.73 19.87 -20.62
C ALA I 63 -26.04 20.91 -19.56
N GLU I 64 -25.83 22.15 -19.90
CA GLU I 64 -26.09 23.22 -18.96
C GLU I 64 -27.55 23.09 -18.55
N GLY I 65 -27.84 23.36 -17.29
CA GLY I 65 -29.21 23.31 -16.82
C GLY I 65 -29.62 21.96 -16.32
N ASP I 66 -28.79 20.94 -16.55
CA ASP I 66 -29.10 19.60 -16.07
C ASP I 66 -28.87 19.51 -14.58
N THR I 67 -29.81 18.86 -13.91
CA THR I 67 -29.71 18.61 -12.50
C THR I 67 -29.08 17.23 -12.44
N VAL I 68 -27.97 17.13 -11.73
CA VAL I 68 -27.26 15.88 -11.67
C VAL I 68 -26.87 15.48 -10.26
N ILE I 69 -26.59 14.19 -10.12
CA ILE I 69 -26.14 13.58 -8.89
C ILE I 69 -24.69 13.23 -9.18
N TYR I 70 -23.79 13.62 -8.30
CA TYR I 70 -22.37 13.39 -8.50
C TYR I 70 -21.57 13.17 -7.22
N SER I 71 -20.35 12.66 -7.39
CA SER I 71 -19.43 12.43 -6.28
C SER I 71 -18.50 13.63 -6.21
N LYS I 72 -18.39 14.22 -5.03
CA LYS I 72 -17.51 15.37 -4.87
C LYS I 72 -16.05 14.99 -4.93
N TYR I 73 -15.74 13.74 -4.62
CA TYR I 73 -14.36 13.25 -4.60
C TYR I 73 -13.63 13.62 -5.88
N GLY I 74 -12.38 14.07 -5.75
CA GLY I 74 -11.63 14.44 -6.93
C GLY I 74 -12.08 15.77 -7.50
N GLY I 75 -13.18 16.30 -6.98
CA GLY I 75 -13.69 17.58 -7.45
C GLY I 75 -12.94 18.74 -6.86
N THR I 76 -13.11 19.92 -7.44
CA THR I 76 -12.44 21.12 -6.99
C THR I 76 -13.48 22.20 -6.71
N GLU I 77 -13.42 22.73 -5.49
CA GLU I 77 -14.36 23.74 -5.05
C GLU I 77 -13.99 25.11 -5.54
N ILE I 78 -14.99 25.89 -5.92
CA ILE I 78 -14.76 27.25 -6.41
C ILE I 78 -15.90 28.14 -5.97
N LYS I 79 -15.59 29.21 -5.21
CA LYS I 79 -16.62 30.15 -4.74
C LYS I 79 -16.58 31.43 -5.59
N TYR I 80 -17.73 32.08 -5.78
CA TYR I 80 -17.82 33.30 -6.58
C TYR I 80 -19.20 33.89 -6.35
N ASN I 81 -19.25 35.03 -5.67
CA ASN I 81 -20.53 35.64 -5.29
C ASN I 81 -21.06 34.69 -4.18
N GLY I 82 -20.13 34.15 -3.39
CA GLY I 82 -20.46 33.22 -2.32
C GLY I 82 -21.31 32.02 -2.75
N GLU I 83 -21.32 31.77 -4.06
CA GLU I 83 -22.07 30.66 -4.62
C GLU I 83 -21.00 29.62 -4.71
N GLU I 84 -21.28 28.42 -4.22
CA GLU I 84 -20.29 27.37 -4.27
C GLU I 84 -20.35 26.66 -5.60
N TYR I 85 -19.19 26.40 -6.19
CA TYR I 85 -19.13 25.66 -7.45
C TYR I 85 -18.13 24.53 -7.34
N LEU I 86 -18.26 23.56 -8.22
CA LEU I 86 -17.36 22.43 -8.22
C LEU I 86 -16.98 22.08 -9.65
N ILE I 87 -15.69 21.87 -9.88
CA ILE I 87 -15.19 21.46 -11.19
C ILE I 87 -14.88 19.97 -11.06
N LEU I 88 -15.61 19.14 -11.80
CA LEU I 88 -15.38 17.71 -11.74
C LEU I 88 -15.38 17.04 -13.10
N SER I 89 -14.93 15.80 -13.12
CA SER I 89 -14.90 15.05 -14.36
C SER I 89 -16.29 14.53 -14.64
N ALA I 90 -16.69 14.50 -15.90
CA ALA I 90 -18.00 14.03 -16.28
C ALA I 90 -18.18 12.56 -15.86
N ARG I 91 -17.08 11.92 -15.53
CA ARG I 91 -17.10 10.53 -15.09
C ARG I 91 -17.64 10.45 -13.66
N ASP I 92 -17.59 11.56 -12.94
CA ASP I 92 -18.08 11.58 -11.58
C ASP I 92 -19.57 11.83 -11.52
N VAL I 93 -20.17 12.08 -12.66
CA VAL I 93 -21.58 12.33 -12.68
C VAL I 93 -22.26 10.98 -12.77
N LEU I 94 -23.15 10.74 -11.80
CA LEU I 94 -23.86 9.46 -11.71
C LEU I 94 -25.13 9.40 -12.52
N ALA I 95 -25.98 10.41 -12.37
CA ALA I 95 -27.22 10.43 -13.10
C ALA I 95 -27.74 11.83 -13.26
N VAL I 96 -28.67 12.02 -14.18
CA VAL I 96 -29.28 13.33 -14.40
C VAL I 96 -30.69 13.23 -13.85
N VAL I 97 -31.09 14.20 -13.03
CA VAL I 97 -32.41 14.18 -12.42
C VAL I 97 -33.34 15.11 -13.20
N SER I 98 -34.36 14.55 -13.85
CA SER I 98 -35.26 15.37 -14.66
C SER I 98 -36.67 15.46 -14.11
N LYS I 99 -37.27 16.63 -14.26
CA LYS I 99 -38.62 16.86 -13.76
C LYS I 99 -39.66 16.21 -14.64
N LYS J 2 17.59 36.49 -22.51
CA LYS J 2 16.77 35.69 -21.54
C LYS J 2 16.44 34.26 -22.01
N VAL J 3 16.60 33.29 -21.11
CA VAL J 3 16.33 31.90 -21.43
C VAL J 3 14.83 31.62 -21.49
N ASN J 4 14.41 30.87 -22.50
CA ASN J 4 13.00 30.53 -22.63
C ASN J 4 12.73 29.03 -22.51
N ILE J 5 11.82 28.66 -21.61
CA ILE J 5 11.46 27.26 -21.37
C ILE J 5 10.39 26.69 -22.33
N LYS J 6 10.72 25.60 -23.00
CA LYS J 6 9.79 24.98 -23.93
C LYS J 6 9.33 23.61 -23.43
N PRO J 7 8.12 23.54 -22.89
CA PRO J 7 7.56 22.30 -22.36
C PRO J 7 7.49 21.20 -23.41
N LEU J 8 7.51 19.96 -22.96
CA LEU J 8 7.44 18.83 -23.87
C LEU J 8 6.10 18.15 -23.75
N GLU J 9 5.73 17.41 -24.79
CA GLU J 9 4.48 16.68 -24.82
C GLU J 9 3.31 17.58 -24.53
N ASP J 10 2.47 17.15 -23.60
CA ASP J 10 1.31 17.94 -23.25
C ASP J 10 1.50 18.67 -21.94
N LYS J 11 2.70 19.15 -21.68
CA LYS J 11 2.93 19.89 -20.44
C LYS J 11 2.93 21.37 -20.77
N ILE J 12 2.56 22.19 -19.80
CA ILE J 12 2.54 23.63 -20.02
C ILE J 12 3.24 24.34 -18.88
N LEU J 13 3.75 25.53 -19.17
CA LEU J 13 4.41 26.31 -18.16
C LEU J 13 3.42 27.36 -17.72
N VAL J 14 3.21 27.47 -16.42
CA VAL J 14 2.28 28.44 -15.88
C VAL J 14 2.95 29.36 -14.88
N GLN J 15 2.58 30.63 -14.92
CA GLN J 15 3.13 31.59 -13.98
C GLN J 15 2.16 31.77 -12.82
N ALA J 16 2.59 31.32 -11.65
CA ALA J 16 1.77 31.42 -10.45
C ALA J 16 1.51 32.88 -10.09
N ASN J 17 0.23 33.24 -10.02
CA ASN J 17 -0.17 34.60 -9.69
C ASN J 17 -0.91 34.60 -8.39
N GLU J 18 -0.71 33.56 -7.59
CA GLU J 18 -1.37 33.46 -6.29
C GLU J 18 -0.45 34.06 -5.25
N ALA J 19 -1.02 34.39 -4.08
CA ALA J 19 -0.22 35.00 -3.03
C ALA J 19 -0.39 34.49 -1.63
N GLU J 20 0.77 34.28 -1.02
CA GLU J 20 0.88 33.83 0.36
C GLU J 20 0.01 34.71 1.22
N THR J 21 -0.61 34.08 2.22
CA THR J 21 -1.49 34.79 3.15
C THR J 21 -0.85 34.91 4.53
N THR J 22 -1.08 36.03 5.20
CA THR J 22 -0.50 36.23 6.53
C THR J 22 -1.46 35.93 7.68
N THR J 23 -1.02 35.09 8.60
CA THR J 23 -1.82 34.77 9.76
C THR J 23 -1.96 36.07 10.53
N ALA J 24 -2.87 36.08 11.50
CA ALA J 24 -3.11 37.27 12.30
C ALA J 24 -1.83 37.73 12.97
N SER J 25 -1.05 36.77 13.47
CA SER J 25 0.20 37.12 14.13
C SER J 25 1.22 37.71 13.16
N GLY J 26 1.07 37.39 11.89
CA GLY J 26 2.00 37.89 10.89
C GLY J 26 2.72 36.76 10.17
N LEU J 27 2.71 35.58 10.76
CA LEU J 27 3.35 34.43 10.15
C LEU J 27 2.83 34.16 8.73
N VAL J 28 3.60 33.38 7.98
CA VAL J 28 3.25 33.02 6.61
C VAL J 28 3.42 31.52 6.47
N ILE J 29 2.44 30.85 5.86
CA ILE J 29 2.50 29.39 5.70
C ILE J 29 2.39 28.87 4.25
N PRO J 30 3.54 28.57 3.61
CA PRO J 30 3.51 28.06 2.24
C PRO J 30 2.84 26.70 2.08
N ASP J 31 2.29 26.42 0.89
CA ASP J 31 1.62 25.13 0.62
C ASP J 31 2.61 24.07 0.10
N THR J 32 3.52 23.64 0.97
CA THR J 32 4.52 22.63 0.58
C THR J 32 3.87 21.39 -0.02
N ALA J 33 2.66 21.08 0.44
CA ALA J 33 1.95 19.90 -0.05
C ALA J 33 1.42 20.11 -1.47
N LYS J 34 1.13 21.36 -1.81
CA LYS J 34 0.59 21.70 -3.13
C LYS J 34 -0.69 20.94 -3.40
N GLU J 35 -1.67 21.14 -2.53
CA GLU J 35 -2.94 20.41 -2.65
C GLU J 35 -4.08 21.29 -3.15
N LYS J 36 -4.03 22.55 -2.76
CA LYS J 36 -5.05 23.50 -3.12
C LYS J 36 -4.85 23.92 -4.58
N PRO J 37 -5.95 24.09 -5.33
CA PRO J 37 -5.79 24.48 -6.73
C PRO J 37 -5.46 25.96 -6.78
N GLN J 38 -4.87 26.41 -7.89
CA GLN J 38 -4.50 27.81 -8.01
C GLN J 38 -4.92 28.39 -9.35
N GLU J 39 -4.73 29.70 -9.47
CA GLU J 39 -5.04 30.41 -10.67
C GLU J 39 -3.71 30.95 -11.21
N GLY J 40 -3.51 30.90 -12.51
CA GLY J 40 -2.27 31.38 -13.05
C GLY J 40 -2.41 31.70 -14.52
N THR J 41 -1.30 32.05 -15.17
CA THR J 41 -1.32 32.39 -16.58
C THR J 41 -0.46 31.45 -17.37
N VAL J 42 -0.98 30.99 -18.51
CA VAL J 42 -0.21 30.08 -19.35
C VAL J 42 0.88 30.86 -20.06
N VAL J 43 2.12 30.47 -19.85
CA VAL J 43 3.24 31.15 -20.45
C VAL J 43 3.81 30.42 -21.65
N ALA J 44 3.74 29.11 -21.61
CA ALA J 44 4.24 28.29 -22.69
C ALA J 44 3.47 26.98 -22.71
N VAL J 45 3.23 26.45 -23.90
CA VAL J 45 2.50 25.20 -24.04
C VAL J 45 3.27 24.18 -24.85
N GLY J 46 3.14 22.92 -24.47
CA GLY J 46 3.83 21.86 -25.19
C GLY J 46 3.16 21.62 -26.52
N PRO J 47 3.82 20.90 -27.44
CA PRO J 47 3.24 20.63 -28.75
C PRO J 47 1.99 19.79 -28.66
N GLY J 48 1.90 18.99 -27.59
CA GLY J 48 0.75 18.11 -27.39
C GLY J 48 1.25 16.70 -27.46
N ARG J 49 0.42 15.75 -27.05
CA ARG J 49 0.83 14.35 -27.07
C ARG J 49 0.55 13.68 -28.43
N TRP J 50 1.42 12.74 -28.78
CA TRP J 50 1.26 11.99 -30.02
C TRP J 50 -0.01 11.15 -29.94
N ASP J 51 -0.77 11.15 -31.03
CA ASP J 51 -2.00 10.35 -31.12
C ASP J 51 -1.65 8.87 -31.28
N GLU J 52 -2.67 8.00 -31.21
CA GLU J 52 -2.44 6.55 -31.29
C GLU J 52 -1.53 6.13 -32.44
N ASP J 53 -1.77 6.76 -33.58
CA ASP J 53 -1.04 6.49 -34.80
C ASP J 53 0.43 6.94 -34.76
N GLY J 54 0.68 8.18 -34.37
CA GLY J 54 2.05 8.65 -34.30
C GLY J 54 2.45 9.65 -35.37
N GLU J 55 1.43 10.30 -35.93
CA GLU J 55 1.66 11.29 -36.97
C GLU J 55 1.07 12.62 -36.55
N LYS J 56 0.17 12.62 -35.57
CA LYS J 56 -0.42 13.89 -35.21
C LYS J 56 -0.37 14.17 -33.72
N ARG J 57 -0.17 15.43 -33.37
CA ARG J 57 -0.17 15.80 -31.97
C ARG J 57 -1.59 16.28 -31.63
N ILE J 58 -2.11 15.85 -30.50
CA ILE J 58 -3.44 16.31 -30.13
C ILE J 58 -3.27 17.68 -29.53
N PRO J 59 -3.66 18.75 -30.25
CA PRO J 59 -3.52 20.12 -29.75
C PRO J 59 -4.10 20.28 -28.35
N LEU J 60 -3.53 21.19 -27.56
CA LEU J 60 -3.99 21.40 -26.21
C LEU J 60 -5.12 22.40 -26.28
N ASP J 61 -5.86 22.56 -25.20
CA ASP J 61 -6.97 23.49 -25.21
C ASP J 61 -6.66 24.76 -24.46
N VAL J 62 -5.38 25.05 -24.29
CA VAL J 62 -4.98 26.27 -23.62
C VAL J 62 -3.96 26.94 -24.51
N ALA J 63 -3.86 28.26 -24.39
CA ALA J 63 -2.92 29.03 -25.17
C ALA J 63 -2.24 30.04 -24.29
N GLU J 64 -1.15 30.63 -24.78
CA GLU J 64 -0.43 31.63 -24.01
C GLU J 64 -1.34 32.80 -23.68
N GLY J 65 -1.27 33.27 -22.44
CA GLY J 65 -2.10 34.38 -22.05
C GLY J 65 -3.37 33.93 -21.37
N ASP J 66 -3.72 32.66 -21.53
CA ASP J 66 -4.93 32.14 -20.90
C ASP J 66 -4.75 32.13 -19.40
N THR J 67 -5.81 32.45 -18.70
CA THR J 67 -5.74 32.42 -17.27
C THR J 67 -6.41 31.09 -17.06
N VAL J 68 -5.82 30.26 -16.20
CA VAL J 68 -6.37 28.94 -15.93
C VAL J 68 -6.44 28.62 -14.45
N ILE J 69 -7.20 27.60 -14.10
CA ILE J 69 -7.30 27.14 -12.72
C ILE J 69 -6.65 25.78 -12.86
N TYR J 70 -5.75 25.42 -11.95
CA TYR J 70 -5.04 24.13 -12.06
C TYR J 70 -4.67 23.50 -10.70
N SER J 71 -4.26 22.24 -10.72
CA SER J 71 -3.85 21.52 -9.53
C SER J 71 -2.33 21.55 -9.49
N LYS J 72 -1.78 21.83 -8.31
CA LYS J 72 -0.33 21.91 -8.15
C LYS J 72 0.30 20.52 -8.03
N TYR J 73 -0.48 19.55 -7.57
CA TYR J 73 0.00 18.18 -7.43
C TYR J 73 0.56 17.67 -8.73
N GLY J 74 1.74 17.07 -8.66
CA GLY J 74 2.37 16.55 -9.86
C GLY J 74 3.14 17.61 -10.62
N GLY J 75 2.88 18.88 -10.29
CA GLY J 75 3.55 19.99 -10.95
C GLY J 75 4.98 20.19 -10.46
N THR J 76 5.77 20.94 -11.23
CA THR J 76 7.16 21.21 -10.84
C THR J 76 7.38 22.71 -10.81
N GLU J 77 7.83 23.19 -9.66
CA GLU J 77 8.09 24.58 -9.44
C GLU J 77 9.36 25.03 -10.13
N ILE J 78 9.35 26.24 -10.67
CA ILE J 78 10.53 26.78 -11.34
C ILE J 78 10.55 28.30 -11.10
N LYS J 79 11.63 28.78 -10.48
CA LYS J 79 11.76 30.20 -10.22
C LYS J 79 12.78 30.77 -11.18
N TYR J 80 12.46 31.96 -11.66
CA TYR J 80 13.34 32.67 -12.55
C TYR J 80 12.91 34.10 -12.51
N ASN J 81 13.88 34.96 -12.20
CA ASN J 81 13.67 36.39 -12.10
C ASN J 81 12.68 36.56 -10.97
N GLY J 82 12.93 35.79 -9.92
CA GLY J 82 12.08 35.91 -8.77
C GLY J 82 10.64 35.95 -9.20
N GLU J 83 10.24 34.93 -9.94
CA GLU J 83 8.87 34.73 -10.41
C GLU J 83 8.67 33.23 -10.32
N GLU J 84 7.57 32.80 -9.69
CA GLU J 84 7.23 31.38 -9.53
C GLU J 84 6.52 30.77 -10.74
N TYR J 85 7.08 29.69 -11.23
CA TYR J 85 6.44 29.02 -12.37
C TYR J 85 6.19 27.57 -12.06
N LEU J 86 5.29 26.96 -12.80
CA LEU J 86 5.00 25.56 -12.59
C LEU J 86 4.88 24.84 -13.91
N ILE J 87 5.45 23.66 -14.00
CA ILE J 87 5.38 22.85 -15.21
C ILE J 87 4.44 21.71 -14.89
N LEU J 88 3.26 21.71 -15.50
CA LEU J 88 2.31 20.65 -15.22
C LEU J 88 1.71 20.04 -16.48
N SER J 89 1.05 18.91 -16.30
CA SER J 89 0.39 18.23 -17.42
C SER J 89 -0.89 18.95 -17.74
N ALA J 90 -1.22 19.03 -19.01
CA ALA J 90 -2.42 19.73 -19.42
C ALA J 90 -3.63 19.09 -18.79
N ARG J 91 -3.45 17.90 -18.24
CA ARG J 91 -4.55 17.20 -17.59
C ARG J 91 -4.84 17.80 -16.23
N ASP J 92 -3.90 18.55 -15.70
CA ASP J 92 -4.08 19.16 -14.40
C ASP J 92 -4.78 20.50 -14.53
N VAL J 93 -4.95 20.96 -15.75
CA VAL J 93 -5.60 22.23 -15.95
C VAL J 93 -7.10 21.93 -15.93
N LEU J 94 -7.81 22.57 -15.01
CA LEU J 94 -9.25 22.36 -14.84
C LEU J 94 -10.10 23.17 -15.78
N ALA J 95 -9.88 24.47 -15.82
CA ALA J 95 -10.66 25.31 -16.69
C ALA J 95 -9.90 26.57 -17.06
N VAL J 96 -10.39 27.30 -18.05
CA VAL J 96 -9.78 28.57 -18.45
C VAL J 96 -10.72 29.65 -17.94
N VAL J 97 -10.17 30.69 -17.33
CA VAL J 97 -10.98 31.78 -16.79
C VAL J 97 -10.89 32.96 -17.73
N SER J 98 -12.03 33.37 -18.28
CA SER J 98 -12.02 34.48 -19.22
C SER J 98 -12.69 35.74 -18.71
N LYS J 99 -11.97 36.85 -18.80
CA LYS J 99 -12.49 38.14 -18.35
C LYS J 99 -13.86 38.40 -18.98
N LYS K 2 37.65 5.75 -26.86
CA LYS K 2 36.68 6.04 -25.76
C LYS K 2 35.30 5.41 -25.97
N VAL K 3 34.86 4.63 -24.97
CA VAL K 3 33.57 3.95 -24.99
C VAL K 3 32.39 4.92 -25.14
N ASN K 4 31.43 4.54 -25.97
CA ASN K 4 30.25 5.40 -26.18
C ASN K 4 28.95 4.65 -25.89
N ILE K 5 28.12 5.28 -25.07
CA ILE K 5 26.84 4.74 -24.65
C ILE K 5 25.68 5.06 -25.60
N LYS K 6 24.98 4.03 -26.06
CA LYS K 6 23.85 4.21 -26.96
C LYS K 6 22.53 3.78 -26.29
N PRO K 7 21.75 4.75 -25.83
CA PRO K 7 20.48 4.50 -25.17
C PRO K 7 19.50 3.71 -26.02
N LEU K 8 18.69 2.87 -25.40
CA LEU K 8 17.71 2.07 -26.13
C LEU K 8 16.30 2.65 -26.04
N GLU K 9 15.46 2.26 -26.97
CA GLU K 9 14.08 2.74 -26.99
C GLU K 9 14.02 4.27 -26.95
N ASP K 10 13.23 4.81 -26.02
CA ASP K 10 13.08 6.25 -25.88
C ASP K 10 13.85 6.82 -24.71
N LYS K 11 14.92 6.13 -24.30
CA LYS K 11 15.74 6.59 -23.20
C LYS K 11 16.83 7.52 -23.74
N ILE K 12 17.34 8.40 -22.91
CA ILE K 12 18.40 9.28 -23.35
C ILE K 12 19.48 9.36 -22.29
N LEU K 13 20.65 9.80 -22.71
CA LEU K 13 21.77 9.95 -21.79
C LEU K 13 21.92 11.45 -21.57
N VAL K 14 21.97 11.85 -20.31
CA VAL K 14 22.12 13.24 -19.98
C VAL K 14 23.30 13.47 -19.04
N GLN K 15 23.93 14.63 -19.18
CA GLN K 15 25.05 14.96 -18.33
C GLN K 15 24.61 15.98 -17.30
N ALA K 16 24.72 15.62 -16.02
CA ALA K 16 24.30 16.53 -14.95
C ALA K 16 25.22 17.75 -14.79
N ASN K 17 24.61 18.87 -14.39
CA ASN K 17 25.35 20.13 -14.24
C ASN K 17 25.18 20.78 -12.85
N GLU K 18 24.13 20.39 -12.12
CA GLU K 18 23.89 20.95 -10.78
C GLU K 18 25.10 20.70 -9.88
N ALA K 19 26.02 21.65 -9.85
CA ALA K 19 27.22 21.53 -9.03
C ALA K 19 26.80 21.50 -7.56
N GLU K 20 27.40 20.59 -6.81
CA GLU K 20 27.10 20.45 -5.39
C GLU K 20 27.54 21.75 -4.71
N THR K 21 26.64 22.42 -3.99
CA THR K 21 27.04 23.67 -3.34
C THR K 21 27.40 23.39 -1.87
N THR K 22 28.35 24.17 -1.34
CA THR K 22 28.80 24.04 0.04
C THR K 22 27.96 24.82 1.07
N THR K 23 27.89 24.28 2.28
CA THR K 23 27.16 24.92 3.37
C THR K 23 28.03 26.05 3.82
N ALA K 24 27.48 26.86 4.73
CA ALA K 24 28.16 27.98 5.34
C ALA K 24 29.19 27.42 6.31
N SER K 25 29.23 26.09 6.43
CA SER K 25 30.18 25.40 7.31
C SER K 25 31.07 24.51 6.47
N GLY K 26 31.16 24.81 5.18
CA GLY K 26 32.03 24.04 4.33
C GLY K 26 31.53 22.67 3.98
N LEU K 27 30.58 22.17 4.76
CA LEU K 27 30.03 20.87 4.47
C LEU K 27 29.35 20.86 3.11
N VAL K 28 28.94 19.69 2.67
CA VAL K 28 28.28 19.61 1.39
C VAL K 28 27.11 18.63 1.44
N ILE K 29 25.95 19.10 0.99
CA ILE K 29 24.74 18.26 1.00
C ILE K 29 24.33 17.76 -0.37
N PRO K 30 24.58 16.48 -0.60
CA PRO K 30 24.24 15.82 -1.86
C PRO K 30 22.72 15.68 -2.01
N ASP K 31 22.26 15.08 -3.10
CA ASP K 31 20.82 14.87 -3.28
C ASP K 31 20.70 13.37 -3.58
N THR K 32 20.00 12.64 -2.70
CA THR K 32 19.88 11.19 -2.86
C THR K 32 18.54 10.54 -3.26
N ALA K 33 17.41 11.07 -2.78
CA ALA K 33 16.12 10.48 -3.10
C ALA K 33 15.71 10.58 -4.59
N LYS K 34 16.44 11.35 -5.40
CA LYS K 34 16.09 11.49 -6.82
C LYS K 34 14.66 12.03 -7.02
N GLU K 35 14.34 13.11 -6.31
CA GLU K 35 13.01 13.76 -6.39
C GLU K 35 13.12 15.21 -6.93
N LYS K 36 14.19 15.92 -6.62
CA LYS K 36 14.34 17.27 -7.13
C LYS K 36 14.69 17.17 -8.61
N PRO K 37 14.04 17.96 -9.47
CA PRO K 37 14.33 17.92 -10.90
C PRO K 37 15.65 18.63 -11.13
N GLN K 38 16.32 18.32 -12.24
CA GLN K 38 17.61 18.95 -12.56
C GLN K 38 17.69 19.49 -13.96
N GLU K 39 18.81 20.14 -14.26
CA GLU K 39 19.04 20.69 -15.57
C GLU K 39 20.28 20.01 -16.06
N GLY K 40 20.28 19.61 -17.33
CA GLY K 40 21.44 18.93 -17.85
C GLY K 40 21.52 18.99 -19.36
N THR K 41 22.55 18.38 -19.94
CA THR K 41 22.71 18.39 -21.38
C THR K 41 22.51 17.00 -22.00
N VAL K 42 21.70 16.94 -23.05
CA VAL K 42 21.47 15.70 -23.71
C VAL K 42 22.74 15.32 -24.46
N VAL K 43 23.25 14.14 -24.14
CA VAL K 43 24.46 13.64 -24.75
C VAL K 43 24.19 12.61 -25.83
N ALA K 44 23.19 11.78 -25.61
CA ALA K 44 22.84 10.76 -26.58
C ALA K 44 21.34 10.45 -26.46
N VAL K 45 20.71 10.14 -27.58
CA VAL K 45 19.29 9.83 -27.55
C VAL K 45 19.03 8.45 -28.11
N GLY K 46 17.93 7.83 -27.67
CA GLY K 46 17.58 6.51 -28.17
C GLY K 46 16.88 6.65 -29.50
N PRO K 47 16.70 5.53 -30.22
CA PRO K 47 16.02 5.59 -31.53
C PRO K 47 14.57 5.98 -31.36
N GLY K 48 14.02 5.71 -30.19
CA GLY K 48 12.63 6.02 -29.94
C GLY K 48 11.86 4.73 -29.78
N ARG K 49 10.65 4.79 -29.22
CA ARG K 49 9.86 3.58 -29.03
C ARG K 49 9.00 3.25 -30.25
N TRP K 50 8.89 1.95 -30.52
CA TRP K 50 8.07 1.48 -31.64
C TRP K 50 6.63 1.80 -31.33
N ASP K 51 5.86 2.11 -32.37
CA ASP K 51 4.45 2.41 -32.23
C ASP K 51 3.68 1.10 -31.98
N GLU K 52 2.36 1.21 -31.85
CA GLU K 52 1.53 0.04 -31.59
C GLU K 52 2.06 -1.24 -32.22
N ASP K 53 1.96 -1.30 -33.55
CA ASP K 53 2.38 -2.47 -34.33
C ASP K 53 3.87 -2.69 -34.41
N GLY K 54 4.55 -1.92 -35.26
CA GLY K 54 5.99 -2.04 -35.40
C GLY K 54 6.49 -1.55 -36.75
N GLU K 55 5.99 -0.41 -37.21
CA GLU K 55 6.39 0.15 -38.50
C GLU K 55 7.07 1.51 -38.35
N LYS K 56 6.98 2.14 -37.18
CA LYS K 56 7.65 3.43 -37.05
C LYS K 56 8.10 3.75 -35.63
N ARG K 57 9.26 4.40 -35.51
CA ARG K 57 9.77 4.79 -34.21
C ARG K 57 9.28 6.20 -33.98
N ILE K 58 8.55 6.43 -32.90
CA ILE K 58 8.05 7.77 -32.60
C ILE K 58 9.26 8.57 -32.19
N PRO K 59 9.72 9.48 -33.07
CA PRO K 59 10.90 10.31 -32.78
C PRO K 59 10.78 11.02 -31.43
N LEU K 60 11.91 11.26 -30.78
CA LEU K 60 11.91 11.92 -29.48
C LEU K 60 11.90 13.42 -29.71
N ASP K 61 11.59 14.19 -28.68
CA ASP K 61 11.54 15.63 -28.86
C ASP K 61 12.76 16.31 -28.30
N VAL K 62 13.84 15.56 -28.16
CA VAL K 62 15.08 16.14 -27.66
C VAL K 62 16.20 15.65 -28.55
N ALA K 63 17.25 16.45 -28.63
CA ALA K 63 18.38 16.09 -29.45
C ALA K 63 19.66 16.39 -28.69
N GLU K 64 20.77 15.88 -29.21
CA GLU K 64 22.03 16.10 -28.56
C GLU K 64 22.28 17.60 -28.51
N GLY K 65 22.78 18.07 -27.39
CA GLY K 65 23.08 19.48 -27.26
C GLY K 65 22.00 20.25 -26.56
N ASP K 66 20.80 19.68 -26.53
CA ASP K 66 19.70 20.33 -25.87
C ASP K 66 19.92 20.39 -24.36
N THR K 67 19.53 21.52 -23.78
CA THR K 67 19.62 21.68 -22.35
C THR K 67 18.18 21.40 -21.94
N VAL K 68 18.05 20.49 -21.00
CA VAL K 68 16.75 20.05 -20.53
C VAL K 68 16.55 20.04 -19.01
N ILE K 69 15.29 20.16 -18.62
CA ILE K 69 14.90 20.07 -17.21
C ILE K 69 14.28 18.69 -17.08
N TYR K 70 14.72 17.92 -16.09
CA TYR K 70 14.21 16.55 -15.94
C TYR K 70 14.10 16.07 -14.51
N SER K 71 13.47 14.92 -14.33
CA SER K 71 13.30 14.29 -13.02
C SER K 71 14.28 13.13 -12.94
N LYS K 72 15.04 13.06 -11.85
CA LYS K 72 16.03 12.01 -11.68
C LYS K 72 15.38 10.68 -11.32
N TYR K 73 14.10 10.75 -10.92
CA TYR K 73 13.39 9.55 -10.43
C TYR K 73 13.34 8.51 -11.52
N GLY K 74 13.74 7.29 -11.19
CA GLY K 74 13.75 6.25 -12.18
C GLY K 74 15.01 6.29 -13.06
N GLY K 75 15.80 7.35 -12.90
CA GLY K 75 17.02 7.51 -13.68
C GLY K 75 18.11 6.58 -13.24
N THR K 76 19.12 6.42 -14.08
CA THR K 76 20.24 5.54 -13.75
C THR K 76 21.55 6.30 -13.90
N GLU K 77 22.21 6.51 -12.77
CA GLU K 77 23.46 7.23 -12.72
C GLU K 77 24.59 6.46 -13.38
N ILE K 78 25.44 7.18 -14.10
CA ILE K 78 26.57 6.58 -14.78
C ILE K 78 27.72 7.58 -14.76
N LYS K 79 28.82 7.19 -14.14
CA LYS K 79 29.99 8.05 -14.04
C LYS K 79 31.05 7.49 -14.96
N TYR K 80 31.78 8.41 -15.58
CA TYR K 80 32.82 8.04 -16.51
C TYR K 80 33.75 9.23 -16.71
N ASN K 81 35.00 9.06 -16.27
CA ASN K 81 36.03 10.09 -16.37
C ASN K 81 35.62 11.31 -15.56
N GLY K 82 35.38 11.11 -14.27
CA GLY K 82 34.97 12.20 -13.38
C GLY K 82 33.69 12.94 -13.78
N GLU K 83 32.92 12.35 -14.68
CA GLU K 83 31.70 12.99 -15.13
C GLU K 83 30.47 12.21 -14.67
N GLU K 84 29.42 12.94 -14.30
CA GLU K 84 28.19 12.32 -13.87
C GLU K 84 27.22 12.27 -15.07
N TYR K 85 26.59 11.11 -15.26
CA TYR K 85 25.61 10.96 -16.35
C TYR K 85 24.37 10.27 -15.82
N LEU K 86 23.26 10.45 -16.53
CA LEU K 86 22.01 9.82 -16.13
C LEU K 86 21.30 9.26 -17.35
N ILE K 87 20.82 8.03 -17.22
CA ILE K 87 20.06 7.40 -18.29
C ILE K 87 18.61 7.44 -17.84
N LEU K 88 17.75 8.08 -18.63
CA LEU K 88 16.35 8.17 -18.26
C LEU K 88 15.41 8.13 -19.47
N SER K 89 14.13 7.91 -19.19
CA SER K 89 13.14 7.87 -20.23
C SER K 89 12.84 9.28 -20.65
N ALA K 90 12.54 9.47 -21.93
CA ALA K 90 12.25 10.80 -22.43
C ALA K 90 11.01 11.36 -21.76
N ARG K 91 10.27 10.50 -21.07
CA ARG K 91 9.05 10.92 -20.39
C ARG K 91 9.39 11.72 -19.14
N ASP K 92 10.60 11.54 -18.62
CA ASP K 92 11.01 12.31 -17.45
C ASP K 92 11.51 13.67 -17.88
N VAL K 93 11.63 13.90 -19.17
CA VAL K 93 12.09 15.18 -19.64
C VAL K 93 10.91 16.11 -19.58
N LEU K 94 11.04 17.18 -18.81
CA LEU K 94 9.96 18.14 -18.65
C LEU K 94 9.93 19.23 -19.71
N ALA K 95 11.07 19.81 -20.03
CA ALA K 95 11.13 20.85 -21.03
C ALA K 95 12.56 21.05 -21.54
N VAL K 96 12.69 21.77 -22.64
CA VAL K 96 14.00 22.06 -23.19
C VAL K 96 14.24 23.53 -22.91
N VAL K 97 15.44 23.86 -22.45
CA VAL K 97 15.75 25.25 -22.17
C VAL K 97 16.67 25.79 -23.24
N SER K 98 16.22 26.84 -23.92
CA SER K 98 17.01 27.44 -25.01
C SER K 98 17.27 28.94 -24.85
N LYS K 99 18.36 29.40 -25.47
CA LYS K 99 18.75 30.81 -25.46
C LYS K 99 18.59 31.38 -24.06
N LYS L 2 26.74 -27.95 -23.71
CA LYS L 2 25.90 -28.07 -24.95
C LYS L 2 24.51 -27.43 -24.79
N VAL L 3 24.02 -27.38 -23.54
CA VAL L 3 22.70 -26.82 -23.26
C VAL L 3 22.62 -25.39 -23.81
N ASN L 4 21.43 -24.98 -24.26
CA ASN L 4 21.28 -23.62 -24.77
C ASN L 4 19.88 -23.04 -24.52
N ILE L 5 19.85 -21.90 -23.83
CA ILE L 5 18.62 -21.23 -23.46
C ILE L 5 18.07 -20.30 -24.53
N LYS L 6 16.83 -20.51 -24.91
CA LYS L 6 16.19 -19.67 -25.90
C LYS L 6 15.10 -18.85 -25.24
N PRO L 7 15.35 -17.55 -25.02
CA PRO L 7 14.40 -16.62 -24.40
C PRO L 7 13.14 -16.43 -25.22
N LEU L 8 12.02 -16.27 -24.55
CA LEU L 8 10.78 -16.08 -25.27
C LEU L 8 10.40 -14.61 -25.35
N GLU L 9 9.46 -14.31 -26.25
CA GLU L 9 9.00 -12.95 -26.43
C GLU L 9 10.17 -11.96 -26.60
N ASP L 10 10.13 -10.86 -25.85
CA ASP L 10 11.17 -9.84 -25.93
C ASP L 10 12.16 -9.97 -24.77
N LYS L 11 12.33 -11.19 -24.28
CA LYS L 11 13.26 -11.42 -23.18
C LYS L 11 14.61 -11.77 -23.77
N ILE L 12 15.67 -11.48 -23.03
CA ILE L 12 17.00 -11.80 -23.50
C ILE L 12 17.83 -12.41 -22.39
N LEU L 13 18.86 -13.15 -22.78
CA LEU L 13 19.75 -13.75 -21.81
C LEU L 13 21.01 -12.89 -21.80
N VAL L 14 21.43 -12.49 -20.60
CA VAL L 14 22.60 -11.66 -20.47
C VAL L 14 23.63 -12.29 -19.54
N GLN L 15 24.90 -12.22 -19.91
CA GLN L 15 25.95 -12.77 -19.07
C GLN L 15 26.52 -11.65 -18.21
N ALA L 16 26.33 -11.75 -16.90
CA ALA L 16 26.82 -10.73 -16.00
C ALA L 16 28.33 -10.55 -16.00
N ASN L 17 28.77 -9.31 -16.24
CA ASN L 17 30.20 -9.02 -16.17
C ASN L 17 30.20 -8.32 -14.83
N GLU L 18 30.10 -9.14 -13.78
CA GLU L 18 30.07 -8.65 -12.42
C GLU L 18 31.45 -8.71 -11.73
N ALA L 19 31.55 -8.02 -10.60
CA ALA L 19 32.80 -7.99 -9.84
C ALA L 19 32.55 -7.78 -8.34
N GLU L 20 33.02 -8.76 -7.56
CA GLU L 20 32.88 -8.72 -6.11
C GLU L 20 33.48 -7.41 -5.56
N THR L 21 32.77 -6.80 -4.60
CA THR L 21 33.22 -5.55 -3.98
C THR L 21 34.01 -5.78 -2.69
N THR L 22 35.14 -6.46 -2.83
CA THR L 22 35.98 -6.78 -1.67
C THR L 22 36.47 -5.48 -1.00
N THR L 23 36.20 -5.41 0.30
CA THR L 23 36.55 -4.26 1.11
C THR L 23 37.96 -4.52 1.61
N ALA L 24 38.52 -3.48 2.24
CA ALA L 24 39.86 -3.56 2.79
C ALA L 24 39.99 -4.82 3.62
N SER L 25 39.00 -5.10 4.46
CA SER L 25 39.10 -6.31 5.28
C SER L 25 39.12 -7.61 4.49
N GLY L 26 39.04 -7.55 3.16
CA GLY L 26 39.06 -8.77 2.40
C GLY L 26 37.67 -9.37 2.27
N LEU L 27 36.74 -8.84 3.05
CA LEU L 27 35.36 -9.28 3.02
C LEU L 27 34.77 -8.99 1.65
N VAL L 28 33.62 -9.59 1.36
CA VAL L 28 32.97 -9.36 0.09
C VAL L 28 31.47 -9.28 0.27
N ILE L 29 30.91 -8.09 0.07
CA ILE L 29 29.48 -7.89 0.21
C ILE L 29 28.84 -7.45 -1.11
N PRO L 30 28.20 -8.40 -1.79
CA PRO L 30 27.53 -8.13 -3.07
C PRO L 30 26.18 -7.38 -2.83
N ASP L 31 25.40 -7.18 -3.89
CA ASP L 31 24.12 -6.51 -3.71
C ASP L 31 22.97 -7.42 -4.11
N THR L 32 22.22 -7.83 -3.10
CA THR L 32 21.06 -8.70 -3.25
C THR L 32 19.84 -7.97 -3.83
N ALA L 33 19.70 -6.70 -3.47
CA ALA L 33 18.59 -5.87 -3.90
C ALA L 33 18.34 -5.92 -5.40
N LYS L 34 19.42 -5.92 -6.19
CA LYS L 34 19.30 -5.94 -7.66
C LYS L 34 18.73 -4.58 -8.17
N GLU L 35 18.90 -3.54 -7.38
CA GLU L 35 18.41 -2.20 -7.74
C GLU L 35 19.45 -1.43 -8.56
N LYS L 36 20.72 -1.81 -8.41
CA LYS L 36 21.77 -1.13 -9.14
C LYS L 36 21.84 -1.70 -10.55
N PRO L 37 22.08 -0.85 -11.54
CA PRO L 37 22.16 -1.33 -12.92
C PRO L 37 23.51 -2.05 -13.12
N GLN L 38 23.58 -2.90 -14.12
CA GLN L 38 24.81 -3.63 -14.39
C GLN L 38 25.19 -3.62 -15.86
N GLU L 39 26.40 -4.09 -16.12
CA GLU L 39 26.91 -4.18 -17.47
C GLU L 39 27.12 -5.66 -17.75
N GLY L 40 26.72 -6.11 -18.94
CA GLY L 40 26.90 -7.50 -19.27
C GLY L 40 26.91 -7.72 -20.77
N THR L 41 26.88 -9.00 -21.16
CA THR L 41 26.89 -9.32 -22.59
C THR L 41 25.64 -10.09 -22.98
N VAL L 42 25.05 -9.69 -24.10
CA VAL L 42 23.87 -10.37 -24.59
C VAL L 42 24.30 -11.70 -25.19
N VAL L 43 23.77 -12.77 -24.64
CA VAL L 43 24.11 -14.11 -25.11
C VAL L 43 23.03 -14.69 -26.04
N ALA L 44 21.77 -14.37 -25.77
CA ALA L 44 20.68 -14.86 -26.58
C ALA L 44 19.54 -13.86 -26.51
N VAL L 45 18.77 -13.75 -27.59
CA VAL L 45 17.66 -12.82 -27.63
C VAL L 45 16.37 -13.49 -28.06
N GLY L 46 15.26 -13.04 -27.52
CA GLY L 46 13.98 -13.62 -27.87
C GLY L 46 13.57 -13.17 -29.25
N PRO L 47 12.58 -13.83 -29.85
CA PRO L 47 12.13 -13.43 -31.18
C PRO L 47 11.53 -12.03 -31.17
N GLY L 48 10.99 -11.65 -30.02
CA GLY L 48 10.36 -10.34 -29.92
C GLY L 48 8.88 -10.55 -29.67
N ARG L 49 8.21 -9.54 -29.15
CA ARG L 49 6.79 -9.62 -28.86
C ARG L 49 5.94 -9.32 -30.09
N TRP L 50 4.83 -10.06 -30.21
CA TRP L 50 3.90 -9.87 -31.32
C TRP L 50 3.30 -8.49 -31.25
N ASP L 51 2.96 -7.94 -32.42
CA ASP L 51 2.32 -6.62 -32.47
C ASP L 51 0.87 -6.76 -32.03
N GLU L 52 0.21 -5.60 -31.96
CA GLU L 52 -1.18 -5.52 -31.55
C GLU L 52 -2.04 -6.45 -32.41
N ASP L 53 -2.02 -6.19 -33.71
CA ASP L 53 -2.79 -6.97 -34.65
C ASP L 53 -2.49 -8.46 -34.43
N GLY L 54 -1.22 -8.84 -34.58
CA GLY L 54 -0.85 -10.23 -34.40
C GLY L 54 -0.28 -10.77 -35.70
N GLU L 55 0.41 -9.90 -36.43
CA GLU L 55 1.01 -10.23 -37.72
C GLU L 55 2.55 -10.28 -37.77
N LYS L 56 3.20 -9.41 -36.99
CA LYS L 56 4.66 -9.32 -36.98
C LYS L 56 5.27 -9.20 -35.58
N ARG L 57 6.52 -9.63 -35.44
CA ARG L 57 7.22 -9.52 -34.17
C ARG L 57 7.98 -8.20 -34.24
N ILE L 58 8.05 -7.49 -33.12
CA ILE L 58 8.78 -6.24 -33.11
C ILE L 58 10.21 -6.58 -32.75
N PRO L 59 11.13 -6.54 -33.74
CA PRO L 59 12.55 -6.86 -33.52
C PRO L 59 13.10 -6.10 -32.33
N LEU L 60 14.06 -6.71 -31.62
CA LEU L 60 14.62 -6.06 -30.44
C LEU L 60 15.72 -5.17 -30.94
N ASP L 61 16.26 -4.33 -30.05
CA ASP L 61 17.34 -3.46 -30.47
C ASP L 61 18.70 -3.90 -29.97
N VAL L 62 18.78 -5.14 -29.48
CA VAL L 62 20.05 -5.67 -29.01
C VAL L 62 20.31 -6.97 -29.74
N ALA L 63 21.56 -7.37 -29.78
CA ALA L 63 21.92 -8.59 -30.46
C ALA L 63 23.01 -9.28 -29.67
N GLU L 64 23.22 -10.55 -29.96
CA GLU L 64 24.26 -11.30 -29.27
C GLU L 64 25.57 -10.57 -29.47
N GLY L 65 26.38 -10.54 -28.42
CA GLY L 65 27.67 -9.87 -28.49
C GLY L 65 27.61 -8.45 -28.00
N ASP L 66 26.43 -7.83 -28.03
CA ASP L 66 26.30 -6.46 -27.57
C ASP L 66 26.58 -6.37 -26.09
N THR L 67 27.25 -5.29 -25.70
CA THR L 67 27.50 -5.08 -24.29
C THR L 67 26.37 -4.13 -23.94
N VAL L 68 25.64 -4.40 -22.86
CA VAL L 68 24.54 -3.54 -22.52
C VAL L 68 24.53 -3.15 -21.06
N ILE L 69 23.76 -2.11 -20.74
CA ILE L 69 23.62 -1.65 -19.37
C ILE L 69 22.19 -1.99 -19.10
N TYR L 70 21.92 -2.59 -17.94
CA TYR L 70 20.57 -2.99 -17.64
C TYR L 70 20.25 -3.01 -16.16
N SER L 71 18.95 -3.06 -15.85
CA SER L 71 18.46 -3.11 -14.47
C SER L 71 18.18 -4.56 -14.13
N LYS L 72 18.68 -5.03 -12.99
CA LYS L 72 18.47 -6.41 -12.57
C LYS L 72 17.06 -6.63 -12.05
N TYR L 73 16.36 -5.54 -11.76
CA TYR L 73 15.01 -5.66 -11.25
C TYR L 73 14.13 -6.44 -12.22
N GLY L 74 13.35 -7.39 -11.68
CA GLY L 74 12.48 -8.19 -12.52
C GLY L 74 13.23 -9.25 -13.30
N GLY L 75 14.56 -9.25 -13.19
CA GLY L 75 15.38 -10.23 -13.89
C GLY L 75 15.41 -11.56 -13.16
N THR L 76 15.78 -12.62 -13.88
CA THR L 76 15.86 -13.94 -13.29
C THR L 76 17.28 -14.49 -13.44
N GLU L 77 17.91 -14.76 -12.32
CA GLU L 77 19.27 -15.28 -12.30
C GLU L 77 19.33 -16.75 -12.71
N ILE L 78 20.36 -17.10 -13.47
CA ILE L 78 20.58 -18.46 -13.95
C ILE L 78 22.08 -18.72 -13.99
N LYS L 79 22.50 -19.78 -13.30
CA LYS L 79 23.90 -20.16 -13.27
C LYS L 79 24.11 -21.41 -14.12
N TYR L 80 25.29 -21.49 -14.73
CA TYR L 80 25.68 -22.60 -15.57
C TYR L 80 27.18 -22.52 -15.75
N ASN L 81 27.86 -23.59 -15.32
CA ASN L 81 29.31 -23.69 -15.36
C ASN L 81 29.85 -22.60 -14.50
N GLY L 82 29.18 -22.39 -13.37
CA GLY L 82 29.61 -21.37 -12.46
C GLY L 82 29.47 -19.97 -13.01
N GLU L 83 29.08 -19.83 -14.28
CA GLU L 83 28.88 -18.51 -14.88
C GLU L 83 27.48 -17.91 -14.58
N GLU L 84 27.45 -16.64 -14.16
CA GLU L 84 26.17 -15.97 -13.85
C GLU L 84 25.44 -15.40 -15.07
N TYR L 85 24.14 -15.66 -15.12
CA TYR L 85 23.34 -15.16 -16.23
C TYR L 85 22.06 -14.54 -15.71
N LEU L 86 21.39 -13.76 -16.56
CA LEU L 86 20.16 -13.12 -16.19
C LEU L 86 19.19 -13.07 -17.37
N ILE L 87 17.95 -13.47 -17.13
CA ILE L 87 16.94 -13.42 -18.17
C ILE L 87 16.06 -12.22 -17.84
N LEU L 88 16.02 -11.23 -18.74
CA LEU L 88 15.23 -10.05 -18.49
C LEU L 88 14.49 -9.54 -19.70
N SER L 89 13.59 -8.60 -19.49
CA SER L 89 12.83 -8.02 -20.58
C SER L 89 13.72 -7.02 -21.30
N ALA L 90 13.50 -6.86 -22.60
CA ALA L 90 14.30 -5.93 -23.39
C ALA L 90 14.06 -4.50 -22.94
N ARG L 91 12.91 -4.25 -22.32
CA ARG L 91 12.57 -2.93 -21.84
C ARG L 91 13.46 -2.57 -20.66
N ASP L 92 14.15 -3.54 -20.10
CA ASP L 92 15.01 -3.31 -18.95
C ASP L 92 16.39 -2.91 -19.38
N VAL L 93 16.69 -3.14 -20.65
CA VAL L 93 18.00 -2.78 -21.15
C VAL L 93 17.99 -1.28 -21.34
N LEU L 94 18.99 -0.63 -20.77
CA LEU L 94 19.07 0.82 -20.82
C LEU L 94 19.78 1.35 -22.05
N ALA L 95 20.98 0.84 -22.29
CA ALA L 95 21.74 1.29 -23.44
C ALA L 95 22.75 0.24 -23.85
N VAL L 96 23.23 0.34 -25.07
CA VAL L 96 24.25 -0.57 -25.57
C VAL L 96 25.56 0.19 -25.49
N VAL L 97 26.60 -0.45 -24.99
CA VAL L 97 27.92 0.17 -24.87
C VAL L 97 28.85 -0.36 -25.96
N SER L 98 29.38 0.52 -26.80
CA SER L 98 30.25 0.09 -27.88
C SER L 98 31.59 0.82 -27.91
N LYS L 99 32.60 0.20 -28.53
CA LYS L 99 33.92 0.79 -28.64
C LYS L 99 33.89 2.11 -29.42
N ALA M 1 -9.31 -44.66 -16.13
CA ALA M 1 -9.08 -43.34 -15.46
C ALA M 1 -8.03 -42.52 -16.21
N LYS M 2 -8.34 -42.15 -17.46
CA LYS M 2 -7.44 -41.37 -18.29
C LYS M 2 -7.92 -39.92 -18.49
N VAL M 3 -7.95 -39.14 -17.41
CA VAL M 3 -8.41 -37.74 -17.48
C VAL M 3 -7.39 -36.87 -18.18
N ASN M 4 -7.83 -35.95 -19.03
CA ASN M 4 -6.89 -35.08 -19.72
C ASN M 4 -7.25 -33.62 -19.56
N ILE M 5 -6.29 -32.84 -19.06
CA ILE M 5 -6.45 -31.41 -18.80
C ILE M 5 -6.25 -30.52 -20.01
N LYS M 6 -7.26 -29.70 -20.33
CA LYS M 6 -7.21 -28.80 -21.49
C LYS M 6 -7.17 -27.35 -21.04
N PRO M 7 -5.99 -26.72 -21.06
CA PRO M 7 -5.80 -25.32 -20.65
C PRO M 7 -6.60 -24.34 -21.52
N LEU M 8 -7.04 -23.24 -20.91
CA LEU M 8 -7.82 -22.24 -21.65
C LEU M 8 -6.98 -21.04 -21.97
N GLU M 9 -7.42 -20.26 -22.96
CA GLU M 9 -6.71 -19.06 -23.39
C GLU M 9 -5.24 -19.33 -23.65
N ASP M 10 -4.37 -18.54 -23.04
CA ASP M 10 -2.93 -18.69 -23.22
C ASP M 10 -2.28 -19.37 -22.02
N LYS M 11 -3.00 -20.29 -21.40
CA LYS M 11 -2.45 -20.99 -20.26
C LYS M 11 -1.88 -22.30 -20.76
N ILE M 12 -0.95 -22.87 -20.01
CA ILE M 12 -0.37 -24.14 -20.40
C ILE M 12 -0.22 -25.02 -19.18
N LEU M 13 -0.18 -26.33 -19.41
CA LEU M 13 0.00 -27.27 -18.34
C LEU M 13 1.44 -27.72 -18.40
N VAL M 14 2.16 -27.57 -17.29
CA VAL M 14 3.56 -27.93 -17.24
C VAL M 14 3.81 -28.97 -16.17
N GLN M 15 4.71 -29.91 -16.46
CA GLN M 15 5.05 -30.92 -15.50
C GLN M 15 6.33 -30.54 -14.78
N ALA M 16 6.20 -30.34 -13.48
CA ALA M 16 7.31 -29.98 -12.61
C ALA M 16 8.40 -31.03 -12.61
N ASN M 17 9.51 -30.74 -13.28
CA ASN M 17 10.62 -31.68 -13.35
C ASN M 17 11.57 -31.38 -12.18
N GLU M 18 11.29 -30.30 -11.45
CA GLU M 18 12.13 -29.92 -10.32
C GLU M 18 12.02 -30.95 -9.18
N ALA M 19 12.96 -30.89 -8.25
CA ALA M 19 12.97 -31.78 -7.11
C ALA M 19 13.38 -30.96 -5.92
N GLU M 20 12.77 -31.27 -4.78
CA GLU M 20 13.08 -30.57 -3.55
C GLU M 20 14.61 -30.72 -3.28
N THR M 21 15.11 -29.95 -2.32
CA THR M 21 16.52 -29.98 -1.99
C THR M 21 16.74 -30.30 -0.51
N THR M 22 17.45 -31.39 -0.26
CA THR M 22 17.70 -31.80 1.10
C THR M 22 18.80 -30.99 1.80
N THR M 23 18.61 -30.71 3.08
CA THR M 23 19.63 -29.98 3.84
C THR M 23 20.66 -31.00 4.28
N ALA M 24 21.67 -30.55 4.99
CA ALA M 24 22.69 -31.47 5.43
C ALA M 24 22.14 -32.37 6.52
N SER M 25 21.21 -31.86 7.30
CA SER M 25 20.66 -32.70 8.34
C SER M 25 19.75 -33.73 7.76
N GLY M 26 19.22 -33.46 6.57
CA GLY M 26 18.31 -34.42 5.94
C GLY M 26 16.92 -33.84 5.78
N LEU M 27 16.73 -32.63 6.29
CA LEU M 27 15.45 -31.93 6.23
C LEU M 27 15.34 -31.44 4.82
N VAL M 28 14.15 -31.52 4.26
CA VAL M 28 13.98 -31.03 2.91
C VAL M 28 13.03 -29.84 2.98
N ILE M 29 13.34 -28.79 2.26
CA ILE M 29 12.51 -27.61 2.26
C ILE M 29 11.82 -27.40 0.95
N PRO M 30 10.54 -27.09 1.01
CA PRO M 30 9.80 -26.86 -0.23
C PRO M 30 9.68 -25.34 -0.43
N ASP M 31 9.24 -24.89 -1.60
CA ASP M 31 9.10 -23.45 -1.87
C ASP M 31 7.64 -22.95 -1.74
N THR M 32 7.33 -22.25 -0.65
CA THR M 32 5.97 -21.74 -0.43
C THR M 32 5.70 -20.38 -1.10
N ALA M 33 6.72 -19.55 -1.17
CA ALA M 33 6.53 -18.24 -1.79
C ALA M 33 6.45 -18.35 -3.33
N LYS M 34 6.96 -19.47 -3.86
CA LYS M 34 6.98 -19.75 -5.29
C LYS M 34 7.76 -18.65 -6.04
N GLU M 35 8.69 -18.00 -5.36
CA GLU M 35 9.45 -16.92 -6.01
C GLU M 35 10.64 -17.36 -6.87
N LYS M 36 10.98 -18.65 -6.76
CA LYS M 36 12.07 -19.25 -7.53
C LYS M 36 11.52 -19.86 -8.82
N PRO M 37 12.12 -19.54 -9.96
CA PRO M 37 11.64 -20.09 -11.23
C PRO M 37 11.96 -21.56 -11.28
N GLN M 38 11.29 -22.30 -12.16
CA GLN M 38 11.51 -23.73 -12.31
C GLN M 38 11.67 -24.17 -13.73
N GLU M 39 12.02 -25.44 -13.89
CA GLU M 39 12.20 -25.99 -15.21
C GLU M 39 11.24 -27.16 -15.29
N GLY M 40 10.49 -27.25 -16.38
CA GLY M 40 9.53 -28.33 -16.51
C GLY M 40 9.25 -28.64 -17.96
N THR M 41 8.31 -29.55 -18.18
CA THR M 41 7.97 -29.94 -19.53
C THR M 41 6.55 -29.57 -19.87
N VAL M 42 6.37 -28.90 -21.01
CA VAL M 42 5.06 -28.50 -21.42
C VAL M 42 4.28 -29.75 -21.81
N VAL M 43 3.18 -29.97 -21.09
CA VAL M 43 2.35 -31.13 -21.32
C VAL M 43 1.13 -30.82 -22.18
N ALA M 44 0.57 -29.64 -22.01
CA ALA M 44 -0.60 -29.23 -22.77
C ALA M 44 -0.57 -27.73 -22.93
N VAL M 45 -1.17 -27.23 -24.00
CA VAL M 45 -1.16 -25.81 -24.24
C VAL M 45 -2.54 -25.33 -24.61
N GLY M 46 -2.83 -24.09 -24.24
CA GLY M 46 -4.13 -23.54 -24.55
C GLY M 46 -4.13 -23.06 -25.97
N PRO M 47 -5.32 -22.77 -26.52
CA PRO M 47 -5.46 -22.29 -27.90
C PRO M 47 -4.75 -20.95 -28.10
N GLY M 48 -4.76 -20.13 -27.06
CA GLY M 48 -4.14 -18.82 -27.17
C GLY M 48 -5.21 -17.78 -26.89
N ARG M 49 -4.82 -16.57 -26.54
CA ARG M 49 -5.79 -15.54 -26.25
C ARG M 49 -6.27 -14.82 -27.53
N TRP M 50 -7.58 -14.53 -27.61
CA TRP M 50 -8.15 -13.84 -28.77
C TRP M 50 -7.52 -12.48 -28.91
N ASP M 51 -7.24 -12.08 -30.16
CA ASP M 51 -6.66 -10.79 -30.40
C ASP M 51 -7.74 -9.71 -30.12
N GLU M 52 -7.40 -8.45 -30.36
CA GLU M 52 -8.33 -7.33 -30.12
C GLU M 52 -9.64 -7.54 -30.86
N ASP M 53 -9.57 -7.45 -32.18
CA ASP M 53 -10.72 -7.62 -33.04
C ASP M 53 -11.56 -8.88 -32.80
N GLY M 54 -10.91 -9.92 -32.29
CA GLY M 54 -11.68 -11.13 -32.02
C GLY M 54 -11.79 -12.21 -33.10
N GLU M 55 -10.94 -12.12 -34.12
CA GLU M 55 -10.97 -13.09 -35.21
C GLU M 55 -9.75 -13.99 -35.27
N LYS M 56 -8.76 -13.79 -34.40
CA LYS M 56 -7.58 -14.65 -34.44
C LYS M 56 -6.93 -14.94 -33.08
N ARG M 57 -6.58 -16.20 -32.87
CA ARG M 57 -5.94 -16.59 -31.63
C ARG M 57 -4.47 -16.31 -31.88
N ILE M 58 -3.81 -15.70 -30.91
CA ILE M 58 -2.39 -15.44 -31.05
C ILE M 58 -1.70 -16.72 -30.58
N PRO M 59 -1.13 -17.49 -31.53
CA PRO M 59 -0.45 -18.73 -31.17
C PRO M 59 0.57 -18.55 -30.04
N LEU M 60 0.79 -19.57 -29.22
CA LEU M 60 1.73 -19.46 -28.12
C LEU M 60 3.09 -19.78 -28.69
N ASP M 61 4.13 -19.56 -27.91
CA ASP M 61 5.48 -19.83 -28.39
C ASP M 61 6.06 -21.06 -27.75
N VAL M 62 5.19 -21.91 -27.23
CA VAL M 62 5.67 -23.15 -26.66
C VAL M 62 4.79 -24.27 -27.19
N ALA M 63 5.35 -25.47 -27.23
CA ALA M 63 4.60 -26.63 -27.69
C ALA M 63 4.82 -27.79 -26.75
N GLU M 64 3.97 -28.80 -26.87
CA GLU M 64 4.11 -29.98 -26.03
C GLU M 64 5.50 -30.58 -26.23
N GLY M 65 6.16 -30.94 -25.14
CA GLY M 65 7.48 -31.53 -25.25
C GLY M 65 8.58 -30.52 -24.98
N ASP M 66 8.28 -29.23 -25.16
CA ASP M 66 9.27 -28.20 -24.90
C ASP M 66 9.66 -28.16 -23.44
N THR M 67 10.93 -27.91 -23.20
CA THR M 67 11.41 -27.81 -21.85
C THR M 67 11.46 -26.30 -21.63
N VAL M 68 10.87 -25.83 -20.54
CA VAL M 68 10.86 -24.42 -20.32
C VAL M 68 11.30 -24.03 -18.93
N ILE M 69 11.65 -22.75 -18.80
CA ILE M 69 12.02 -22.15 -17.52
C ILE M 69 10.86 -21.18 -17.24
N TYR M 70 10.27 -21.29 -16.06
CA TYR M 70 9.11 -20.46 -15.75
C TYR M 70 9.02 -20.01 -14.29
N SER M 71 8.09 -19.11 -14.03
CA SER M 71 7.87 -18.60 -12.68
C SER M 71 6.64 -19.31 -12.15
N LYS M 72 6.72 -19.83 -10.94
CA LYS M 72 5.59 -20.52 -10.32
C LYS M 72 4.53 -19.55 -9.79
N TYR M 73 4.89 -18.28 -9.64
CA TYR M 73 3.96 -17.29 -9.10
C TYR M 73 2.78 -17.15 -9.99
N GLY M 74 1.61 -17.15 -9.38
CA GLY M 74 0.37 -17.03 -10.13
C GLY M 74 -0.04 -18.36 -10.73
N GLY M 75 0.78 -19.38 -10.54
CA GLY M 75 0.46 -20.69 -11.10
C GLY M 75 -0.48 -21.49 -10.21
N THR M 76 -0.99 -22.61 -10.72
CA THR M 76 -1.90 -23.44 -9.95
C THR M 76 -1.43 -24.88 -9.99
N GLU M 77 -1.12 -25.40 -8.80
CA GLU M 77 -0.60 -26.75 -8.64
C GLU M 77 -1.68 -27.80 -8.88
N ILE M 78 -1.32 -28.88 -9.57
CA ILE M 78 -2.25 -29.95 -9.84
C ILE M 78 -1.55 -31.31 -9.76
N LYS M 79 -2.03 -32.18 -8.89
CA LYS M 79 -1.43 -33.52 -8.72
C LYS M 79 -2.30 -34.62 -9.39
N TYR M 80 -1.66 -35.61 -9.97
CA TYR M 80 -2.37 -36.69 -10.64
C TYR M 80 -1.48 -37.94 -10.72
N ASN M 81 -1.79 -38.97 -9.94
CA ASN M 81 -0.94 -40.14 -9.95
C ASN M 81 0.42 -39.73 -9.40
N GLY M 82 0.39 -38.97 -8.31
CA GLY M 82 1.62 -38.52 -7.67
C GLY M 82 2.46 -37.51 -8.45
N GLU M 83 2.09 -37.23 -9.70
CA GLU M 83 2.88 -36.27 -10.47
C GLU M 83 2.40 -34.84 -10.25
N GLU M 84 3.36 -33.96 -9.99
CA GLU M 84 3.06 -32.55 -9.77
C GLU M 84 2.98 -31.83 -11.10
N TYR M 85 1.93 -31.03 -11.27
CA TYR M 85 1.74 -30.24 -12.48
C TYR M 85 1.45 -28.80 -12.12
N LEU M 86 1.61 -27.91 -13.09
CA LEU M 86 1.34 -26.52 -12.84
C LEU M 86 0.60 -25.93 -14.02
N ILE M 87 -0.42 -25.11 -13.74
CA ILE M 87 -1.16 -24.44 -14.79
C ILE M 87 -0.77 -23.00 -14.69
N LEU M 88 -0.17 -22.46 -15.75
CA LEU M 88 0.25 -21.07 -15.74
C LEU M 88 0.05 -20.35 -17.04
N SER M 89 0.21 -19.04 -17.01
CA SER M 89 0.03 -18.24 -18.21
C SER M 89 1.30 -18.35 -19.02
N ALA M 90 1.18 -18.30 -20.35
CA ALA M 90 2.33 -18.37 -21.23
C ALA M 90 3.25 -17.16 -20.98
N ARG M 91 2.72 -16.13 -20.35
CA ARG M 91 3.51 -14.95 -20.03
C ARG M 91 4.51 -15.23 -18.90
N ASP M 92 4.31 -16.32 -18.19
CA ASP M 92 5.19 -16.70 -17.10
C ASP M 92 6.32 -17.57 -17.60
N VAL M 93 6.25 -17.99 -18.85
CA VAL M 93 7.31 -18.80 -19.39
C VAL M 93 8.40 -17.86 -19.84
N LEU M 94 9.58 -18.03 -19.27
CA LEU M 94 10.72 -17.17 -19.60
C LEU M 94 11.48 -17.57 -20.87
N ALA M 95 11.84 -18.84 -20.97
CA ALA M 95 12.56 -19.30 -22.13
C ALA M 95 12.40 -20.78 -22.33
N VAL M 96 12.72 -21.23 -23.53
CA VAL M 96 12.64 -22.64 -23.85
C VAL M 96 14.07 -23.14 -23.87
N VAL M 97 14.31 -24.28 -23.23
CA VAL M 97 15.64 -24.87 -23.19
C VAL M 97 15.71 -26.09 -24.12
N SER M 98 16.64 -26.05 -25.07
CA SER M 98 16.79 -27.14 -26.03
C SER M 98 18.14 -27.86 -26.00
N LYS M 99 18.10 -29.16 -25.76
CA LYS M 99 19.31 -29.99 -25.74
C LYS M 99 19.97 -30.09 -27.13
N ALA N 1 -36.65 -24.12 -6.90
CA ALA N 1 -37.91 -24.15 -7.72
C ALA N 1 -37.54 -24.22 -9.21
N LYS N 2 -38.01 -23.23 -9.97
CA LYS N 2 -37.77 -23.15 -11.41
C LYS N 2 -36.95 -21.94 -11.85
N VAL N 3 -36.55 -21.10 -10.89
CA VAL N 3 -35.76 -19.90 -11.19
C VAL N 3 -34.47 -20.23 -11.90
N ASN N 4 -34.08 -19.45 -12.89
CA ASN N 4 -32.83 -19.76 -13.57
C ASN N 4 -31.93 -18.53 -13.68
N ILE N 5 -30.67 -18.71 -13.34
CA ILE N 5 -29.68 -17.64 -13.37
C ILE N 5 -28.94 -17.49 -14.71
N LYS N 6 -28.93 -16.29 -15.27
CA LYS N 6 -28.25 -16.02 -16.52
C LYS N 6 -27.09 -15.03 -16.33
N PRO N 7 -25.86 -15.55 -16.35
CA PRO N 7 -24.66 -14.74 -16.18
C PRO N 7 -24.53 -13.67 -17.28
N LEU N 8 -23.89 -12.55 -16.96
CA LEU N 8 -23.69 -11.50 -17.93
C LEU N 8 -22.26 -11.48 -18.46
N GLU N 9 -22.04 -10.75 -19.55
CA GLU N 9 -20.72 -10.65 -20.17
C GLU N 9 -20.06 -12.02 -20.25
N ASP N 10 -18.80 -12.09 -19.84
CA ASP N 10 -18.03 -13.34 -19.87
C ASP N 10 -18.02 -14.05 -18.52
N LYS N 11 -19.09 -13.94 -17.76
CA LYS N 11 -19.16 -14.61 -16.47
C LYS N 11 -19.87 -15.94 -16.66
N ILE N 12 -19.60 -16.91 -15.80
CA ILE N 12 -20.26 -18.19 -15.89
C ILE N 12 -20.68 -18.64 -14.52
N LEU N 13 -21.72 -19.46 -14.48
CA LEU N 13 -22.21 -19.99 -13.23
C LEU N 13 -21.67 -21.41 -13.12
N VAL N 14 -21.04 -21.71 -12.01
CA VAL N 14 -20.46 -23.01 -11.81
C VAL N 14 -21.02 -23.68 -10.57
N GLN N 15 -21.14 -25.00 -10.61
CA GLN N 15 -21.66 -25.74 -9.49
C GLN N 15 -20.51 -26.49 -8.86
N ALA N 16 -20.40 -26.37 -7.55
CA ALA N 16 -19.34 -27.01 -6.84
C ALA N 16 -19.88 -28.07 -5.90
N ASN N 17 -19.43 -29.30 -6.05
CA ASN N 17 -19.86 -30.36 -5.16
C ASN N 17 -18.64 -31.08 -4.56
N GLU N 18 -17.60 -30.32 -4.23
CA GLU N 18 -16.36 -30.85 -3.63
C GLU N 18 -16.38 -30.70 -2.11
N ALA N 19 -15.53 -31.46 -1.40
CA ALA N 19 -15.58 -31.38 0.06
C ALA N 19 -14.97 -30.18 0.73
N GLU N 20 -15.68 -29.71 1.75
CA GLU N 20 -15.22 -28.63 2.59
C GLU N 20 -14.13 -29.48 3.28
N THR N 21 -12.93 -28.96 3.43
CA THR N 21 -11.90 -29.78 4.05
C THR N 21 -12.07 -30.06 5.52
N THR N 22 -11.68 -31.26 5.95
CA THR N 22 -11.80 -31.67 7.36
C THR N 22 -10.45 -31.86 8.09
N THR N 23 -10.50 -32.39 9.32
CA THR N 23 -9.31 -32.67 10.11
C THR N 23 -9.49 -34.07 10.67
N ALA N 24 -8.49 -34.55 11.39
CA ALA N 24 -8.57 -35.87 11.98
C ALA N 24 -9.47 -35.84 13.21
N SER N 25 -9.89 -34.65 13.63
CA SER N 25 -10.75 -34.52 14.80
C SER N 25 -12.19 -34.35 14.38
N GLY N 26 -12.39 -34.14 13.09
CA GLY N 26 -13.75 -34.02 12.58
C GLY N 26 -14.09 -32.64 12.12
N LEU N 27 -13.41 -31.69 12.73
CA LEU N 27 -13.65 -30.29 12.43
C LEU N 27 -13.56 -29.96 10.96
N VAL N 28 -14.49 -29.15 10.49
CA VAL N 28 -14.50 -28.77 9.09
C VAL N 28 -14.13 -27.30 8.96
N ILE N 29 -13.03 -27.06 8.26
CA ILE N 29 -12.56 -25.71 8.06
C ILE N 29 -12.86 -25.22 6.63
N PRO N 30 -13.82 -24.29 6.50
CA PRO N 30 -14.19 -23.74 5.18
C PRO N 30 -13.17 -22.73 4.70
N ASP N 31 -12.93 -22.69 3.39
CA ASP N 31 -11.97 -21.76 2.84
C ASP N 31 -12.62 -20.42 2.57
N THR N 32 -12.85 -19.65 3.64
CA THR N 32 -13.48 -18.36 3.47
C THR N 32 -12.70 -17.45 2.54
N ALA N 33 -11.39 -17.62 2.52
CA ALA N 33 -10.58 -16.79 1.68
C ALA N 33 -10.81 -17.12 0.20
N LYS N 34 -11.31 -18.31 -0.12
CA LYS N 34 -11.50 -18.71 -1.53
C LYS N 34 -10.18 -18.65 -2.30
N GLU N 35 -9.12 -19.25 -1.74
CA GLU N 35 -7.80 -19.23 -2.38
C GLU N 35 -7.48 -20.45 -3.22
N LYS N 36 -7.66 -21.63 -2.63
CA LYS N 36 -7.40 -22.89 -3.31
C LYS N 36 -8.34 -23.05 -4.51
N PRO N 37 -7.83 -23.50 -5.68
CA PRO N 37 -8.71 -23.67 -6.84
C PRO N 37 -9.62 -24.88 -6.65
N GLN N 38 -10.65 -25.00 -7.48
CA GLN N 38 -11.58 -26.11 -7.33
C GLN N 38 -12.02 -26.64 -8.67
N GLU N 39 -12.72 -27.75 -8.62
CA GLU N 39 -13.24 -28.38 -9.82
C GLU N 39 -14.76 -28.30 -9.74
N GLY N 40 -15.40 -27.99 -10.84
CA GLY N 40 -16.84 -27.88 -10.82
C GLY N 40 -17.45 -28.09 -12.18
N THR N 41 -18.75 -27.84 -12.31
CA THR N 41 -19.41 -28.03 -13.58
C THR N 41 -20.04 -26.73 -14.03
N VAL N 42 -19.84 -26.38 -15.28
CA VAL N 42 -20.40 -25.17 -15.81
C VAL N 42 -21.88 -25.40 -15.99
N VAL N 43 -22.68 -24.59 -15.30
CA VAL N 43 -24.12 -24.70 -15.35
C VAL N 43 -24.76 -23.72 -16.31
N ALA N 44 -24.17 -22.55 -16.42
CA ALA N 44 -24.67 -21.50 -17.32
C ALA N 44 -23.51 -20.62 -17.75
N VAL N 45 -23.60 -20.05 -18.92
CA VAL N 45 -22.54 -19.19 -19.40
C VAL N 45 -23.09 -17.87 -19.90
N GLY N 46 -22.24 -16.85 -19.89
CA GLY N 46 -22.66 -15.55 -20.36
C GLY N 46 -22.50 -15.47 -21.86
N PRO N 47 -23.05 -14.42 -22.45
CA PRO N 47 -22.96 -14.23 -23.91
C PRO N 47 -21.51 -14.07 -24.36
N GLY N 48 -20.69 -13.45 -23.50
CA GLY N 48 -19.30 -13.22 -23.83
C GLY N 48 -19.06 -11.73 -23.81
N ARG N 49 -17.80 -11.31 -23.75
CA ARG N 49 -17.49 -9.88 -23.73
C ARG N 49 -17.57 -9.23 -25.12
N TRP N 50 -18.12 -8.01 -25.16
CA TRP N 50 -18.22 -7.29 -26.42
C TRP N 50 -16.81 -7.03 -26.95
N ASP N 51 -16.63 -7.29 -28.23
CA ASP N 51 -15.34 -7.08 -28.86
C ASP N 51 -15.16 -5.55 -29.02
N GLU N 52 -13.95 -5.12 -29.40
CA GLU N 52 -13.62 -3.71 -29.57
C GLU N 52 -14.58 -2.93 -30.48
N ASP N 53 -14.99 -3.60 -31.56
CA ASP N 53 -15.87 -3.00 -32.55
C ASP N 53 -17.29 -2.91 -31.98
N GLY N 54 -17.49 -3.52 -30.82
CA GLY N 54 -18.79 -3.49 -30.18
C GLY N 54 -19.85 -4.08 -31.07
N GLU N 55 -19.42 -4.93 -32.01
CA GLU N 55 -20.37 -5.56 -32.92
C GLU N 55 -20.36 -7.07 -32.77
N LYS N 56 -19.41 -7.60 -32.00
CA LYS N 56 -19.33 -9.05 -31.77
C LYS N 56 -18.94 -9.46 -30.33
N ARG N 57 -19.58 -10.52 -29.83
CA ARG N 57 -19.28 -11.06 -28.52
C ARG N 57 -18.28 -12.15 -28.77
N ILE N 58 -17.16 -12.08 -28.05
CA ILE N 58 -16.12 -13.09 -28.17
C ILE N 58 -16.62 -14.30 -27.40
N PRO N 59 -17.00 -15.38 -28.11
CA PRO N 59 -17.50 -16.61 -27.47
C PRO N 59 -16.56 -17.10 -26.38
N LEU N 60 -17.10 -17.81 -25.38
CA LEU N 60 -16.29 -18.30 -24.29
C LEU N 60 -15.78 -19.66 -24.72
N ASP N 61 -14.83 -20.21 -23.97
CA ASP N 61 -14.29 -21.51 -24.32
C ASP N 61 -14.80 -22.59 -23.41
N VAL N 62 -15.90 -22.32 -22.72
CA VAL N 62 -16.49 -23.33 -21.86
C VAL N 62 -17.98 -23.37 -22.16
N ALA N 63 -18.57 -24.55 -22.02
CA ALA N 63 -19.99 -24.73 -22.28
C ALA N 63 -20.59 -25.48 -21.11
N GLU N 64 -21.92 -25.46 -21.01
CA GLU N 64 -22.59 -26.14 -19.92
C GLU N 64 -22.22 -27.59 -20.00
N GLY N 65 -22.04 -28.21 -18.85
CA GLY N 65 -21.68 -29.62 -18.82
C GLY N 65 -20.19 -29.84 -18.68
N ASP N 66 -19.40 -28.86 -19.07
CA ASP N 66 -17.95 -28.97 -18.95
C ASP N 66 -17.51 -29.03 -17.49
N THR N 67 -16.51 -29.86 -17.22
CA THR N 67 -15.95 -29.96 -15.89
C THR N 67 -14.75 -29.04 -15.99
N VAL N 68 -14.66 -28.05 -15.11
CA VAL N 68 -13.57 -27.10 -15.18
C VAL N 68 -12.82 -26.94 -13.88
N ILE N 69 -11.59 -26.42 -13.99
CA ILE N 69 -10.76 -26.15 -12.84
C ILE N 69 -10.72 -24.64 -12.82
N TYR N 70 -11.00 -24.05 -11.66
CA TYR N 70 -11.05 -22.61 -11.56
C TYR N 70 -10.58 -22.06 -10.22
N SER N 71 -10.44 -20.74 -10.16
CA SER N 71 -10.03 -20.05 -8.95
C SER N 71 -11.27 -19.43 -8.36
N LYS N 72 -11.47 -19.60 -7.06
CA LYS N 72 -12.65 -19.02 -6.39
C LYS N 72 -12.49 -17.53 -6.13
N TYR N 73 -11.25 -17.05 -6.20
CA TYR N 73 -11.01 -15.64 -5.93
C TYR N 73 -11.85 -14.79 -6.86
N GLY N 74 -12.51 -13.79 -6.31
CA GLY N 74 -13.34 -12.92 -7.12
C GLY N 74 -14.72 -13.50 -7.40
N GLY N 75 -14.86 -14.81 -7.24
CA GLY N 75 -16.13 -15.45 -7.49
C GLY N 75 -17.18 -15.05 -6.48
N THR N 76 -18.44 -15.32 -6.79
CA THR N 76 -19.51 -14.98 -5.88
C THR N 76 -20.37 -16.21 -5.62
N GLU N 77 -20.45 -16.56 -4.34
CA GLU N 77 -21.18 -17.74 -3.93
C GLU N 77 -22.70 -17.59 -3.98
N ILE N 78 -23.38 -18.63 -4.45
CA ILE N 78 -24.83 -18.59 -4.55
C ILE N 78 -25.40 -19.95 -4.21
N LYS N 79 -26.26 -19.97 -3.19
CA LYS N 79 -26.89 -21.22 -2.84
C LYS N 79 -28.33 -21.26 -3.40
N TYR N 80 -28.77 -22.46 -3.80
CA TYR N 80 -30.12 -22.67 -4.27
C TYR N 80 -30.48 -24.11 -3.96
N ASN N 81 -31.58 -24.29 -3.23
CA ASN N 81 -32.04 -25.61 -2.82
C ASN N 81 -30.93 -26.48 -2.27
N GLY N 82 -30.07 -25.88 -1.45
CA GLY N 82 -28.97 -26.58 -0.82
C GLY N 82 -27.83 -26.95 -1.73
N GLU N 83 -27.82 -26.40 -2.94
CA GLU N 83 -26.75 -26.66 -3.89
C GLU N 83 -25.91 -25.40 -3.99
N GLU N 84 -24.60 -25.50 -3.73
CA GLU N 84 -23.70 -24.36 -3.78
C GLU N 84 -23.26 -23.98 -5.22
N TYR N 85 -23.30 -22.70 -5.56
CA TYR N 85 -22.87 -22.29 -6.89
C TYR N 85 -21.91 -21.12 -6.78
N LEU N 86 -21.21 -20.86 -7.88
CA LEU N 86 -20.26 -19.75 -7.91
C LEU N 86 -20.34 -19.00 -9.23
N ILE N 87 -20.39 -17.68 -9.16
CA ILE N 87 -20.42 -16.87 -10.36
C ILE N 87 -19.02 -16.31 -10.51
N LEU N 88 -18.35 -16.59 -11.61
CA LEU N 88 -17.01 -16.11 -11.82
C LEU N 88 -16.71 -15.75 -13.26
N SER N 89 -15.66 -14.98 -13.45
CA SER N 89 -15.26 -14.53 -14.78
C SER N 89 -14.64 -15.69 -15.49
N ALA N 90 -14.91 -15.80 -16.79
CA ALA N 90 -14.38 -16.89 -17.56
C ALA N 90 -12.85 -16.84 -17.56
N ARG N 91 -12.29 -15.71 -17.14
CA ARG N 91 -10.85 -15.60 -17.08
C ARG N 91 -10.30 -16.39 -15.92
N ASP N 92 -11.15 -16.71 -14.93
CA ASP N 92 -10.71 -17.46 -13.76
C ASP N 92 -10.69 -18.93 -14.03
N VAL N 93 -11.36 -19.35 -15.09
CA VAL N 93 -11.38 -20.75 -15.45
C VAL N 93 -9.99 -21.08 -15.96
N LEU N 94 -9.38 -22.10 -15.36
CA LEU N 94 -8.04 -22.49 -15.72
C LEU N 94 -7.99 -23.47 -16.87
N ALA N 95 -8.73 -24.56 -16.75
CA ALA N 95 -8.75 -25.57 -17.79
C ALA N 95 -10.04 -26.34 -17.79
N VAL N 96 -10.25 -27.13 -18.83
CA VAL N 96 -11.42 -27.98 -18.94
C VAL N 96 -10.94 -29.40 -18.72
N VAL N 97 -11.61 -30.13 -17.83
CA VAL N 97 -11.23 -31.51 -17.56
C VAL N 97 -12.18 -32.47 -18.28
N SER N 98 -11.64 -33.33 -19.14
CA SER N 98 -12.48 -34.28 -19.87
C SER N 98 -12.00 -35.72 -19.74
N LYS N 99 -12.96 -36.62 -19.52
CA LYS N 99 -12.70 -38.05 -19.35
C LYS N 99 -12.33 -38.66 -20.70
#